data_3MYI
# 
_entry.id   3MYI 
# 
_audit_conform.dict_name       mmcif_pdbx.dic 
_audit_conform.dict_version    5.387 
_audit_conform.dict_location   http://mmcif.pdb.org/dictionaries/ascii/mmcif_pdbx.dic 
# 
loop_
_database_2.database_id 
_database_2.database_code 
_database_2.pdbx_database_accession 
_database_2.pdbx_DOI 
PDB   3MYI         pdb_00003myi 10.2210/pdb3myi/pdb 
RCSB  RCSB059153   ?            ?                   
WWPDB D_1000059153 ?            ?                   
# 
loop_
_pdbx_audit_revision_history.ordinal 
_pdbx_audit_revision_history.data_content_type 
_pdbx_audit_revision_history.major_revision 
_pdbx_audit_revision_history.minor_revision 
_pdbx_audit_revision_history.revision_date 
1 'Structure model' 1 0 2010-05-26 
2 'Structure model' 1 1 2011-07-13 
3 'Structure model' 1 2 2024-02-21 
# 
_pdbx_audit_revision_details.ordinal             1 
_pdbx_audit_revision_details.revision_ordinal    1 
_pdbx_audit_revision_details.data_content_type   'Structure model' 
_pdbx_audit_revision_details.provider            repository 
_pdbx_audit_revision_details.type                'Initial release' 
_pdbx_audit_revision_details.description         ? 
_pdbx_audit_revision_details.details             ? 
# 
loop_
_pdbx_audit_revision_group.ordinal 
_pdbx_audit_revision_group.revision_ordinal 
_pdbx_audit_revision_group.data_content_type 
_pdbx_audit_revision_group.group 
1 2 'Structure model' 'Version format compliance' 
2 3 'Structure model' 'Data collection'           
3 3 'Structure model' 'Database references'       
# 
loop_
_pdbx_audit_revision_category.ordinal 
_pdbx_audit_revision_category.revision_ordinal 
_pdbx_audit_revision_category.data_content_type 
_pdbx_audit_revision_category.category 
1 3 'Structure model' chem_comp_atom 
2 3 'Structure model' chem_comp_bond 
3 3 'Structure model' database_2     
# 
loop_
_pdbx_audit_revision_item.ordinal 
_pdbx_audit_revision_item.revision_ordinal 
_pdbx_audit_revision_item.data_content_type 
_pdbx_audit_revision_item.item 
1 3 'Structure model' '_database_2.pdbx_DOI'                
2 3 'Structure model' '_database_2.pdbx_database_accession' 
# 
_pdbx_database_status.status_code                     REL 
_pdbx_database_status.entry_id                        3MYI 
_pdbx_database_status.recvd_initial_deposition_date   2010-05-10 
_pdbx_database_status.deposit_site                    RCSB 
_pdbx_database_status.process_site                    RCSB 
_pdbx_database_status.status_code_sf                  REL 
_pdbx_database_status.status_code_mr                  ? 
_pdbx_database_status.SG_entry                        ? 
_pdbx_database_status.pdb_format_compatible           Y 
_pdbx_database_status.status_code_cs                  ? 
_pdbx_database_status.status_code_nmr_data            ? 
_pdbx_database_status.methods_development_category    ? 
# 
loop_
_pdbx_database_related.db_name 
_pdbx_database_related.db_id 
_pdbx_database_related.details 
_pdbx_database_related.content_type 
PDB 1rke . unspecified 
PDB 1rkc . unspecified 
PDB 1syq . unspecified 
PDB 1ydi . unspecified 
PDB 1tr2 . unspecified 
PDB 2gww . unspecified 
# 
loop_
_audit_author.name 
_audit_author.pdbx_ordinal 
'Izard, T.'        1 
'Rangarajan, E.S.' 2 
# 
_citation.id                        primary 
_citation.title                     'A helix replacement mechanism directs metavinculin functions.' 
_citation.journal_abbrev            'Plos One' 
_citation.journal_volume            5 
_citation.page_first                e10679 
_citation.page_last                 e10679 
_citation.year                      2010 
_citation.journal_id_ASTM           ? 
_citation.country                   US 
_citation.journal_id_ISSN           1932-6203 
_citation.journal_id_CSD            ? 
_citation.book_publisher            ? 
_citation.pdbx_database_id_PubMed   20502710 
_citation.pdbx_database_id_DOI      10.1371/journal.pone.0010679 
# 
loop_
_citation_author.citation_id 
_citation_author.name 
_citation_author.ordinal 
_citation_author.identifier_ORCID 
primary 'Rangarajan, E.S.' 1 ? 
primary 'Lee, J.H.'        2 ? 
primary 'Yogesha, S.D.'    3 ? 
primary 'Izard, T.'        4 ? 
# 
loop_
_entity.id 
_entity.type 
_entity.src_method 
_entity.pdbx_description 
_entity.formula_weight 
_entity.pdbx_number_of_molecules 
_entity.pdbx_ec 
_entity.pdbx_mutation 
_entity.pdbx_fragment 
_entity.details 
1 polymer man Vinculin 19045.068 1  ? ? 'UNP residues 959-1134' ? 
2 water   nat water    18.015    93 ? ? ?                       ? 
# 
_entity_name_com.entity_id   1 
_entity_name_com.name        Metavinculin 
# 
_entity_poly.entity_id                      1 
_entity_poly.type                           'polypeptide(L)' 
_entity_poly.nstd_linkage                   no 
_entity_poly.nstd_monomer                   no 
_entity_poly.pdbx_seq_one_letter_code       
;NQPVNQPILAAAQSLHREATKWSSKGNDIIAAAKRMALLMAEMSRLVRGGSGTKRALIQCAKDIAKASDEVTRLAKEVAK
QCTDKRIRTNLLQVCERIPTISTQLKILSTVKATMLGRTNISDEESEQATEMLVHNAQNLMQSVKETVREAEAASIKIRT
DAGFTLRWVRKT
;
_entity_poly.pdbx_seq_one_letter_code_can   
;NQPVNQPILAAAQSLHREATKWSSKGNDIIAAAKRMALLMAEMSRLVRGGSGTKRALIQCAKDIAKASDEVTRLAKEVAK
QCTDKRIRTNLLQVCERIPTISTQLKILSTVKATMLGRTNISDEESEQATEMLVHNAQNLMQSVKETVREAEAASIKIRT
DAGFTLRWVRKT
;
_entity_poly.pdbx_strand_id                 A 
_entity_poly.pdbx_target_identifier         ? 
# 
_pdbx_entity_nonpoly.entity_id   2 
_pdbx_entity_nonpoly.name        water 
_pdbx_entity_nonpoly.comp_id     HOH 
# 
loop_
_entity_poly_seq.entity_id 
_entity_poly_seq.num 
_entity_poly_seq.mon_id 
_entity_poly_seq.hetero 
1 1   ASN n 
1 2   GLN n 
1 3   PRO n 
1 4   VAL n 
1 5   ASN n 
1 6   GLN n 
1 7   PRO n 
1 8   ILE n 
1 9   LEU n 
1 10  ALA n 
1 11  ALA n 
1 12  ALA n 
1 13  GLN n 
1 14  SER n 
1 15  LEU n 
1 16  HIS n 
1 17  ARG n 
1 18  GLU n 
1 19  ALA n 
1 20  THR n 
1 21  LYS n 
1 22  TRP n 
1 23  SER n 
1 24  SER n 
1 25  LYS n 
1 26  GLY n 
1 27  ASN n 
1 28  ASP n 
1 29  ILE n 
1 30  ILE n 
1 31  ALA n 
1 32  ALA n 
1 33  ALA n 
1 34  LYS n 
1 35  ARG n 
1 36  MET n 
1 37  ALA n 
1 38  LEU n 
1 39  LEU n 
1 40  MET n 
1 41  ALA n 
1 42  GLU n 
1 43  MET n 
1 44  SER n 
1 45  ARG n 
1 46  LEU n 
1 47  VAL n 
1 48  ARG n 
1 49  GLY n 
1 50  GLY n 
1 51  SER n 
1 52  GLY n 
1 53  THR n 
1 54  LYS n 
1 55  ARG n 
1 56  ALA n 
1 57  LEU n 
1 58  ILE n 
1 59  GLN n 
1 60  CYS n 
1 61  ALA n 
1 62  LYS n 
1 63  ASP n 
1 64  ILE n 
1 65  ALA n 
1 66  LYS n 
1 67  ALA n 
1 68  SER n 
1 69  ASP n 
1 70  GLU n 
1 71  VAL n 
1 72  THR n 
1 73  ARG n 
1 74  LEU n 
1 75  ALA n 
1 76  LYS n 
1 77  GLU n 
1 78  VAL n 
1 79  ALA n 
1 80  LYS n 
1 81  GLN n 
1 82  CYS n 
1 83  THR n 
1 84  ASP n 
1 85  LYS n 
1 86  ARG n 
1 87  ILE n 
1 88  ARG n 
1 89  THR n 
1 90  ASN n 
1 91  LEU n 
1 92  LEU n 
1 93  GLN n 
1 94  VAL n 
1 95  CYS n 
1 96  GLU n 
1 97  ARG n 
1 98  ILE n 
1 99  PRO n 
1 100 THR n 
1 101 ILE n 
1 102 SER n 
1 103 THR n 
1 104 GLN n 
1 105 LEU n 
1 106 LYS n 
1 107 ILE n 
1 108 LEU n 
1 109 SER n 
1 110 THR n 
1 111 VAL n 
1 112 LYS n 
1 113 ALA n 
1 114 THR n 
1 115 MET n 
1 116 LEU n 
1 117 GLY n 
1 118 ARG n 
1 119 THR n 
1 120 ASN n 
1 121 ILE n 
1 122 SER n 
1 123 ASP n 
1 124 GLU n 
1 125 GLU n 
1 126 SER n 
1 127 GLU n 
1 128 GLN n 
1 129 ALA n 
1 130 THR n 
1 131 GLU n 
1 132 MET n 
1 133 LEU n 
1 134 VAL n 
1 135 HIS n 
1 136 ASN n 
1 137 ALA n 
1 138 GLN n 
1 139 ASN n 
1 140 LEU n 
1 141 MET n 
1 142 GLN n 
1 143 SER n 
1 144 VAL n 
1 145 LYS n 
1 146 GLU n 
1 147 THR n 
1 148 VAL n 
1 149 ARG n 
1 150 GLU n 
1 151 ALA n 
1 152 GLU n 
1 153 ALA n 
1 154 ALA n 
1 155 SER n 
1 156 ILE n 
1 157 LYS n 
1 158 ILE n 
1 159 ARG n 
1 160 THR n 
1 161 ASP n 
1 162 ALA n 
1 163 GLY n 
1 164 PHE n 
1 165 THR n 
1 166 LEU n 
1 167 ARG n 
1 168 TRP n 
1 169 VAL n 
1 170 ARG n 
1 171 LYS n 
1 172 THR n 
# 
_entity_src_gen.entity_id                          1 
_entity_src_gen.pdbx_src_id                        1 
_entity_src_gen.pdbx_alt_source_flag               sample 
_entity_src_gen.pdbx_seq_type                      ? 
_entity_src_gen.pdbx_beg_seq_num                   ? 
_entity_src_gen.pdbx_end_seq_num                   ? 
_entity_src_gen.gene_src_common_name               human 
_entity_src_gen.gene_src_genus                     ? 
_entity_src_gen.pdbx_gene_src_gene                 VCL 
_entity_src_gen.gene_src_species                   ? 
_entity_src_gen.gene_src_strain                    ? 
_entity_src_gen.gene_src_tissue                    ? 
_entity_src_gen.gene_src_tissue_fraction           ? 
_entity_src_gen.gene_src_details                   ? 
_entity_src_gen.pdbx_gene_src_fragment             ? 
_entity_src_gen.pdbx_gene_src_scientific_name      'Homo sapiens' 
_entity_src_gen.pdbx_gene_src_ncbi_taxonomy_id     9606 
_entity_src_gen.pdbx_gene_src_variant              ? 
_entity_src_gen.pdbx_gene_src_cell_line            ? 
_entity_src_gen.pdbx_gene_src_atcc                 ? 
_entity_src_gen.pdbx_gene_src_organ                ? 
_entity_src_gen.pdbx_gene_src_organelle            ? 
_entity_src_gen.pdbx_gene_src_cell                 ? 
_entity_src_gen.pdbx_gene_src_cellular_location    ? 
_entity_src_gen.host_org_common_name               ? 
_entity_src_gen.pdbx_host_org_scientific_name      'Escherichia coli' 
_entity_src_gen.pdbx_host_org_ncbi_taxonomy_id     562 
_entity_src_gen.host_org_genus                     ? 
_entity_src_gen.pdbx_host_org_gene                 ? 
_entity_src_gen.pdbx_host_org_organ                ? 
_entity_src_gen.host_org_species                   ? 
_entity_src_gen.pdbx_host_org_tissue               ? 
_entity_src_gen.pdbx_host_org_tissue_fraction      ? 
_entity_src_gen.pdbx_host_org_strain               ? 
_entity_src_gen.pdbx_host_org_variant              ? 
_entity_src_gen.pdbx_host_org_cell_line            ? 
_entity_src_gen.pdbx_host_org_atcc                 ? 
_entity_src_gen.pdbx_host_org_culture_collection   ? 
_entity_src_gen.pdbx_host_org_cell                 ? 
_entity_src_gen.pdbx_host_org_organelle            ? 
_entity_src_gen.pdbx_host_org_cellular_location    ? 
_entity_src_gen.pdbx_host_org_vector_type          ? 
_entity_src_gen.pdbx_host_org_vector               ? 
_entity_src_gen.host_org_details                   ? 
_entity_src_gen.expression_system_id               ? 
_entity_src_gen.plasmid_name                       ? 
_entity_src_gen.plasmid_details                    ? 
_entity_src_gen.pdbx_description                   ? 
# 
loop_
_chem_comp.id 
_chem_comp.type 
_chem_comp.mon_nstd_flag 
_chem_comp.name 
_chem_comp.pdbx_synonyms 
_chem_comp.formula 
_chem_comp.formula_weight 
ALA 'L-peptide linking' y ALANINE         ? 'C3 H7 N O2'     89.093  
ARG 'L-peptide linking' y ARGININE        ? 'C6 H15 N4 O2 1' 175.209 
ASN 'L-peptide linking' y ASPARAGINE      ? 'C4 H8 N2 O3'    132.118 
ASP 'L-peptide linking' y 'ASPARTIC ACID' ? 'C4 H7 N O4'     133.103 
CYS 'L-peptide linking' y CYSTEINE        ? 'C3 H7 N O2 S'   121.158 
GLN 'L-peptide linking' y GLUTAMINE       ? 'C5 H10 N2 O3'   146.144 
GLU 'L-peptide linking' y 'GLUTAMIC ACID' ? 'C5 H9 N O4'     147.129 
GLY 'peptide linking'   y GLYCINE         ? 'C2 H5 N O2'     75.067  
HIS 'L-peptide linking' y HISTIDINE       ? 'C6 H10 N3 O2 1' 156.162 
HOH non-polymer         . WATER           ? 'H2 O'           18.015  
ILE 'L-peptide linking' y ISOLEUCINE      ? 'C6 H13 N O2'    131.173 
LEU 'L-peptide linking' y LEUCINE         ? 'C6 H13 N O2'    131.173 
LYS 'L-peptide linking' y LYSINE          ? 'C6 H15 N2 O2 1' 147.195 
MET 'L-peptide linking' y METHIONINE      ? 'C5 H11 N O2 S'  149.211 
PHE 'L-peptide linking' y PHENYLALANINE   ? 'C9 H11 N O2'    165.189 
PRO 'L-peptide linking' y PROLINE         ? 'C5 H9 N O2'     115.130 
SER 'L-peptide linking' y SERINE          ? 'C3 H7 N O3'     105.093 
THR 'L-peptide linking' y THREONINE       ? 'C4 H9 N O3'     119.119 
TRP 'L-peptide linking' y TRYPTOPHAN      ? 'C11 H12 N2 O2'  204.225 
VAL 'L-peptide linking' y VALINE          ? 'C5 H11 N O2'    117.146 
# 
loop_
_pdbx_poly_seq_scheme.asym_id 
_pdbx_poly_seq_scheme.entity_id 
_pdbx_poly_seq_scheme.seq_id 
_pdbx_poly_seq_scheme.mon_id 
_pdbx_poly_seq_scheme.ndb_seq_num 
_pdbx_poly_seq_scheme.pdb_seq_num 
_pdbx_poly_seq_scheme.auth_seq_num 
_pdbx_poly_seq_scheme.pdb_mon_id 
_pdbx_poly_seq_scheme.auth_mon_id 
_pdbx_poly_seq_scheme.pdb_strand_id 
_pdbx_poly_seq_scheme.pdb_ins_code 
_pdbx_poly_seq_scheme.hetero 
A 1 1   ASN 1   959  ?    ?   ?   A . n 
A 1 2   GLN 2   960  ?    ?   ?   A . n 
A 1 3   PRO 3   961  961  PRO PRO A . n 
A 1 4   VAL 4   962  962  VAL VAL A . n 
A 1 5   ASN 5   963  963  ASN ASN A . n 
A 1 6   GLN 6   964  964  GLN GLN A . n 
A 1 7   PRO 7   965  965  PRO PRO A . n 
A 1 8   ILE 8   966  966  ILE ILE A . n 
A 1 9   LEU 9   967  967  LEU LEU A . n 
A 1 10  ALA 10  968  968  ALA ALA A . n 
A 1 11  ALA 11  969  969  ALA ALA A . n 
A 1 12  ALA 12  970  970  ALA ALA A . n 
A 1 13  GLN 13  971  971  GLN GLN A . n 
A 1 14  SER 14  972  972  SER SER A . n 
A 1 15  LEU 15  973  973  LEU LEU A . n 
A 1 16  HIS 16  974  974  HIS HIS A . n 
A 1 17  ARG 17  975  975  ARG ARG A . n 
A 1 18  GLU 18  976  976  GLU GLU A . n 
A 1 19  ALA 19  977  977  ALA ALA A . n 
A 1 20  THR 20  978  978  THR THR A . n 
A 1 21  LYS 21  979  979  LYS LYS A . n 
A 1 22  TRP 22  980  980  TRP TRP A . n 
A 1 23  SER 23  981  981  SER SER A . n 
A 1 24  SER 24  982  982  SER SER A . n 
A 1 25  LYS 25  983  983  LYS LYS A . n 
A 1 26  GLY 26  984  984  GLY GLY A . n 
A 1 27  ASN 27  985  985  ASN ASN A . n 
A 1 28  ASP 28  986  986  ASP ASP A . n 
A 1 29  ILE 29  987  987  ILE ILE A . n 
A 1 30  ILE 30  988  988  ILE ILE A . n 
A 1 31  ALA 31  989  989  ALA ALA A . n 
A 1 32  ALA 32  990  990  ALA ALA A . n 
A 1 33  ALA 33  991  991  ALA ALA A . n 
A 1 34  LYS 34  992  992  LYS LYS A . n 
A 1 35  ARG 35  993  993  ARG ARG A . n 
A 1 36  MET 36  994  994  MET MET A . n 
A 1 37  ALA 37  995  995  ALA ALA A . n 
A 1 38  LEU 38  996  996  LEU LEU A . n 
A 1 39  LEU 39  997  997  LEU LEU A . n 
A 1 40  MET 40  998  998  MET MET A . n 
A 1 41  ALA 41  999  999  ALA ALA A . n 
A 1 42  GLU 42  1000 1000 GLU GLU A . n 
A 1 43  MET 43  1001 1001 MET MET A . n 
A 1 44  SER 44  1002 1002 SER SER A . n 
A 1 45  ARG 45  1003 1003 ARG ARG A . n 
A 1 46  LEU 46  1004 1004 LEU LEU A . n 
A 1 47  VAL 47  1005 1005 VAL VAL A . n 
A 1 48  ARG 48  1006 1006 ARG ARG A . n 
A 1 49  GLY 49  1007 1007 GLY GLY A . n 
A 1 50  GLY 50  1008 1008 GLY GLY A . n 
A 1 51  SER 51  1009 1009 SER SER A . n 
A 1 52  GLY 52  1010 1010 GLY GLY A . n 
A 1 53  THR 53  1011 1011 THR THR A . n 
A 1 54  LYS 54  1012 1012 LYS LYS A . n 
A 1 55  ARG 55  1013 1013 ARG ARG A . n 
A 1 56  ALA 56  1014 1014 ALA ALA A . n 
A 1 57  LEU 57  1015 1015 LEU LEU A . n 
A 1 58  ILE 58  1016 1016 ILE ILE A . n 
A 1 59  GLN 59  1017 1017 GLN GLN A . n 
A 1 60  CYS 60  1018 1018 CYS CYS A . n 
A 1 61  ALA 61  1019 1019 ALA ALA A . n 
A 1 62  LYS 62  1020 1020 LYS LYS A . n 
A 1 63  ASP 63  1021 1021 ASP ASP A . n 
A 1 64  ILE 64  1022 1022 ILE ILE A . n 
A 1 65  ALA 65  1023 1023 ALA ALA A . n 
A 1 66  LYS 66  1024 1024 LYS LYS A . n 
A 1 67  ALA 67  1025 1025 ALA ALA A . n 
A 1 68  SER 68  1026 1026 SER SER A . n 
A 1 69  ASP 69  1027 1027 ASP ASP A . n 
A 1 70  GLU 70  1028 1028 GLU GLU A . n 
A 1 71  VAL 71  1029 1029 VAL VAL A . n 
A 1 72  THR 72  1030 1030 THR THR A . n 
A 1 73  ARG 73  1031 1031 ARG ARG A . n 
A 1 74  LEU 74  1032 1032 LEU LEU A . n 
A 1 75  ALA 75  1033 1033 ALA ALA A . n 
A 1 76  LYS 76  1034 1034 LYS LYS A . n 
A 1 77  GLU 77  1035 1035 GLU GLU A . n 
A 1 78  VAL 78  1036 1036 VAL VAL A . n 
A 1 79  ALA 79  1037 1037 ALA ALA A . n 
A 1 80  LYS 80  1038 1038 LYS LYS A . n 
A 1 81  GLN 81  1039 1039 GLN GLN A . n 
A 1 82  CYS 82  1040 1040 CYS CYS A . n 
A 1 83  THR 83  1041 1041 THR THR A . n 
A 1 84  ASP 84  1042 1042 ASP ASP A . n 
A 1 85  LYS 85  1043 1043 LYS LYS A . n 
A 1 86  ARG 86  1044 1044 ARG ARG A . n 
A 1 87  ILE 87  1045 1045 ILE ILE A . n 
A 1 88  ARG 88  1046 1046 ARG ARG A . n 
A 1 89  THR 89  1047 1047 THR THR A . n 
A 1 90  ASN 90  1048 1048 ASN ASN A . n 
A 1 91  LEU 91  1049 1049 LEU LEU A . n 
A 1 92  LEU 92  1050 1050 LEU LEU A . n 
A 1 93  GLN 93  1051 1051 GLN GLN A . n 
A 1 94  VAL 94  1052 1052 VAL VAL A . n 
A 1 95  CYS 95  1053 1053 CYS CYS A . n 
A 1 96  GLU 96  1054 1054 GLU GLU A . n 
A 1 97  ARG 97  1055 1055 ARG ARG A . n 
A 1 98  ILE 98  1056 1056 ILE ILE A . n 
A 1 99  PRO 99  1057 1057 PRO PRO A . n 
A 1 100 THR 100 1058 1058 THR THR A . n 
A 1 101 ILE 101 1059 1059 ILE ILE A . n 
A 1 102 SER 102 1060 1060 SER SER A . n 
A 1 103 THR 103 1061 1061 THR THR A . n 
A 1 104 GLN 104 1062 1062 GLN GLN A . n 
A 1 105 LEU 105 1063 1063 LEU LEU A . n 
A 1 106 LYS 106 1064 1064 LYS LYS A . n 
A 1 107 ILE 107 1065 1065 ILE ILE A . n 
A 1 108 LEU 108 1066 1066 LEU LEU A . n 
A 1 109 SER 109 1067 1067 SER SER A . n 
A 1 110 THR 110 1068 1068 THR THR A . n 
A 1 111 VAL 111 1069 1069 VAL VAL A . n 
A 1 112 LYS 112 1070 1070 LYS LYS A . n 
A 1 113 ALA 113 1071 1071 ALA ALA A . n 
A 1 114 THR 114 1072 1072 THR THR A . n 
A 1 115 MET 115 1073 1073 MET MET A . n 
A 1 116 LEU 116 1074 1074 LEU LEU A . n 
A 1 117 GLY 117 1075 1075 GLY GLY A . n 
A 1 118 ARG 118 1076 1076 ARG ARG A . n 
A 1 119 THR 119 1077 1077 THR THR A . n 
A 1 120 ASN 120 1078 1078 ASN ASN A . n 
A 1 121 ILE 121 1079 1079 ILE ILE A . n 
A 1 122 SER 122 1080 1080 SER SER A . n 
A 1 123 ASP 123 1081 1081 ASP ASP A . n 
A 1 124 GLU 124 1082 1082 GLU GLU A . n 
A 1 125 GLU 125 1083 1083 GLU GLU A . n 
A 1 126 SER 126 1084 1084 SER SER A . n 
A 1 127 GLU 127 1085 1085 GLU GLU A . n 
A 1 128 GLN 128 1086 1086 GLN GLN A . n 
A 1 129 ALA 129 1087 1087 ALA ALA A . n 
A 1 130 THR 130 1088 1088 THR THR A . n 
A 1 131 GLU 131 1089 1089 GLU GLU A . n 
A 1 132 MET 132 1090 1090 MET MET A . n 
A 1 133 LEU 133 1091 1091 LEU LEU A . n 
A 1 134 VAL 134 1092 1092 VAL VAL A . n 
A 1 135 HIS 135 1093 1093 HIS HIS A . n 
A 1 136 ASN 136 1094 1094 ASN ASN A . n 
A 1 137 ALA 137 1095 1095 ALA ALA A . n 
A 1 138 GLN 138 1096 1096 GLN GLN A . n 
A 1 139 ASN 139 1097 1097 ASN ASN A . n 
A 1 140 LEU 140 1098 1098 LEU LEU A . n 
A 1 141 MET 141 1099 1099 MET MET A . n 
A 1 142 GLN 142 1100 1100 GLN GLN A . n 
A 1 143 SER 143 1101 1101 SER SER A . n 
A 1 144 VAL 144 1102 1102 VAL VAL A . n 
A 1 145 LYS 145 1103 1103 LYS LYS A . n 
A 1 146 GLU 146 1104 1104 GLU GLU A . n 
A 1 147 THR 147 1105 1105 THR THR A . n 
A 1 148 VAL 148 1106 1106 VAL VAL A . n 
A 1 149 ARG 149 1107 1107 ARG ARG A . n 
A 1 150 GLU 150 1108 1108 GLU GLU A . n 
A 1 151 ALA 151 1109 1109 ALA ALA A . n 
A 1 152 GLU 152 1110 1110 GLU GLU A . n 
A 1 153 ALA 153 1111 1111 ALA ALA A . n 
A 1 154 ALA 154 1112 1112 ALA ALA A . n 
A 1 155 SER 155 1113 1113 SER SER A . n 
A 1 156 ILE 156 1114 1114 ILE ILE A . n 
A 1 157 LYS 157 1115 1115 LYS LYS A . n 
A 1 158 ILE 158 1116 1116 ILE ILE A . n 
A 1 159 ARG 159 1117 ?    ?   ?   A . n 
A 1 160 THR 160 1118 ?    ?   ?   A . n 
A 1 161 ASP 161 1119 ?    ?   ?   A . n 
A 1 162 ALA 162 1120 ?    ?   ?   A . n 
A 1 163 GLY 163 1121 ?    ?   ?   A . n 
A 1 164 PHE 164 1122 ?    ?   ?   A . n 
A 1 165 THR 165 1123 1123 THR THR A . n 
A 1 166 LEU 166 1124 1124 LEU LEU A . n 
A 1 167 ARG 167 1125 1125 ARG ARG A . n 
A 1 168 TRP 168 1126 1126 TRP TRP A . n 
A 1 169 VAL 169 1127 1127 VAL VAL A . n 
A 1 170 ARG 170 1128 1128 ARG ARG A . n 
A 1 171 LYS 171 1129 1129 LYS LYS A . n 
A 1 172 THR 172 1130 ?    ?   ?   A . n 
# 
loop_
_pdbx_nonpoly_scheme.asym_id 
_pdbx_nonpoly_scheme.entity_id 
_pdbx_nonpoly_scheme.mon_id 
_pdbx_nonpoly_scheme.ndb_seq_num 
_pdbx_nonpoly_scheme.pdb_seq_num 
_pdbx_nonpoly_scheme.auth_seq_num 
_pdbx_nonpoly_scheme.pdb_mon_id 
_pdbx_nonpoly_scheme.auth_mon_id 
_pdbx_nonpoly_scheme.pdb_strand_id 
_pdbx_nonpoly_scheme.pdb_ins_code 
B 2 HOH 1  1  1  HOH HOH A . 
B 2 HOH 2  2  2  HOH HOH A . 
B 2 HOH 3  3  3  HOH HOH A . 
B 2 HOH 4  4  4  HOH HOH A . 
B 2 HOH 5  5  5  HOH HOH A . 
B 2 HOH 6  6  6  HOH HOH A . 
B 2 HOH 7  7  7  HOH HOH A . 
B 2 HOH 8  8  8  HOH HOH A . 
B 2 HOH 9  9  9  HOH HOH A . 
B 2 HOH 10 10 10 HOH HOH A . 
B 2 HOH 11 11 11 HOH HOH A . 
B 2 HOH 12 12 12 HOH HOH A . 
B 2 HOH 13 13 13 HOH HOH A . 
B 2 HOH 14 14 14 HOH HOH A . 
B 2 HOH 15 15 15 HOH HOH A . 
B 2 HOH 16 16 16 HOH HOH A . 
B 2 HOH 17 17 17 HOH HOH A . 
B 2 HOH 18 18 18 HOH HOH A . 
B 2 HOH 19 19 19 HOH HOH A . 
B 2 HOH 20 20 20 HOH HOH A . 
B 2 HOH 21 21 21 HOH HOH A . 
B 2 HOH 22 22 22 HOH HOH A . 
B 2 HOH 23 23 23 HOH HOH A . 
B 2 HOH 24 24 24 HOH HOH A . 
B 2 HOH 25 25 25 HOH HOH A . 
B 2 HOH 26 26 26 HOH HOH A . 
B 2 HOH 27 27 27 HOH HOH A . 
B 2 HOH 28 28 28 HOH HOH A . 
B 2 HOH 29 29 29 HOH HOH A . 
B 2 HOH 30 30 30 HOH HOH A . 
B 2 HOH 31 31 31 HOH HOH A . 
B 2 HOH 32 32 32 HOH HOH A . 
B 2 HOH 33 33 33 HOH HOH A . 
B 2 HOH 34 34 34 HOH HOH A . 
B 2 HOH 35 35 35 HOH HOH A . 
B 2 HOH 36 36 36 HOH HOH A . 
B 2 HOH 37 37 37 HOH HOH A . 
B 2 HOH 38 38 38 HOH HOH A . 
B 2 HOH 39 39 39 HOH HOH A . 
B 2 HOH 40 41 41 HOH HOH A . 
B 2 HOH 41 42 42 HOH HOH A . 
B 2 HOH 42 43 43 HOH HOH A . 
B 2 HOH 43 44 44 HOH HOH A . 
B 2 HOH 44 45 45 HOH HOH A . 
B 2 HOH 45 46 46 HOH HOH A . 
B 2 HOH 46 47 47 HOH HOH A . 
B 2 HOH 47 48 48 HOH HOH A . 
B 2 HOH 48 49 49 HOH HOH A . 
B 2 HOH 49 50 50 HOH HOH A . 
B 2 HOH 50 51 51 HOH HOH A . 
B 2 HOH 51 53 53 HOH HOH A . 
B 2 HOH 52 54 54 HOH HOH A . 
B 2 HOH 53 55 55 HOH HOH A . 
B 2 HOH 54 56 56 HOH HOH A . 
B 2 HOH 55 57 57 HOH HOH A . 
B 2 HOH 56 58 58 HOH HOH A . 
B 2 HOH 57 59 59 HOH HOH A . 
B 2 HOH 58 60 60 HOH HOH A . 
B 2 HOH 59 61 61 HOH HOH A . 
B 2 HOH 60 62 62 HOH HOH A . 
B 2 HOH 61 63 63 HOH HOH A . 
B 2 HOH 62 64 64 HOH HOH A . 
B 2 HOH 63 65 65 HOH HOH A . 
B 2 HOH 64 66 66 HOH HOH A . 
B 2 HOH 65 67 67 HOH HOH A . 
B 2 HOH 66 68 68 HOH HOH A . 
B 2 HOH 67 69 69 HOH HOH A . 
B 2 HOH 68 70 70 HOH HOH A . 
B 2 HOH 69 71 71 HOH HOH A . 
B 2 HOH 70 72 72 HOH HOH A . 
B 2 HOH 71 73 73 HOH HOH A . 
B 2 HOH 72 74 74 HOH HOH A . 
B 2 HOH 73 75 75 HOH HOH A . 
B 2 HOH 74 76 76 HOH HOH A . 
B 2 HOH 75 77 77 HOH HOH A . 
B 2 HOH 76 78 78 HOH HOH A . 
B 2 HOH 77 79 79 HOH HOH A . 
B 2 HOH 78 80 80 HOH HOH A . 
B 2 HOH 79 81 81 HOH HOH A . 
B 2 HOH 80 82 82 HOH HOH A . 
B 2 HOH 81 83 83 HOH HOH A . 
B 2 HOH 82 84 84 HOH HOH A . 
B 2 HOH 83 85 85 HOH HOH A . 
B 2 HOH 84 86 86 HOH HOH A . 
B 2 HOH 85 87 87 HOH HOH A . 
B 2 HOH 86 88 88 HOH HOH A . 
B 2 HOH 87 89 89 HOH HOH A . 
B 2 HOH 88 90 90 HOH HOH A . 
B 2 HOH 89 91 91 HOH HOH A . 
B 2 HOH 90 92 92 HOH HOH A . 
B 2 HOH 91 93 93 HOH HOH A . 
B 2 HOH 92 94 94 HOH HOH A . 
B 2 HOH 93 95 95 HOH HOH A . 
# 
_software.name             REFMAC 
_software.classification   refinement 
_software.version          5.5.0109 
_software.citation_id      ? 
_software.pdbx_ordinal     1 
# 
_cell.entry_id           3MYI 
_cell.length_a           62.443 
_cell.length_b           62.443 
_cell.length_c           62.443 
_cell.angle_alpha        111.87 
_cell.angle_beta         111.87 
_cell.angle_gamma        111.87 
_cell.Z_PDB              3 
_cell.pdbx_unique_axis   ? 
_cell.length_a_esd       ? 
_cell.length_b_esd       ? 
_cell.length_c_esd       ? 
_cell.angle_alpha_esd    ? 
_cell.angle_beta_esd     ? 
_cell.angle_gamma_esd    ? 
# 
_symmetry.entry_id                         3MYI 
_symmetry.space_group_name_H-M             'R 3' 
_symmetry.pdbx_full_space_group_name_H-M   ? 
_symmetry.cell_setting                     ? 
_symmetry.Int_Tables_number                146 
_symmetry.space_group_name_Hall            ? 
# 
_exptl.entry_id          3MYI 
_exptl.method            'X-RAY DIFFRACTION' 
_exptl.crystals_number   ? 
# 
_exptl_crystal.id                    1 
_exptl_crystal.density_meas          ? 
_exptl_crystal.density_Matthews      2.87 
_exptl_crystal.density_percent_sol   57.10 
_exptl_crystal.description           ? 
_exptl_crystal.F_000                 ? 
_exptl_crystal.preparation           ? 
# 
_diffrn.id                     1 
_diffrn.ambient_temp           ? 
_diffrn.ambient_temp_details   ? 
_diffrn.crystal_id             1 
# 
_diffrn_radiation.diffrn_id                        1 
_diffrn_radiation.wavelength_id                    1 
_diffrn_radiation.pdbx_monochromatic_or_laue_m_l   M 
_diffrn_radiation.monochromator                    ? 
_diffrn_radiation.pdbx_diffrn_protocol             'SINGLE WAVELENGTH' 
_diffrn_radiation.pdbx_scattering_type             x-ray 
# 
_diffrn_radiation_wavelength.id           1 
_diffrn_radiation_wavelength.wavelength   . 
_diffrn_radiation_wavelength.wt           1.0 
# 
_diffrn_source.diffrn_id                   1 
_diffrn_source.source                      SYNCHROTRON 
_diffrn_source.type                        'APS BEAMLINE 19-ID' 
_diffrn_source.pdbx_synchrotron_site       APS 
_diffrn_source.pdbx_synchrotron_beamline   19-ID 
_diffrn_source.pdbx_wavelength             ? 
_diffrn_source.pdbx_wavelength_list        ? 
# 
_reflns.entry_id                     3MYI 
_reflns.observed_criterion_sigma_I   ? 
_reflns.observed_criterion_sigma_F   ? 
_reflns.d_resolution_low             50.0 
_reflns.d_resolution_high            2.2 
_reflns.number_obs                   10933 
_reflns.number_all                   ? 
_reflns.percent_possible_obs         ? 
_reflns.pdbx_Rmerge_I_obs            ? 
_reflns.pdbx_Rsym_value              ? 
_reflns.pdbx_netI_over_sigmaI        ? 
_reflns.B_iso_Wilson_estimate        ? 
_reflns.pdbx_redundancy              ? 
_reflns.R_free_details               ? 
_reflns.limit_h_max                  ? 
_reflns.limit_h_min                  ? 
_reflns.limit_k_max                  ? 
_reflns.limit_k_min                  ? 
_reflns.limit_l_max                  ? 
_reflns.limit_l_min                  ? 
_reflns.observed_criterion_F_max     ? 
_reflns.observed_criterion_F_min     ? 
_reflns.pdbx_chi_squared             ? 
_reflns.pdbx_scaling_rejects         ? 
_reflns.pdbx_diffrn_id               1 
_reflns.pdbx_ordinal                 1 
# 
_refine.entry_id                                 3MYI 
_refine.ls_number_reflns_obs                     10933 
_refine.ls_number_reflns_all                     ? 
_refine.pdbx_ls_sigma_I                          ? 
_refine.pdbx_ls_sigma_F                          ? 
_refine.pdbx_data_cutoff_high_absF               ? 
_refine.pdbx_data_cutoff_low_absF                ? 
_refine.pdbx_data_cutoff_high_rms_absF           ? 
_refine.ls_d_res_low                             34.64 
_refine.ls_d_res_high                            2.20 
_refine.ls_percent_reflns_obs                    98.99 
_refine.ls_R_factor_obs                          0.19292 
_refine.ls_R_factor_all                          ? 
_refine.ls_R_factor_R_work                       0.19016 
_refine.ls_R_factor_R_free                       0.24737 
_refine.ls_R_factor_R_free_error                 ? 
_refine.ls_R_factor_R_free_error_details         ? 
_refine.ls_percent_reflns_R_free                 4.8 
_refine.ls_number_reflns_R_free                  522 
_refine.ls_number_parameters                     ? 
_refine.ls_number_restraints                     ? 
_refine.occupancy_min                            ? 
_refine.occupancy_max                            ? 
_refine.correlation_coeff_Fo_to_Fc               0.944 
_refine.correlation_coeff_Fo_to_Fc_free          0.904 
_refine.B_iso_mean                               30.221 
_refine.aniso_B[1][1]                            -0.31 
_refine.aniso_B[2][2]                            -0.31 
_refine.aniso_B[3][3]                            -0.31 
_refine.aniso_B[1][2]                            -0.41 
_refine.aniso_B[1][3]                            -0.41 
_refine.aniso_B[2][3]                            -0.41 
_refine.solvent_model_details                    'BABINET MODEL WITH MASK' 
_refine.solvent_model_param_ksol                 ? 
_refine.solvent_model_param_bsol                 ? 
_refine.pdbx_solvent_vdw_probe_radii             1.40 
_refine.pdbx_solvent_ion_probe_radii             0.80 
_refine.pdbx_solvent_shrinkage_radii             0.80 
_refine.pdbx_ls_cross_valid_method               THROUGHOUT 
_refine.details                                  ? 
_refine.pdbx_starting_model                      ? 
_refine.pdbx_method_to_determine_struct          'MOLECULAR REPLACEMENT' 
_refine.pdbx_isotropic_thermal_model             ? 
_refine.pdbx_stereochemistry_target_values       'MAXIMUM LIKELIHOOD' 
_refine.pdbx_stereochem_target_val_spec_case     ? 
_refine.pdbx_R_Free_selection_details            RANDOM 
_refine.pdbx_overall_ESU_R_Free                  0.201 
_refine.overall_SU_ML                            0.139 
_refine.overall_SU_B                             5.370 
_refine.overall_SU_R_Cruickshank_DPI             ? 
_refine.ls_redundancy_reflns_obs                 ? 
_refine.B_iso_min                                ? 
_refine.B_iso_max                                ? 
_refine.overall_SU_R_free                        ? 
_refine.ls_wR_factor_R_free                      ? 
_refine.ls_wR_factor_R_work                      ? 
_refine.overall_FOM_free_R_set                   ? 
_refine.overall_FOM_work_R_set                   ? 
_refine.pdbx_overall_phase_error                 ? 
_refine.pdbx_refine_id                           'X-RAY DIFFRACTION' 
_refine.pdbx_overall_ESU_R                       ? 
_refine.pdbx_diffrn_id                           1 
_refine.pdbx_TLS_residual_ADP_flag               ? 
_refine.pdbx_overall_SU_R_free_Cruickshank_DPI   ? 
_refine.pdbx_overall_SU_R_Blow_DPI               ? 
_refine.pdbx_overall_SU_R_free_Blow_DPI          ? 
# 
_refine_hist.pdbx_refine_id                   'X-RAY DIFFRACTION' 
_refine_hist.cycle_id                         LAST 
_refine_hist.pdbx_number_atoms_protein        1255 
_refine_hist.pdbx_number_atoms_nucleic_acid   0 
_refine_hist.pdbx_number_atoms_ligand         0 
_refine_hist.number_atoms_solvent             93 
_refine_hist.number_atoms_total               1348 
_refine_hist.d_res_high                       2.20 
_refine_hist.d_res_low                        34.64 
# 
loop_
_refine_ls_restr.type 
_refine_ls_restr.dev_ideal 
_refine_ls_restr.dev_ideal_target 
_refine_ls_restr.weight 
_refine_ls_restr.number 
_refine_ls_restr.pdbx_refine_id 
_refine_ls_restr.pdbx_restraint_function 
r_bond_refined_d             0.014  0.022  ? 1288 'X-RAY DIFFRACTION' ? 
r_bond_other_d               ?      ?      ? ?    'X-RAY DIFFRACTION' ? 
r_angle_refined_deg          1.260  1.964  ? 1733 'X-RAY DIFFRACTION' ? 
r_angle_other_deg            ?      ?      ? ?    'X-RAY DIFFRACTION' ? 
r_dihedral_angle_1_deg       5.890  5.000  ? 167  'X-RAY DIFFRACTION' ? 
r_dihedral_angle_2_deg       29.663 23.529 ? 51   'X-RAY DIFFRACTION' ? 
r_dihedral_angle_3_deg       16.705 15.000 ? 267  'X-RAY DIFFRACTION' ? 
r_dihedral_angle_4_deg       20.209 15.000 ? 14   'X-RAY DIFFRACTION' ? 
r_chiral_restr               0.072  0.200  ? 212  'X-RAY DIFFRACTION' ? 
r_gen_planes_refined         0.005  0.020  ? 904  'X-RAY DIFFRACTION' ? 
r_gen_planes_other           ?      ?      ? ?    'X-RAY DIFFRACTION' ? 
r_nbd_refined                ?      ?      ? ?    'X-RAY DIFFRACTION' ? 
r_nbd_other                  ?      ?      ? ?    'X-RAY DIFFRACTION' ? 
r_nbtor_refined              ?      ?      ? ?    'X-RAY DIFFRACTION' ? 
r_nbtor_other                ?      ?      ? ?    'X-RAY DIFFRACTION' ? 
r_xyhbond_nbd_refined        ?      ?      ? ?    'X-RAY DIFFRACTION' ? 
r_xyhbond_nbd_other          ?      ?      ? ?    'X-RAY DIFFRACTION' ? 
r_metal_ion_refined          ?      ?      ? ?    'X-RAY DIFFRACTION' ? 
r_metal_ion_other            ?      ?      ? ?    'X-RAY DIFFRACTION' ? 
r_symmetry_vdw_refined       ?      ?      ? ?    'X-RAY DIFFRACTION' ? 
r_symmetry_vdw_other         ?      ?      ? ?    'X-RAY DIFFRACTION' ? 
r_symmetry_hbond_refined     ?      ?      ? ?    'X-RAY DIFFRACTION' ? 
r_symmetry_hbond_other       ?      ?      ? ?    'X-RAY DIFFRACTION' ? 
r_symmetry_metal_ion_refined ?      ?      ? ?    'X-RAY DIFFRACTION' ? 
r_symmetry_metal_ion_other   ?      ?      ? ?    'X-RAY DIFFRACTION' ? 
r_mcbond_it                  0.860  1.500  ? 823  'X-RAY DIFFRACTION' ? 
r_mcbond_other               ?      ?      ? ?    'X-RAY DIFFRACTION' ? 
r_mcangle_it                 1.637  2.000  ? 1329 'X-RAY DIFFRACTION' ? 
r_scbond_it                  2.412  3.000  ? 465  'X-RAY DIFFRACTION' ? 
r_scangle_it                 4.171  4.500  ? 402  'X-RAY DIFFRACTION' ? 
r_rigid_bond_restr           ?      ?      ? ?    'X-RAY DIFFRACTION' ? 
r_sphericity_free            ?      ?      ? ?    'X-RAY DIFFRACTION' ? 
r_sphericity_bonded          ?      ?      ? ?    'X-RAY DIFFRACTION' ? 
# 
_refine_ls_shell.pdbx_total_number_of_bins_used   20 
_refine_ls_shell.d_res_high                       2.200 
_refine_ls_shell.d_res_low                        2.257 
_refine_ls_shell.number_reflns_R_work             733 
_refine_ls_shell.R_factor_R_work                  0.237 
_refine_ls_shell.percent_reflns_obs               95.21 
_refine_ls_shell.R_factor_R_free                  0.324 
_refine_ls_shell.R_factor_R_free_error            ? 
_refine_ls_shell.percent_reflns_R_free            ? 
_refine_ls_shell.number_reflns_R_free             42 
_refine_ls_shell.number_reflns_all                ? 
_refine_ls_shell.R_factor_all                     ? 
_refine_ls_shell.number_reflns_obs                ? 
_refine_ls_shell.redundancy_reflns_obs            ? 
_refine_ls_shell.pdbx_refine_id                   'X-RAY DIFFRACTION' 
# 
_struct.entry_id                  3MYI 
_struct.title                     'Human metavinculin tail domain' 
_struct.pdbx_model_details        ? 
_struct.pdbx_CASP_flag            ? 
_struct.pdbx_model_type_details   ? 
# 
_struct_keywords.entry_id        3MYI 
_struct_keywords.pdbx_keywords   'CELL ADHESION' 
_struct_keywords.text            'cytoskeleton, focal adhesions, cell adhesion, muscle tissue development, cardiomyopathy' 
# 
loop_
_struct_asym.id 
_struct_asym.pdbx_blank_PDB_chainid_flag 
_struct_asym.pdbx_modified 
_struct_asym.entity_id 
_struct_asym.details 
A N N 1 ? 
B N N 2 ? 
# 
_struct_ref.id                         1 
_struct_ref.db_name                    UNP 
_struct_ref.db_code                    VINC_HUMAN 
_struct_ref.pdbx_db_accession          P18206 
_struct_ref.entity_id                  1 
_struct_ref.pdbx_seq_one_letter_code   
;NQPVNQPILAAAQSLHREATKWSSKGNDIIAAAKRMALLMAEMSRLVRGGSGTKRALIQCAKDIAKASDEVTRLAKEVAK
QCTDKRIRTNLLQVCERIPTISTQLKILSTVKATMLGRTNISDEESEQATEMLVHNAQNLMQSVKETVREAEAASIKIRT
DAGFTLRWVRKT
;
_struct_ref.pdbx_align_begin           959 
_struct_ref.pdbx_db_isoform            ? 
# 
_struct_ref_seq.align_id                      1 
_struct_ref_seq.ref_id                        1 
_struct_ref_seq.pdbx_PDB_id_code              3MYI 
_struct_ref_seq.pdbx_strand_id                A 
_struct_ref_seq.seq_align_beg                 1 
_struct_ref_seq.pdbx_seq_align_beg_ins_code   ? 
_struct_ref_seq.seq_align_end                 172 
_struct_ref_seq.pdbx_seq_align_end_ins_code   ? 
_struct_ref_seq.pdbx_db_accession             P18206 
_struct_ref_seq.db_align_beg                  959 
_struct_ref_seq.pdbx_db_align_beg_ins_code    ? 
_struct_ref_seq.db_align_end                  1130 
_struct_ref_seq.pdbx_db_align_end_ins_code    ? 
_struct_ref_seq.pdbx_auth_seq_align_beg       959 
_struct_ref_seq.pdbx_auth_seq_align_end       1130 
# 
_pdbx_struct_assembly.id                   1 
_pdbx_struct_assembly.details              author_and_software_defined_assembly 
_pdbx_struct_assembly.method_details       PISA 
_pdbx_struct_assembly.oligomeric_details   monomeric 
_pdbx_struct_assembly.oligomeric_count     1 
# 
_pdbx_struct_assembly_gen.assembly_id       1 
_pdbx_struct_assembly_gen.oper_expression   1 
_pdbx_struct_assembly_gen.asym_id_list      A,B 
# 
_pdbx_struct_oper_list.id                   1 
_pdbx_struct_oper_list.type                 'identity operation' 
_pdbx_struct_oper_list.name                 1_555 
_pdbx_struct_oper_list.symmetry_operation   x,y,z 
_pdbx_struct_oper_list.matrix[1][1]         1.0000000000 
_pdbx_struct_oper_list.matrix[1][2]         0.0000000000 
_pdbx_struct_oper_list.matrix[1][3]         0.0000000000 
_pdbx_struct_oper_list.vector[1]            0.0000000000 
_pdbx_struct_oper_list.matrix[2][1]         0.0000000000 
_pdbx_struct_oper_list.matrix[2][2]         1.0000000000 
_pdbx_struct_oper_list.matrix[2][3]         0.0000000000 
_pdbx_struct_oper_list.vector[2]            0.0000000000 
_pdbx_struct_oper_list.matrix[3][1]         0.0000000000 
_pdbx_struct_oper_list.matrix[3][2]         0.0000000000 
_pdbx_struct_oper_list.matrix[3][3]         1.0000000000 
_pdbx_struct_oper_list.vector[3]            0.0000000000 
# 
_struct_biol.id        1 
_struct_biol.details   ? 
# 
loop_
_struct_conf.conf_type_id 
_struct_conf.id 
_struct_conf.pdbx_PDB_helix_id 
_struct_conf.beg_label_comp_id 
_struct_conf.beg_label_asym_id 
_struct_conf.beg_label_seq_id 
_struct_conf.pdbx_beg_PDB_ins_code 
_struct_conf.end_label_comp_id 
_struct_conf.end_label_asym_id 
_struct_conf.end_label_seq_id 
_struct_conf.pdbx_end_PDB_ins_code 
_struct_conf.beg_auth_comp_id 
_struct_conf.beg_auth_asym_id 
_struct_conf.beg_auth_seq_id 
_struct_conf.end_auth_comp_id 
_struct_conf.end_auth_asym_id 
_struct_conf.end_auth_seq_id 
_struct_conf.pdbx_PDB_helix_class 
_struct_conf.details 
_struct_conf.pdbx_PDB_helix_length 
HELX_P HELX_P1 1 ASN A 5   ? THR A 20  ? ASN A 963  THR A 978  1 ? 16 
HELX_P HELX_P2 2 ASN A 27  ? ARG A 48  ? ASN A 985  ARG A 1006 1 ? 22 
HELX_P HELX_P3 3 THR A 53  ? LYS A 80  ? THR A 1011 LYS A 1038 1 ? 28 
HELX_P HELX_P4 4 ASP A 84  ? GLU A 96  ? ASP A 1042 GLU A 1054 1 ? 13 
HELX_P HELX_P5 5 ARG A 97  ? MET A 115 ? ARG A 1055 MET A 1073 1 ? 19 
HELX_P HELX_P6 6 SER A 122 ? ILE A 156 ? SER A 1080 ILE A 1114 1 ? 35 
# 
_struct_conf_type.id          HELX_P 
_struct_conf_type.criteria    ? 
_struct_conf_type.reference   ? 
# 
_struct_mon_prot_cis.pdbx_id                1 
_struct_mon_prot_cis.label_comp_id          GLY 
_struct_mon_prot_cis.label_seq_id           50 
_struct_mon_prot_cis.label_asym_id          A 
_struct_mon_prot_cis.label_alt_id           . 
_struct_mon_prot_cis.pdbx_PDB_ins_code      ? 
_struct_mon_prot_cis.auth_comp_id           GLY 
_struct_mon_prot_cis.auth_seq_id            1008 
_struct_mon_prot_cis.auth_asym_id           A 
_struct_mon_prot_cis.pdbx_label_comp_id_2   SER 
_struct_mon_prot_cis.pdbx_label_seq_id_2    51 
_struct_mon_prot_cis.pdbx_label_asym_id_2   A 
_struct_mon_prot_cis.pdbx_PDB_ins_code_2    ? 
_struct_mon_prot_cis.pdbx_auth_comp_id_2    SER 
_struct_mon_prot_cis.pdbx_auth_seq_id_2     1009 
_struct_mon_prot_cis.pdbx_auth_asym_id_2    A 
_struct_mon_prot_cis.pdbx_PDB_model_num     1 
_struct_mon_prot_cis.pdbx_omega_angle       3.94 
# 
_pdbx_validate_torsion.id              1 
_pdbx_validate_torsion.PDB_model_num   1 
_pdbx_validate_torsion.auth_comp_id    MET 
_pdbx_validate_torsion.auth_asym_id    A 
_pdbx_validate_torsion.auth_seq_id     1073 
_pdbx_validate_torsion.PDB_ins_code    ? 
_pdbx_validate_torsion.label_alt_id    ? 
_pdbx_validate_torsion.phi             50.96 
_pdbx_validate_torsion.psi             -115.76 
# 
loop_
_pdbx_unobs_or_zero_occ_residues.id 
_pdbx_unobs_or_zero_occ_residues.PDB_model_num 
_pdbx_unobs_or_zero_occ_residues.polymer_flag 
_pdbx_unobs_or_zero_occ_residues.occupancy_flag 
_pdbx_unobs_or_zero_occ_residues.auth_asym_id 
_pdbx_unobs_or_zero_occ_residues.auth_comp_id 
_pdbx_unobs_or_zero_occ_residues.auth_seq_id 
_pdbx_unobs_or_zero_occ_residues.PDB_ins_code 
_pdbx_unobs_or_zero_occ_residues.label_asym_id 
_pdbx_unobs_or_zero_occ_residues.label_comp_id 
_pdbx_unobs_or_zero_occ_residues.label_seq_id 
1 1 Y 1 A ASN 959  ? A ASN 1   
2 1 Y 1 A GLN 960  ? A GLN 2   
3 1 Y 1 A ARG 1117 ? A ARG 159 
4 1 Y 1 A THR 1118 ? A THR 160 
5 1 Y 1 A ASP 1119 ? A ASP 161 
6 1 Y 1 A ALA 1120 ? A ALA 162 
7 1 Y 1 A GLY 1121 ? A GLY 163 
8 1 Y 1 A PHE 1122 ? A PHE 164 
9 1 Y 1 A THR 1130 ? A THR 172 
# 
loop_
_chem_comp_atom.comp_id 
_chem_comp_atom.atom_id 
_chem_comp_atom.type_symbol 
_chem_comp_atom.pdbx_aromatic_flag 
_chem_comp_atom.pdbx_stereo_config 
_chem_comp_atom.pdbx_ordinal 
ALA N    N N N 1   
ALA CA   C N S 2   
ALA C    C N N 3   
ALA O    O N N 4   
ALA CB   C N N 5   
ALA OXT  O N N 6   
ALA H    H N N 7   
ALA H2   H N N 8   
ALA HA   H N N 9   
ALA HB1  H N N 10  
ALA HB2  H N N 11  
ALA HB3  H N N 12  
ALA HXT  H N N 13  
ARG N    N N N 14  
ARG CA   C N S 15  
ARG C    C N N 16  
ARG O    O N N 17  
ARG CB   C N N 18  
ARG CG   C N N 19  
ARG CD   C N N 20  
ARG NE   N N N 21  
ARG CZ   C N N 22  
ARG NH1  N N N 23  
ARG NH2  N N N 24  
ARG OXT  O N N 25  
ARG H    H N N 26  
ARG H2   H N N 27  
ARG HA   H N N 28  
ARG HB2  H N N 29  
ARG HB3  H N N 30  
ARG HG2  H N N 31  
ARG HG3  H N N 32  
ARG HD2  H N N 33  
ARG HD3  H N N 34  
ARG HE   H N N 35  
ARG HH11 H N N 36  
ARG HH12 H N N 37  
ARG HH21 H N N 38  
ARG HH22 H N N 39  
ARG HXT  H N N 40  
ASN N    N N N 41  
ASN CA   C N S 42  
ASN C    C N N 43  
ASN O    O N N 44  
ASN CB   C N N 45  
ASN CG   C N N 46  
ASN OD1  O N N 47  
ASN ND2  N N N 48  
ASN OXT  O N N 49  
ASN H    H N N 50  
ASN H2   H N N 51  
ASN HA   H N N 52  
ASN HB2  H N N 53  
ASN HB3  H N N 54  
ASN HD21 H N N 55  
ASN HD22 H N N 56  
ASN HXT  H N N 57  
ASP N    N N N 58  
ASP CA   C N S 59  
ASP C    C N N 60  
ASP O    O N N 61  
ASP CB   C N N 62  
ASP CG   C N N 63  
ASP OD1  O N N 64  
ASP OD2  O N N 65  
ASP OXT  O N N 66  
ASP H    H N N 67  
ASP H2   H N N 68  
ASP HA   H N N 69  
ASP HB2  H N N 70  
ASP HB3  H N N 71  
ASP HD2  H N N 72  
ASP HXT  H N N 73  
CYS N    N N N 74  
CYS CA   C N R 75  
CYS C    C N N 76  
CYS O    O N N 77  
CYS CB   C N N 78  
CYS SG   S N N 79  
CYS OXT  O N N 80  
CYS H    H N N 81  
CYS H2   H N N 82  
CYS HA   H N N 83  
CYS HB2  H N N 84  
CYS HB3  H N N 85  
CYS HG   H N N 86  
CYS HXT  H N N 87  
GLN N    N N N 88  
GLN CA   C N S 89  
GLN C    C N N 90  
GLN O    O N N 91  
GLN CB   C N N 92  
GLN CG   C N N 93  
GLN CD   C N N 94  
GLN OE1  O N N 95  
GLN NE2  N N N 96  
GLN OXT  O N N 97  
GLN H    H N N 98  
GLN H2   H N N 99  
GLN HA   H N N 100 
GLN HB2  H N N 101 
GLN HB3  H N N 102 
GLN HG2  H N N 103 
GLN HG3  H N N 104 
GLN HE21 H N N 105 
GLN HE22 H N N 106 
GLN HXT  H N N 107 
GLU N    N N N 108 
GLU CA   C N S 109 
GLU C    C N N 110 
GLU O    O N N 111 
GLU CB   C N N 112 
GLU CG   C N N 113 
GLU CD   C N N 114 
GLU OE1  O N N 115 
GLU OE2  O N N 116 
GLU OXT  O N N 117 
GLU H    H N N 118 
GLU H2   H N N 119 
GLU HA   H N N 120 
GLU HB2  H N N 121 
GLU HB3  H N N 122 
GLU HG2  H N N 123 
GLU HG3  H N N 124 
GLU HE2  H N N 125 
GLU HXT  H N N 126 
GLY N    N N N 127 
GLY CA   C N N 128 
GLY C    C N N 129 
GLY O    O N N 130 
GLY OXT  O N N 131 
GLY H    H N N 132 
GLY H2   H N N 133 
GLY HA2  H N N 134 
GLY HA3  H N N 135 
GLY HXT  H N N 136 
HIS N    N N N 137 
HIS CA   C N S 138 
HIS C    C N N 139 
HIS O    O N N 140 
HIS CB   C N N 141 
HIS CG   C Y N 142 
HIS ND1  N Y N 143 
HIS CD2  C Y N 144 
HIS CE1  C Y N 145 
HIS NE2  N Y N 146 
HIS OXT  O N N 147 
HIS H    H N N 148 
HIS H2   H N N 149 
HIS HA   H N N 150 
HIS HB2  H N N 151 
HIS HB3  H N N 152 
HIS HD1  H N N 153 
HIS HD2  H N N 154 
HIS HE1  H N N 155 
HIS HE2  H N N 156 
HIS HXT  H N N 157 
HOH O    O N N 158 
HOH H1   H N N 159 
HOH H2   H N N 160 
ILE N    N N N 161 
ILE CA   C N S 162 
ILE C    C N N 163 
ILE O    O N N 164 
ILE CB   C N S 165 
ILE CG1  C N N 166 
ILE CG2  C N N 167 
ILE CD1  C N N 168 
ILE OXT  O N N 169 
ILE H    H N N 170 
ILE H2   H N N 171 
ILE HA   H N N 172 
ILE HB   H N N 173 
ILE HG12 H N N 174 
ILE HG13 H N N 175 
ILE HG21 H N N 176 
ILE HG22 H N N 177 
ILE HG23 H N N 178 
ILE HD11 H N N 179 
ILE HD12 H N N 180 
ILE HD13 H N N 181 
ILE HXT  H N N 182 
LEU N    N N N 183 
LEU CA   C N S 184 
LEU C    C N N 185 
LEU O    O N N 186 
LEU CB   C N N 187 
LEU CG   C N N 188 
LEU CD1  C N N 189 
LEU CD2  C N N 190 
LEU OXT  O N N 191 
LEU H    H N N 192 
LEU H2   H N N 193 
LEU HA   H N N 194 
LEU HB2  H N N 195 
LEU HB3  H N N 196 
LEU HG   H N N 197 
LEU HD11 H N N 198 
LEU HD12 H N N 199 
LEU HD13 H N N 200 
LEU HD21 H N N 201 
LEU HD22 H N N 202 
LEU HD23 H N N 203 
LEU HXT  H N N 204 
LYS N    N N N 205 
LYS CA   C N S 206 
LYS C    C N N 207 
LYS O    O N N 208 
LYS CB   C N N 209 
LYS CG   C N N 210 
LYS CD   C N N 211 
LYS CE   C N N 212 
LYS NZ   N N N 213 
LYS OXT  O N N 214 
LYS H    H N N 215 
LYS H2   H N N 216 
LYS HA   H N N 217 
LYS HB2  H N N 218 
LYS HB3  H N N 219 
LYS HG2  H N N 220 
LYS HG3  H N N 221 
LYS HD2  H N N 222 
LYS HD3  H N N 223 
LYS HE2  H N N 224 
LYS HE3  H N N 225 
LYS HZ1  H N N 226 
LYS HZ2  H N N 227 
LYS HZ3  H N N 228 
LYS HXT  H N N 229 
MET N    N N N 230 
MET CA   C N S 231 
MET C    C N N 232 
MET O    O N N 233 
MET CB   C N N 234 
MET CG   C N N 235 
MET SD   S N N 236 
MET CE   C N N 237 
MET OXT  O N N 238 
MET H    H N N 239 
MET H2   H N N 240 
MET HA   H N N 241 
MET HB2  H N N 242 
MET HB3  H N N 243 
MET HG2  H N N 244 
MET HG3  H N N 245 
MET HE1  H N N 246 
MET HE2  H N N 247 
MET HE3  H N N 248 
MET HXT  H N N 249 
PHE N    N N N 250 
PHE CA   C N S 251 
PHE C    C N N 252 
PHE O    O N N 253 
PHE CB   C N N 254 
PHE CG   C Y N 255 
PHE CD1  C Y N 256 
PHE CD2  C Y N 257 
PHE CE1  C Y N 258 
PHE CE2  C Y N 259 
PHE CZ   C Y N 260 
PHE OXT  O N N 261 
PHE H    H N N 262 
PHE H2   H N N 263 
PHE HA   H N N 264 
PHE HB2  H N N 265 
PHE HB3  H N N 266 
PHE HD1  H N N 267 
PHE HD2  H N N 268 
PHE HE1  H N N 269 
PHE HE2  H N N 270 
PHE HZ   H N N 271 
PHE HXT  H N N 272 
PRO N    N N N 273 
PRO CA   C N S 274 
PRO C    C N N 275 
PRO O    O N N 276 
PRO CB   C N N 277 
PRO CG   C N N 278 
PRO CD   C N N 279 
PRO OXT  O N N 280 
PRO H    H N N 281 
PRO HA   H N N 282 
PRO HB2  H N N 283 
PRO HB3  H N N 284 
PRO HG2  H N N 285 
PRO HG3  H N N 286 
PRO HD2  H N N 287 
PRO HD3  H N N 288 
PRO HXT  H N N 289 
SER N    N N N 290 
SER CA   C N S 291 
SER C    C N N 292 
SER O    O N N 293 
SER CB   C N N 294 
SER OG   O N N 295 
SER OXT  O N N 296 
SER H    H N N 297 
SER H2   H N N 298 
SER HA   H N N 299 
SER HB2  H N N 300 
SER HB3  H N N 301 
SER HG   H N N 302 
SER HXT  H N N 303 
THR N    N N N 304 
THR CA   C N S 305 
THR C    C N N 306 
THR O    O N N 307 
THR CB   C N R 308 
THR OG1  O N N 309 
THR CG2  C N N 310 
THR OXT  O N N 311 
THR H    H N N 312 
THR H2   H N N 313 
THR HA   H N N 314 
THR HB   H N N 315 
THR HG1  H N N 316 
THR HG21 H N N 317 
THR HG22 H N N 318 
THR HG23 H N N 319 
THR HXT  H N N 320 
TRP N    N N N 321 
TRP CA   C N S 322 
TRP C    C N N 323 
TRP O    O N N 324 
TRP CB   C N N 325 
TRP CG   C Y N 326 
TRP CD1  C Y N 327 
TRP CD2  C Y N 328 
TRP NE1  N Y N 329 
TRP CE2  C Y N 330 
TRP CE3  C Y N 331 
TRP CZ2  C Y N 332 
TRP CZ3  C Y N 333 
TRP CH2  C Y N 334 
TRP OXT  O N N 335 
TRP H    H N N 336 
TRP H2   H N N 337 
TRP HA   H N N 338 
TRP HB2  H N N 339 
TRP HB3  H N N 340 
TRP HD1  H N N 341 
TRP HE1  H N N 342 
TRP HE3  H N N 343 
TRP HZ2  H N N 344 
TRP HZ3  H N N 345 
TRP HH2  H N N 346 
TRP HXT  H N N 347 
VAL N    N N N 348 
VAL CA   C N S 349 
VAL C    C N N 350 
VAL O    O N N 351 
VAL CB   C N N 352 
VAL CG1  C N N 353 
VAL CG2  C N N 354 
VAL OXT  O N N 355 
VAL H    H N N 356 
VAL H2   H N N 357 
VAL HA   H N N 358 
VAL HB   H N N 359 
VAL HG11 H N N 360 
VAL HG12 H N N 361 
VAL HG13 H N N 362 
VAL HG21 H N N 363 
VAL HG22 H N N 364 
VAL HG23 H N N 365 
VAL HXT  H N N 366 
# 
loop_
_chem_comp_bond.comp_id 
_chem_comp_bond.atom_id_1 
_chem_comp_bond.atom_id_2 
_chem_comp_bond.value_order 
_chem_comp_bond.pdbx_aromatic_flag 
_chem_comp_bond.pdbx_stereo_config 
_chem_comp_bond.pdbx_ordinal 
ALA N   CA   sing N N 1   
ALA N   H    sing N N 2   
ALA N   H2   sing N N 3   
ALA CA  C    sing N N 4   
ALA CA  CB   sing N N 5   
ALA CA  HA   sing N N 6   
ALA C   O    doub N N 7   
ALA C   OXT  sing N N 8   
ALA CB  HB1  sing N N 9   
ALA CB  HB2  sing N N 10  
ALA CB  HB3  sing N N 11  
ALA OXT HXT  sing N N 12  
ARG N   CA   sing N N 13  
ARG N   H    sing N N 14  
ARG N   H2   sing N N 15  
ARG CA  C    sing N N 16  
ARG CA  CB   sing N N 17  
ARG CA  HA   sing N N 18  
ARG C   O    doub N N 19  
ARG C   OXT  sing N N 20  
ARG CB  CG   sing N N 21  
ARG CB  HB2  sing N N 22  
ARG CB  HB3  sing N N 23  
ARG CG  CD   sing N N 24  
ARG CG  HG2  sing N N 25  
ARG CG  HG3  sing N N 26  
ARG CD  NE   sing N N 27  
ARG CD  HD2  sing N N 28  
ARG CD  HD3  sing N N 29  
ARG NE  CZ   sing N N 30  
ARG NE  HE   sing N N 31  
ARG CZ  NH1  sing N N 32  
ARG CZ  NH2  doub N N 33  
ARG NH1 HH11 sing N N 34  
ARG NH1 HH12 sing N N 35  
ARG NH2 HH21 sing N N 36  
ARG NH2 HH22 sing N N 37  
ARG OXT HXT  sing N N 38  
ASN N   CA   sing N N 39  
ASN N   H    sing N N 40  
ASN N   H2   sing N N 41  
ASN CA  C    sing N N 42  
ASN CA  CB   sing N N 43  
ASN CA  HA   sing N N 44  
ASN C   O    doub N N 45  
ASN C   OXT  sing N N 46  
ASN CB  CG   sing N N 47  
ASN CB  HB2  sing N N 48  
ASN CB  HB3  sing N N 49  
ASN CG  OD1  doub N N 50  
ASN CG  ND2  sing N N 51  
ASN ND2 HD21 sing N N 52  
ASN ND2 HD22 sing N N 53  
ASN OXT HXT  sing N N 54  
ASP N   CA   sing N N 55  
ASP N   H    sing N N 56  
ASP N   H2   sing N N 57  
ASP CA  C    sing N N 58  
ASP CA  CB   sing N N 59  
ASP CA  HA   sing N N 60  
ASP C   O    doub N N 61  
ASP C   OXT  sing N N 62  
ASP CB  CG   sing N N 63  
ASP CB  HB2  sing N N 64  
ASP CB  HB3  sing N N 65  
ASP CG  OD1  doub N N 66  
ASP CG  OD2  sing N N 67  
ASP OD2 HD2  sing N N 68  
ASP OXT HXT  sing N N 69  
CYS N   CA   sing N N 70  
CYS N   H    sing N N 71  
CYS N   H2   sing N N 72  
CYS CA  C    sing N N 73  
CYS CA  CB   sing N N 74  
CYS CA  HA   sing N N 75  
CYS C   O    doub N N 76  
CYS C   OXT  sing N N 77  
CYS CB  SG   sing N N 78  
CYS CB  HB2  sing N N 79  
CYS CB  HB3  sing N N 80  
CYS SG  HG   sing N N 81  
CYS OXT HXT  sing N N 82  
GLN N   CA   sing N N 83  
GLN N   H    sing N N 84  
GLN N   H2   sing N N 85  
GLN CA  C    sing N N 86  
GLN CA  CB   sing N N 87  
GLN CA  HA   sing N N 88  
GLN C   O    doub N N 89  
GLN C   OXT  sing N N 90  
GLN CB  CG   sing N N 91  
GLN CB  HB2  sing N N 92  
GLN CB  HB3  sing N N 93  
GLN CG  CD   sing N N 94  
GLN CG  HG2  sing N N 95  
GLN CG  HG3  sing N N 96  
GLN CD  OE1  doub N N 97  
GLN CD  NE2  sing N N 98  
GLN NE2 HE21 sing N N 99  
GLN NE2 HE22 sing N N 100 
GLN OXT HXT  sing N N 101 
GLU N   CA   sing N N 102 
GLU N   H    sing N N 103 
GLU N   H2   sing N N 104 
GLU CA  C    sing N N 105 
GLU CA  CB   sing N N 106 
GLU CA  HA   sing N N 107 
GLU C   O    doub N N 108 
GLU C   OXT  sing N N 109 
GLU CB  CG   sing N N 110 
GLU CB  HB2  sing N N 111 
GLU CB  HB3  sing N N 112 
GLU CG  CD   sing N N 113 
GLU CG  HG2  sing N N 114 
GLU CG  HG3  sing N N 115 
GLU CD  OE1  doub N N 116 
GLU CD  OE2  sing N N 117 
GLU OE2 HE2  sing N N 118 
GLU OXT HXT  sing N N 119 
GLY N   CA   sing N N 120 
GLY N   H    sing N N 121 
GLY N   H2   sing N N 122 
GLY CA  C    sing N N 123 
GLY CA  HA2  sing N N 124 
GLY CA  HA3  sing N N 125 
GLY C   O    doub N N 126 
GLY C   OXT  sing N N 127 
GLY OXT HXT  sing N N 128 
HIS N   CA   sing N N 129 
HIS N   H    sing N N 130 
HIS N   H2   sing N N 131 
HIS CA  C    sing N N 132 
HIS CA  CB   sing N N 133 
HIS CA  HA   sing N N 134 
HIS C   O    doub N N 135 
HIS C   OXT  sing N N 136 
HIS CB  CG   sing N N 137 
HIS CB  HB2  sing N N 138 
HIS CB  HB3  sing N N 139 
HIS CG  ND1  sing Y N 140 
HIS CG  CD2  doub Y N 141 
HIS ND1 CE1  doub Y N 142 
HIS ND1 HD1  sing N N 143 
HIS CD2 NE2  sing Y N 144 
HIS CD2 HD2  sing N N 145 
HIS CE1 NE2  sing Y N 146 
HIS CE1 HE1  sing N N 147 
HIS NE2 HE2  sing N N 148 
HIS OXT HXT  sing N N 149 
HOH O   H1   sing N N 150 
HOH O   H2   sing N N 151 
ILE N   CA   sing N N 152 
ILE N   H    sing N N 153 
ILE N   H2   sing N N 154 
ILE CA  C    sing N N 155 
ILE CA  CB   sing N N 156 
ILE CA  HA   sing N N 157 
ILE C   O    doub N N 158 
ILE C   OXT  sing N N 159 
ILE CB  CG1  sing N N 160 
ILE CB  CG2  sing N N 161 
ILE CB  HB   sing N N 162 
ILE CG1 CD1  sing N N 163 
ILE CG1 HG12 sing N N 164 
ILE CG1 HG13 sing N N 165 
ILE CG2 HG21 sing N N 166 
ILE CG2 HG22 sing N N 167 
ILE CG2 HG23 sing N N 168 
ILE CD1 HD11 sing N N 169 
ILE CD1 HD12 sing N N 170 
ILE CD1 HD13 sing N N 171 
ILE OXT HXT  sing N N 172 
LEU N   CA   sing N N 173 
LEU N   H    sing N N 174 
LEU N   H2   sing N N 175 
LEU CA  C    sing N N 176 
LEU CA  CB   sing N N 177 
LEU CA  HA   sing N N 178 
LEU C   O    doub N N 179 
LEU C   OXT  sing N N 180 
LEU CB  CG   sing N N 181 
LEU CB  HB2  sing N N 182 
LEU CB  HB3  sing N N 183 
LEU CG  CD1  sing N N 184 
LEU CG  CD2  sing N N 185 
LEU CG  HG   sing N N 186 
LEU CD1 HD11 sing N N 187 
LEU CD1 HD12 sing N N 188 
LEU CD1 HD13 sing N N 189 
LEU CD2 HD21 sing N N 190 
LEU CD2 HD22 sing N N 191 
LEU CD2 HD23 sing N N 192 
LEU OXT HXT  sing N N 193 
LYS N   CA   sing N N 194 
LYS N   H    sing N N 195 
LYS N   H2   sing N N 196 
LYS CA  C    sing N N 197 
LYS CA  CB   sing N N 198 
LYS CA  HA   sing N N 199 
LYS C   O    doub N N 200 
LYS C   OXT  sing N N 201 
LYS CB  CG   sing N N 202 
LYS CB  HB2  sing N N 203 
LYS CB  HB3  sing N N 204 
LYS CG  CD   sing N N 205 
LYS CG  HG2  sing N N 206 
LYS CG  HG3  sing N N 207 
LYS CD  CE   sing N N 208 
LYS CD  HD2  sing N N 209 
LYS CD  HD3  sing N N 210 
LYS CE  NZ   sing N N 211 
LYS CE  HE2  sing N N 212 
LYS CE  HE3  sing N N 213 
LYS NZ  HZ1  sing N N 214 
LYS NZ  HZ2  sing N N 215 
LYS NZ  HZ3  sing N N 216 
LYS OXT HXT  sing N N 217 
MET N   CA   sing N N 218 
MET N   H    sing N N 219 
MET N   H2   sing N N 220 
MET CA  C    sing N N 221 
MET CA  CB   sing N N 222 
MET CA  HA   sing N N 223 
MET C   O    doub N N 224 
MET C   OXT  sing N N 225 
MET CB  CG   sing N N 226 
MET CB  HB2  sing N N 227 
MET CB  HB3  sing N N 228 
MET CG  SD   sing N N 229 
MET CG  HG2  sing N N 230 
MET CG  HG3  sing N N 231 
MET SD  CE   sing N N 232 
MET CE  HE1  sing N N 233 
MET CE  HE2  sing N N 234 
MET CE  HE3  sing N N 235 
MET OXT HXT  sing N N 236 
PHE N   CA   sing N N 237 
PHE N   H    sing N N 238 
PHE N   H2   sing N N 239 
PHE CA  C    sing N N 240 
PHE CA  CB   sing N N 241 
PHE CA  HA   sing N N 242 
PHE C   O    doub N N 243 
PHE C   OXT  sing N N 244 
PHE CB  CG   sing N N 245 
PHE CB  HB2  sing N N 246 
PHE CB  HB3  sing N N 247 
PHE CG  CD1  doub Y N 248 
PHE CG  CD2  sing Y N 249 
PHE CD1 CE1  sing Y N 250 
PHE CD1 HD1  sing N N 251 
PHE CD2 CE2  doub Y N 252 
PHE CD2 HD2  sing N N 253 
PHE CE1 CZ   doub Y N 254 
PHE CE1 HE1  sing N N 255 
PHE CE2 CZ   sing Y N 256 
PHE CE2 HE2  sing N N 257 
PHE CZ  HZ   sing N N 258 
PHE OXT HXT  sing N N 259 
PRO N   CA   sing N N 260 
PRO N   CD   sing N N 261 
PRO N   H    sing N N 262 
PRO CA  C    sing N N 263 
PRO CA  CB   sing N N 264 
PRO CA  HA   sing N N 265 
PRO C   O    doub N N 266 
PRO C   OXT  sing N N 267 
PRO CB  CG   sing N N 268 
PRO CB  HB2  sing N N 269 
PRO CB  HB3  sing N N 270 
PRO CG  CD   sing N N 271 
PRO CG  HG2  sing N N 272 
PRO CG  HG3  sing N N 273 
PRO CD  HD2  sing N N 274 
PRO CD  HD3  sing N N 275 
PRO OXT HXT  sing N N 276 
SER N   CA   sing N N 277 
SER N   H    sing N N 278 
SER N   H2   sing N N 279 
SER CA  C    sing N N 280 
SER CA  CB   sing N N 281 
SER CA  HA   sing N N 282 
SER C   O    doub N N 283 
SER C   OXT  sing N N 284 
SER CB  OG   sing N N 285 
SER CB  HB2  sing N N 286 
SER CB  HB3  sing N N 287 
SER OG  HG   sing N N 288 
SER OXT HXT  sing N N 289 
THR N   CA   sing N N 290 
THR N   H    sing N N 291 
THR N   H2   sing N N 292 
THR CA  C    sing N N 293 
THR CA  CB   sing N N 294 
THR CA  HA   sing N N 295 
THR C   O    doub N N 296 
THR C   OXT  sing N N 297 
THR CB  OG1  sing N N 298 
THR CB  CG2  sing N N 299 
THR CB  HB   sing N N 300 
THR OG1 HG1  sing N N 301 
THR CG2 HG21 sing N N 302 
THR CG2 HG22 sing N N 303 
THR CG2 HG23 sing N N 304 
THR OXT HXT  sing N N 305 
TRP N   CA   sing N N 306 
TRP N   H    sing N N 307 
TRP N   H2   sing N N 308 
TRP CA  C    sing N N 309 
TRP CA  CB   sing N N 310 
TRP CA  HA   sing N N 311 
TRP C   O    doub N N 312 
TRP C   OXT  sing N N 313 
TRP CB  CG   sing N N 314 
TRP CB  HB2  sing N N 315 
TRP CB  HB3  sing N N 316 
TRP CG  CD1  doub Y N 317 
TRP CG  CD2  sing Y N 318 
TRP CD1 NE1  sing Y N 319 
TRP CD1 HD1  sing N N 320 
TRP CD2 CE2  doub Y N 321 
TRP CD2 CE3  sing Y N 322 
TRP NE1 CE2  sing Y N 323 
TRP NE1 HE1  sing N N 324 
TRP CE2 CZ2  sing Y N 325 
TRP CE3 CZ3  doub Y N 326 
TRP CE3 HE3  sing N N 327 
TRP CZ2 CH2  doub Y N 328 
TRP CZ2 HZ2  sing N N 329 
TRP CZ3 CH2  sing Y N 330 
TRP CZ3 HZ3  sing N N 331 
TRP CH2 HH2  sing N N 332 
TRP OXT HXT  sing N N 333 
VAL N   CA   sing N N 334 
VAL N   H    sing N N 335 
VAL N   H2   sing N N 336 
VAL CA  C    sing N N 337 
VAL CA  CB   sing N N 338 
VAL CA  HA   sing N N 339 
VAL C   O    doub N N 340 
VAL C   OXT  sing N N 341 
VAL CB  CG1  sing N N 342 
VAL CB  CG2  sing N N 343 
VAL CB  HB   sing N N 344 
VAL CG1 HG11 sing N N 345 
VAL CG1 HG12 sing N N 346 
VAL CG1 HG13 sing N N 347 
VAL CG2 HG21 sing N N 348 
VAL CG2 HG22 sing N N 349 
VAL CG2 HG23 sing N N 350 
VAL OXT HXT  sing N N 351 
# 
_atom_sites.entry_id                    3MYI 
_atom_sites.fract_transf_matrix[1][1]   -0.01669242 
_atom_sites.fract_transf_matrix[1][2]   0.01298306 
_atom_sites.fract_transf_matrix[1][3]   -0.00355033 
_atom_sites.fract_transf_matrix[2][1]   -0.01240022 
_atom_sites.fract_transf_matrix[2][2]   0.00915471 
_atom_sites.fract_transf_matrix[2][3]   0.01490629 
_atom_sites.fract_transf_matrix[3][1]   -0.00105370 
_atom_sites.fract_transf_matrix[3][2]   0.02092067 
_atom_sites.fract_transf_matrix[3][3]   0.00458449 
_atom_sites.fract_transf_vector[1]      0.246159 
_atom_sites.fract_transf_vector[2]      0.027373 
_atom_sites.fract_transf_vector[3]      0.452792 
# 
loop_
_atom_type.symbol 
C 
N 
O 
S 
# 
loop_
_atom_site.group_PDB 
_atom_site.id 
_atom_site.type_symbol 
_atom_site.label_atom_id 
_atom_site.label_alt_id 
_atom_site.label_comp_id 
_atom_site.label_asym_id 
_atom_site.label_entity_id 
_atom_site.label_seq_id 
_atom_site.pdbx_PDB_ins_code 
_atom_site.Cartn_x 
_atom_site.Cartn_y 
_atom_site.Cartn_z 
_atom_site.occupancy 
_atom_site.B_iso_or_equiv 
_atom_site.pdbx_formal_charge 
_atom_site.auth_seq_id 
_atom_site.auth_comp_id 
_atom_site.auth_asym_id 
_atom_site.auth_atom_id 
_atom_site.pdbx_PDB_model_num 
ATOM   1    N N   . PRO A 1 3   ? -12.517 14.072  -10.385 1.00 48.29 ? 961  PRO A N   1 
ATOM   2    C CA  . PRO A 1 3   ? -11.532 14.115  -9.305  1.00 48.03 ? 961  PRO A CA  1 
ATOM   3    C C   . PRO A 1 3   ? -10.555 12.918  -9.293  1.00 47.70 ? 961  PRO A C   1 
ATOM   4    O O   . PRO A 1 3   ? -9.330  13.135  -9.188  1.00 48.20 ? 961  PRO A O   1 
ATOM   5    C CB  . PRO A 1 3   ? -12.395 14.135  -8.026  1.00 48.33 ? 961  PRO A CB  1 
ATOM   6    C CG  . PRO A 1 3   ? -13.798 13.783  -8.471  1.00 48.85 ? 961  PRO A CG  1 
ATOM   7    C CD  . PRO A 1 3   ? -13.885 14.287  -9.884  1.00 48.64 ? 961  PRO A CD  1 
ATOM   8    N N   . VAL A 1 4   ? -11.073 11.687  -9.420  1.00 45.92 ? 962  VAL A N   1 
ATOM   9    C CA  . VAL A 1 4   ? -10.274 10.491  -9.097  1.00 44.51 ? 962  VAL A CA  1 
ATOM   10   C C   . VAL A 1 4   ? -10.184 9.396   -10.160 1.00 43.18 ? 962  VAL A C   1 
ATOM   11   O O   . VAL A 1 4   ? -11.048 9.274   -11.024 1.00 43.46 ? 962  VAL A O   1 
ATOM   12   C CB  . VAL A 1 4   ? -10.728 9.822   -7.759  1.00 44.42 ? 962  VAL A CB  1 
ATOM   13   C CG1 . VAL A 1 4   ? -10.550 10.779  -6.609  1.00 44.11 ? 962  VAL A CG1 1 
ATOM   14   C CG2 . VAL A 1 4   ? -12.185 9.298   -7.850  1.00 44.59 ? 962  VAL A CG2 1 
ATOM   15   N N   . ASN A 1 5   ? -9.104  8.621   -10.078 1.00 41.20 ? 963  ASN A N   1 
ATOM   16   C CA  . ASN A 1 5   ? -9.059  7.281   -10.636 1.00 39.47 ? 963  ASN A CA  1 
ATOM   17   C C   . ASN A 1 5   ? -9.765  6.339   -9.678  1.00 38.12 ? 963  ASN A C   1 
ATOM   18   O O   . ASN A 1 5   ? -9.202  5.969   -8.654  1.00 37.74 ? 963  ASN A O   1 
ATOM   19   C CB  . ASN A 1 5   ? -7.627  6.809   -10.773 1.00 39.46 ? 963  ASN A CB  1 
ATOM   20   C CG  . ASN A 1 5   ? -7.525  5.487   -11.486 1.00 39.47 ? 963  ASN A CG  1 
ATOM   21   O OD1 . ASN A 1 5   ? -7.449  5.429   -12.721 1.00 40.01 ? 963  ASN A OD1 1 
ATOM   22   N ND2 . ASN A 1 5   ? -7.526  4.412   -10.720 1.00 37.54 ? 963  ASN A ND2 1 
ATOM   23   N N   . GLN A 1 6   ? -10.993 5.953   -10.035 1.00 36.48 ? 964  GLN A N   1 
ATOM   24   C CA  . GLN A 1 6   ? -11.877 5.116   -9.206  1.00 34.73 ? 964  GLN A CA  1 
ATOM   25   C C   . GLN A 1 6   ? -11.244 3.813   -8.699  1.00 31.98 ? 964  GLN A C   1 
ATOM   26   O O   . GLN A 1 6   ? -11.375 3.509   -7.522  1.00 31.20 ? 964  GLN A O   1 
ATOM   27   C CB  . GLN A 1 6   ? -13.210 4.813   -9.943  1.00 35.54 ? 964  GLN A CB  1 
ATOM   28   C CG  . GLN A 1 6   ? -13.086 4.783   -11.474 1.00 38.67 ? 964  GLN A CG  1 
ATOM   29   C CD  . GLN A 1 6   ? -14.280 4.182   -12.209 1.00 44.33 ? 964  GLN A CD  1 
ATOM   30   O OE1 . GLN A 1 6   ? -14.162 3.113   -12.819 1.00 47.44 ? 964  GLN A OE1 1 
ATOM   31   N NE2 . GLN A 1 6   ? -15.432 4.872   -12.169 1.00 45.86 ? 964  GLN A NE2 1 
ATOM   32   N N   . PRO A 1 7   ? -10.573 3.035   -9.577  1.00 29.63 ? 965  PRO A N   1 
ATOM   33   C CA  . PRO A 1 7   ? -10.092 1.775   -9.017  1.00 28.13 ? 965  PRO A CA  1 
ATOM   34   C C   . PRO A 1 7   ? -9.003  1.939   -7.951  1.00 26.43 ? 965  PRO A C   1 
ATOM   35   O O   . PRO A 1 7   ? -8.948  1.128   -7.036  1.00 26.70 ? 965  PRO A O   1 
ATOM   36   C CB  . PRO A 1 7   ? -9.602  0.988   -10.233 1.00 28.04 ? 965  PRO A CB  1 
ATOM   37   C CG  . PRO A 1 7   ? -9.406  1.958   -11.278 1.00 29.50 ? 965  PRO A CG  1 
ATOM   38   C CD  . PRO A 1 7   ? -10.349 3.101   -11.027 1.00 29.73 ? 965  PRO A CD  1 
ATOM   39   N N   . ILE A 1 8   ? -8.185  2.989   -8.039  1.00 24.05 ? 966  ILE A N   1 
ATOM   40   C CA  . ILE A 1 8   ? -7.172  3.247   -7.013  1.00 22.60 ? 966  ILE A CA  1 
ATOM   41   C C   . ILE A 1 8   ? -7.844  3.694   -5.709  1.00 22.48 ? 966  ILE A C   1 
ATOM   42   O O   . ILE A 1 8   ? -7.490  3.230   -4.627  1.00 21.77 ? 966  ILE A O   1 
ATOM   43   C CB  . ILE A 1 8   ? -6.085  4.282   -7.473  1.00 21.68 ? 966  ILE A CB  1 
ATOM   44   C CG1 . ILE A 1 8   ? -5.274  3.758   -8.666  1.00 19.89 ? 966  ILE A CG1 1 
ATOM   45   C CG2 . ILE A 1 8   ? -5.132  4.652   -6.315  1.00 20.34 ? 966  ILE A CG2 1 
ATOM   46   C CD1 . ILE A 1 8   ? -4.270  4.788   -9.246  1.00 18.28 ? 966  ILE A CD1 1 
ATOM   47   N N   . LEU A 1 9   ? -8.817  4.593   -5.821  1.00 22.20 ? 967  LEU A N   1 
ATOM   48   C CA  . LEU A 1 9   ? -9.556  5.026   -4.654  1.00 23.04 ? 967  LEU A CA  1 
ATOM   49   C C   . LEU A 1 9   ? -10.276 3.841   -3.997  1.00 22.58 ? 967  LEU A C   1 
ATOM   50   O O   . LEU A 1 9   ? -10.284 3.730   -2.775  1.00 23.23 ? 967  LEU A O   1 
ATOM   51   C CB  . LEU A 1 9   ? -10.540 6.155   -5.010  1.00 23.45 ? 967  LEU A CB  1 
ATOM   52   C CG  . LEU A 1 9   ? -11.370 6.699   -3.839  1.00 24.24 ? 967  LEU A CG  1 
ATOM   53   C CD1 . LEU A 1 9   ? -10.473 7.354   -2.788  1.00 22.36 ? 967  LEU A CD1 1 
ATOM   54   C CD2 . LEU A 1 9   ? -12.438 7.695   -4.353  1.00 26.79 ? 967  LEU A CD2 1 
ATOM   55   N N   . ALA A 1 10  ? -10.865 2.958   -4.797  1.00 22.17 ? 968  ALA A N   1 
ATOM   56   C CA  . ALA A 1 10  ? -11.556 1.769   -4.248  1.00 21.94 ? 968  ALA A CA  1 
ATOM   57   C C   . ALA A 1 10  ? -10.587 0.825   -3.508  1.00 21.65 ? 968  ALA A C   1 
ATOM   58   O O   . ALA A 1 10  ? -10.905 0.317   -2.429  1.00 21.20 ? 968  ALA A O   1 
ATOM   59   C CB  . ALA A 1 10  ? -12.342 1.013   -5.355  1.00 20.95 ? 968  ALA A CB  1 
ATOM   60   N N   . ALA A 1 11  ? -9.412  0.594   -4.099  1.00 21.27 ? 969  ALA A N   1 
ATOM   61   C CA  . ALA A 1 11  ? -8.342  -0.157  -3.432  1.00 20.92 ? 969  ALA A CA  1 
ATOM   62   C C   . ALA A 1 11  ? -7.950  0.500   -2.087  1.00 20.59 ? 969  ALA A C   1 
ATOM   63   O O   . ALA A 1 11  ? -7.806  -0.183  -1.085  1.00 20.57 ? 969  ALA A O   1 
ATOM   64   C CB  . ALA A 1 11  ? -7.144  -0.307  -4.347  1.00 20.53 ? 969  ALA A CB  1 
ATOM   65   N N   . ALA A 1 12  ? -7.823  1.823   -2.077  1.00 20.10 ? 970  ALA A N   1 
ATOM   66   C CA  . ALA A 1 12  ? -7.514  2.579   -0.857  1.00 19.63 ? 970  ALA A CA  1 
ATOM   67   C C   . ALA A 1 12  ? -8.588  2.405   0.229   1.00 19.94 ? 970  ALA A C   1 
ATOM   68   O O   . ALA A 1 12  ? -8.276  2.139   1.393   1.00 18.44 ? 970  ALA A O   1 
ATOM   69   C CB  . ALA A 1 12  ? -7.331  4.057   -1.198  1.00 18.52 ? 970  ALA A CB  1 
ATOM   70   N N   . GLN A 1 13  ? -9.852  2.562   -0.166  1.00 20.34 ? 971  GLN A N   1 
ATOM   71   C CA  . GLN A 1 13  ? -10.983 2.378   0.753   1.00 20.83 ? 971  GLN A CA  1 
ATOM   72   C C   . GLN A 1 13  ? -11.082 0.960   1.275   1.00 20.72 ? 971  GLN A C   1 
ATOM   73   O O   . GLN A 1 13  ? -11.368 0.754   2.434   1.00 21.67 ? 971  GLN A O   1 
ATOM   74   C CB  . GLN A 1 13  ? -12.299 2.833   0.114   1.00 20.84 ? 971  GLN A CB  1 
ATOM   75   C CG  . GLN A 1 13  ? -12.334 4.351   -0.136  1.00 22.06 ? 971  GLN A CG  1 
ATOM   76   C CD  . GLN A 1 13  ? -13.419 4.799   -1.122  1.00 26.06 ? 971  GLN A CD  1 
ATOM   77   O OE1 . GLN A 1 13  ? -14.019 3.993   -1.835  1.00 26.39 ? 971  GLN A OE1 1 
ATOM   78   N NE2 . GLN A 1 13  ? -13.675 6.108   -1.150  1.00 28.32 ? 971  GLN A NE2 1 
ATOM   79   N N   . SER A 1 14  ? -10.795 -0.004  0.422   1.00 21.19 ? 972  SER A N   1 
ATOM   80   C CA  . SER A 1 14  ? -10.756 -1.401  0.805   1.00 21.83 ? 972  SER A CA  1 
ATOM   81   C C   . SER A 1 14  ? -9.791  -1.663  1.988   1.00 22.35 ? 972  SER A C   1 
ATOM   82   O O   . SER A 1 14  ? -10.163 -2.340  2.970   1.00 21.87 ? 972  SER A O   1 
ATOM   83   C CB  . SER A 1 14  ? -10.390 -2.244  -0.405  1.00 21.35 ? 972  SER A CB  1 
ATOM   84   O OG  . SER A 1 14  ? -10.297 -3.608  -0.046  1.00 24.74 ? 972  SER A OG  1 
ATOM   85   N N   . LEU A 1 15  ? -8.573  -1.105  1.904   1.00 21.86 ? 973  LEU A N   1 
ATOM   86   C CA  . LEU A 1 15  ? -7.603  -1.230  3.005   1.00 21.19 ? 973  LEU A CA  1 
ATOM   87   C C   . LEU A 1 15  ? -8.038  -0.440  4.240   1.00 21.65 ? 973  LEU A C   1 
ATOM   88   O O   . LEU A 1 15  ? -7.891  -0.923  5.363   1.00 21.09 ? 973  LEU A O   1 
ATOM   89   C CB  . LEU A 1 15  ? -6.192  -0.811  2.575   1.00 20.54 ? 973  LEU A CB  1 
ATOM   90   C CG  . LEU A 1 15  ? -5.142  -0.737  3.705   1.00 19.26 ? 973  LEU A CG  1 
ATOM   91   C CD1 . LEU A 1 15  ? -4.901  -2.135  4.420   1.00 14.76 ? 973  LEU A CD1 1 
ATOM   92   C CD2 . LEU A 1 15  ? -3.832  -0.127  3.167   1.00 16.77 ? 973  LEU A CD2 1 
ATOM   93   N N   . HIS A 1 16  ? -8.557  0.770   4.022   1.00 22.02 ? 974  HIS A N   1 
ATOM   94   C CA  . HIS A 1 16  ? -9.097  1.606   5.096   1.00 23.68 ? 974  HIS A CA  1 
ATOM   95   C C   . HIS A 1 16  ? -10.134 0.834   5.929   1.00 23.54 ? 974  HIS A C   1 
ATOM   96   O O   . HIS A 1 16  ? -10.112 0.906   7.151   1.00 23.86 ? 974  HIS A O   1 
ATOM   97   C CB  . HIS A 1 16  ? -9.671  2.920   4.521   1.00 23.56 ? 974  HIS A CB  1 
ATOM   98   C CG  . HIS A 1 16  ? -10.810 3.500   5.312   1.00 28.23 ? 974  HIS A CG  1 
ATOM   99   N ND1 . HIS A 1 16  ? -12.136 3.202   5.046   1.00 32.38 ? 974  HIS A ND1 1 
ATOM   100  C CD2 . HIS A 1 16  ? -10.827 4.378   6.347   1.00 29.08 ? 974  HIS A CD2 1 
ATOM   101  C CE1 . HIS A 1 16  ? -12.915 3.850   5.895   1.00 30.76 ? 974  HIS A CE1 1 
ATOM   102  N NE2 . HIS A 1 16  ? -12.146 4.587   6.680   1.00 32.12 ? 974  HIS A NE2 1 
ATOM   103  N N   . ARG A 1 17  ? -11.002 0.071   5.263   1.00 23.37 ? 975  ARG A N   1 
ATOM   104  C CA  . ARG A 1 17  ? -12.071 -0.664  5.944   1.00 24.23 ? 975  ARG A CA  1 
ATOM   105  C C   . ARG A 1 17  ? -11.502 -1.701  6.886   1.00 23.72 ? 975  ARG A C   1 
ATOM   106  O O   . ARG A 1 17  ? -11.990 -1.821  8.000   1.00 23.37 ? 975  ARG A O   1 
ATOM   107  C CB  . ARG A 1 17  ? -13.047 -1.337  4.957   1.00 24.12 ? 975  ARG A CB  1 
ATOM   108  C CG  . ARG A 1 17  ? -13.916 -0.380  4.181   1.00 25.64 ? 975  ARG A CG  1 
ATOM   109  C CD  . ARG A 1 17  ? -15.078 -1.128  3.505   1.00 27.96 ? 975  ARG A CD  1 
ATOM   110  N NE  . ARG A 1 17  ? -14.679 -1.916  2.323   1.00 30.58 ? 975  ARG A NE  1 
ATOM   111  C CZ  . ARG A 1 17  ? -14.497 -1.400  1.102   1.00 30.90 ? 975  ARG A CZ  1 
ATOM   112  N NH1 . ARG A 1 17  ? -14.642 -0.101  0.886   1.00 29.34 ? 975  ARG A NH1 1 
ATOM   113  N NH2 . ARG A 1 17  ? -14.152 -2.185  0.092   1.00 32.92 ? 975  ARG A NH2 1 
ATOM   114  N N   . GLU A 1 18  ? -10.475 -2.439  6.445   1.00 23.04 ? 976  GLU A N   1 
ATOM   115  C CA  . GLU A 1 18  ? -9.821  -3.424  7.313   1.00 22.74 ? 976  GLU A CA  1 
ATOM   116  C C   . GLU A 1 18  ? -9.061  -2.737  8.437   1.00 22.64 ? 976  GLU A C   1 
ATOM   117  O O   . GLU A 1 18  ? -9.191  -3.106  9.606   1.00 22.59 ? 976  GLU A O   1 
ATOM   118  C CB  . GLU A 1 18  ? -8.874  -4.348  6.520   1.00 22.94 ? 976  GLU A CB  1 
ATOM   119  C CG  . GLU A 1 18  ? -8.261  -5.516  7.334   1.00 22.68 ? 976  GLU A CG  1 
ATOM   120  C CD  . GLU A 1 18  ? -9.269  -6.647  7.677   1.00 23.81 ? 976  GLU A CD  1 
ATOM   121  O OE1 . GLU A 1 18  ? -10.294 -6.808  6.993   1.00 24.48 ? 976  GLU A OE1 1 
ATOM   122  O OE2 . GLU A 1 18  ? -9.041  -7.375  8.655   1.00 26.17 ? 976  GLU A OE2 1 
ATOM   123  N N   . ALA A 1 19  ? -8.266  -1.727  8.103   1.00 22.86 ? 977  ALA A N   1 
ATOM   124  C CA  . ALA A 1 19  ? -7.427  -1.096  9.131   1.00 22.72 ? 977  ALA A CA  1 
ATOM   125  C C   . ALA A 1 19  ? -8.273  -0.415  10.220  1.00 23.16 ? 977  ALA A C   1 
ATOM   126  O O   . ALA A 1 19  ? -7.876  -0.384  11.387  1.00 22.25 ? 977  ALA A O   1 
ATOM   127  C CB  . ALA A 1 19  ? -6.450  -0.118  8.505   1.00 22.93 ? 977  ALA A CB  1 
ATOM   128  N N   . THR A 1 20  ? -9.434  0.129   9.845   1.00 24.00 ? 978  THR A N   1 
ATOM   129  C CA  . THR A 1 20  ? -10.266 0.839   10.831  1.00 25.84 ? 978  THR A CA  1 
ATOM   130  C C   . THR A 1 20  ? -11.159 -0.092  11.662  1.00 26.60 ? 978  THR A C   1 
ATOM   131  O O   . THR A 1 20  ? -11.998 0.375   12.428  1.00 27.45 ? 978  THR A O   1 
ATOM   132  C CB  . THR A 1 20  ? -11.091 2.008   10.232  1.00 25.53 ? 978  THR A CB  1 
ATOM   133  O OG1 . THR A 1 20  ? -11.998 1.508   9.249   1.00 26.28 ? 978  THR A OG1 1 
ATOM   134  C CG2 . THR A 1 20  ? -10.177 3.048   9.595   1.00 25.81 ? 978  THR A CG2 1 
ATOM   135  N N   . LYS A 1 21  ? -10.957 -1.402  11.527  1.00 26.87 ? 979  LYS A N   1 
ATOM   136  C CA  . LYS A 1 21  ? -11.489 -2.366  12.492  1.00 26.55 ? 979  LYS A CA  1 
ATOM   137  C C   . LYS A 1 21  ? -10.819 -2.216  13.868  1.00 26.27 ? 979  LYS A C   1 
ATOM   138  O O   . LYS A 1 21  ? -11.403 -2.575  14.908  1.00 25.57 ? 979  LYS A O   1 
ATOM   139  C CB  . LYS A 1 21  ? -11.327 -3.801  11.961  1.00 26.59 ? 979  LYS A CB  1 
ATOM   140  C CG  . LYS A 1 21  ? -12.307 -4.155  10.842  1.00 27.37 ? 979  LYS A CG  1 
ATOM   141  C CD  . LYS A 1 21  ? -11.923 -5.453  10.124  1.00 29.12 ? 979  LYS A CD  1 
ATOM   142  C CE  . LYS A 1 21  ? -12.123 -6.703  10.983  1.00 29.71 ? 979  LYS A CE  1 
ATOM   143  N NZ  . LYS A 1 21  ? -11.448 -7.905  10.367  1.00 30.11 ? 979  LYS A NZ  1 
ATOM   144  N N   . TRP A 1 22  ? -9.610  -1.657  13.880  1.00 25.93 ? 980  TRP A N   1 
ATOM   145  C CA  . TRP A 1 22  ? -8.820  -1.585  15.109  1.00 25.45 ? 980  TRP A CA  1 
ATOM   146  C C   . TRP A 1 22  ? -8.254  -0.202  15.383  1.00 25.84 ? 980  TRP A C   1 
ATOM   147  O O   . TRP A 1 22  ? -8.116  0.620   14.470  1.00 25.41 ? 980  TRP A O   1 
ATOM   148  C CB  . TRP A 1 22  ? -7.658  -2.575  15.064  1.00 25.55 ? 980  TRP A CB  1 
ATOM   149  C CG  . TRP A 1 22  ? -8.065  -4.030  15.065  1.00 26.72 ? 980  TRP A CG  1 
ATOM   150  C CD1 . TRP A 1 22  ? -8.413  -4.806  16.163  1.00 26.78 ? 980  TRP A CD1 1 
ATOM   151  C CD2 . TRP A 1 22  ? -8.149  -4.887  13.928  1.00 26.83 ? 980  TRP A CD2 1 
ATOM   152  N NE1 . TRP A 1 22  ? -8.711  -6.088  15.756  1.00 29.15 ? 980  TRP A NE1 1 
ATOM   153  C CE2 . TRP A 1 22  ? -8.556  -6.169  14.395  1.00 29.40 ? 980  TRP A CE2 1 
ATOM   154  C CE3 . TRP A 1 22  ? -7.917  -4.707  12.560  1.00 26.08 ? 980  TRP A CE3 1 
ATOM   155  C CZ2 . TRP A 1 22  ? -8.748  -7.254  13.528  1.00 30.58 ? 980  TRP A CZ2 1 
ATOM   156  C CZ3 . TRP A 1 22  ? -8.104  -5.781  11.702  1.00 27.42 ? 980  TRP A CZ3 1 
ATOM   157  C CH2 . TRP A 1 22  ? -8.504  -7.040  12.182  1.00 29.65 ? 980  TRP A CH2 1 
ATOM   158  N N   . SER A 1 23  ? -7.909  0.019   16.651  1.00 25.21 ? 981  SER A N   1 
ATOM   159  C CA  . SER A 1 23  ? -7.305  1.246   17.118  1.00 25.80 ? 981  SER A CA  1 
ATOM   160  C C   . SER A 1 23  ? -5.809  1.280   16.799  1.00 25.79 ? 981  SER A C   1 
ATOM   161  O O   . SER A 1 23  ? -5.138  0.232   16.785  1.00 25.60 ? 981  SER A O   1 
ATOM   162  C CB  . SER A 1 23  ? -7.540  1.388   18.627  1.00 25.63 ? 981  SER A CB  1 
ATOM   163  O OG  . SER A 1 23  ? -6.929  2.552   19.130  1.00 26.63 ? 981  SER A OG  1 
ATOM   164  N N   . SER A 1 24  ? -5.300  2.489   16.542  1.00 25.66 ? 982  SER A N   1 
ATOM   165  C CA  . SER A 1 24  ? -3.885  2.705   16.249  1.00 26.27 ? 982  SER A CA  1 
ATOM   166  C C   . SER A 1 24  ? -3.059  2.769   17.522  1.00 26.46 ? 982  SER A C   1 
ATOM   167  O O   . SER A 1 24  ? -1.835  2.631   17.486  1.00 26.07 ? 982  SER A O   1 
ATOM   168  C CB  . SER A 1 24  ? -3.685  4.018   15.480  1.00 25.99 ? 982  SER A CB  1 
ATOM   169  O OG  . SER A 1 24  ? -4.426  4.022   14.281  1.00 25.78 ? 982  SER A OG  1 
ATOM   170  N N   . LYS A 1 25  ? -3.749  3.002   18.631  1.00 27.24 ? 983  LYS A N   1 
ATOM   171  C CA  . LYS A 1 25  ? -3.134  3.170   19.946  1.00 28.74 ? 983  LYS A CA  1 
ATOM   172  C C   . LYS A 1 25  ? -2.375  1.923   20.316  1.00 28.05 ? 983  LYS A C   1 
ATOM   173  O O   . LYS A 1 25  ? -2.970  0.852   20.495  1.00 27.96 ? 983  LYS A O   1 
ATOM   174  C CB  . LYS A 1 25  ? -4.205  3.471   21.011  1.00 29.46 ? 983  LYS A CB  1 
ATOM   175  C CG  . LYS A 1 25  ? -4.339  4.947   21.400  1.00 33.71 ? 983  LYS A CG  1 
ATOM   176  C CD  . LYS A 1 25  ? -4.924  5.827   20.292  1.00 38.53 ? 983  LYS A CD  1 
ATOM   177  C CE  . LYS A 1 25  ? -3.828  6.404   19.377  1.00 41.69 ? 983  LYS A CE  1 
ATOM   178  N NZ  . LYS A 1 25  ? -4.359  7.513   18.520  1.00 43.54 ? 983  LYS A NZ  1 
ATOM   179  N N   . GLY A 1 26  ? -1.058  2.069   20.396  1.00 27.45 ? 984  GLY A N   1 
ATOM   180  C CA  . GLY A 1 26  ? -0.178  0.950   20.682  1.00 27.28 ? 984  GLY A CA  1 
ATOM   181  C C   . GLY A 1 26  ? -0.100  -0.074  19.565  1.00 27.42 ? 984  GLY A C   1 
ATOM   182  O O   . GLY A 1 26  ? 0.322   -1.224  19.808  1.00 28.12 ? 984  GLY A O   1 
ATOM   183  N N   . ASN A 1 27  ? -0.508  0.321   18.346  1.00 26.20 ? 985  ASN A N   1 
ATOM   184  C CA  . ASN A 1 27  ? -0.423  -0.572  17.177  1.00 25.08 ? 985  ASN A CA  1 
ATOM   185  C C   . ASN A 1 27  ? 0.052   0.146   15.908  1.00 24.06 ? 985  ASN A C   1 
ATOM   186  O O   . ASN A 1 27  ? -0.743  0.750   15.193  1.00 23.51 ? 985  ASN A O   1 
ATOM   187  C CB  . ASN A 1 27  ? -1.753  -1.316  16.918  1.00 24.42 ? 985  ASN A CB  1 
ATOM   188  C CG  . ASN A 1 27  ? -1.582  -2.510  15.968  1.00 25.68 ? 985  ASN A CG  1 
ATOM   189  O OD1 . ASN A 1 27  ? -0.678  -2.529  15.123  1.00 26.97 ? 985  ASN A OD1 1 
ATOM   190  N ND2 . ASN A 1 27  ? -2.441  -3.516  16.112  1.00 24.91 ? 985  ASN A ND2 1 
ATOM   191  N N   . ASP A 1 28  ? 1.346   0.051   15.632  1.00 23.50 ? 986  ASP A N   1 
ATOM   192  C CA  . ASP A 1 28  ? 1.933   0.779   14.519  1.00 23.69 ? 986  ASP A CA  1 
ATOM   193  C C   . ASP A 1 28  ? 1.714   0.104   13.166  1.00 22.73 ? 986  ASP A C   1 
ATOM   194  O O   . ASP A 1 28  ? 1.993   0.702   12.125  1.00 22.77 ? 986  ASP A O   1 
ATOM   195  C CB  . ASP A 1 28  ? 3.420   1.050   14.777  1.00 24.43 ? 986  ASP A CB  1 
ATOM   196  C CG  . ASP A 1 28  ? 3.640   2.191   15.767  1.00 28.12 ? 986  ASP A CG  1 
ATOM   197  O OD1 . ASP A 1 28  ? 2.801   3.132   15.818  1.00 29.45 ? 986  ASP A OD1 1 
ATOM   198  O OD2 . ASP A 1 28  ? 4.663   2.154   16.494  1.00 33.92 ? 986  ASP A OD2 1 
ATOM   199  N N   . ILE A 1 29  ? 1.227   -1.138  13.176  1.00 21.49 ? 987  ILE A N   1 
ATOM   200  C CA  . ILE A 1 29  ? 0.797   -1.786  11.936  1.00 20.38 ? 987  ILE A CA  1 
ATOM   201  C C   . ILE A 1 29  ? -0.484  -1.106  11.493  1.00 19.48 ? 987  ILE A C   1 
ATOM   202  O O   . ILE A 1 29  ? -0.596  -0.648  10.357  1.00 19.16 ? 987  ILE A O   1 
ATOM   203  C CB  . ILE A 1 29  ? 0.582   -3.313  12.102  1.00 20.49 ? 987  ILE A CB  1 
ATOM   204  C CG1 . ILE A 1 29  ? 1.928   -4.041  12.156  1.00 20.55 ? 987  ILE A CG1 1 
ATOM   205  C CG2 . ILE A 1 29  ? -0.274  -3.882  10.961  1.00 18.88 ? 987  ILE A CG2 1 
ATOM   206  C CD1 . ILE A 1 29  ? 1.831   -5.561  12.540  1.00 18.89 ? 987  ILE A CD1 1 
ATOM   207  N N   . ILE A 1 30  ? -1.435  -1.020  12.410  1.00 19.21 ? 988  ILE A N   1 
ATOM   208  C CA  . ILE A 1 30  ? -2.674  -0.322  12.163  1.00 19.46 ? 988  ILE A CA  1 
ATOM   209  C C   . ILE A 1 30  ? -2.438  1.145   11.765  1.00 20.08 ? 988  ILE A C   1 
ATOM   210  O O   . ILE A 1 30  ? -2.970  1.578   10.746  1.00 21.17 ? 988  ILE A O   1 
ATOM   211  C CB  . ILE A 1 30  ? -3.653  -0.440  13.372  1.00 19.60 ? 988  ILE A CB  1 
ATOM   212  C CG1 . ILE A 1 30  ? -4.104  -1.901  13.553  1.00 19.25 ? 988  ILE A CG1 1 
ATOM   213  C CG2 . ILE A 1 30  ? -4.849  0.479   13.184  1.00 18.22 ? 988  ILE A CG2 1 
ATOM   214  C CD1 . ILE A 1 30  ? -4.754  -2.522  12.323  1.00 16.79 ? 988  ILE A CD1 1 
ATOM   215  N N   . ALA A 1 31  ? -1.638  1.896   12.527  1.00 19.26 ? 989  ALA A N   1 
ATOM   216  C CA  . ALA A 1 31  ? -1.351  3.306   12.157  1.00 19.78 ? 989  ALA A CA  1 
ATOM   217  C C   . ALA A 1 31  ? -0.764  3.450   10.740  1.00 19.46 ? 989  ALA A C   1 
ATOM   218  O O   . ALA A 1 31  ? -1.249  4.256   9.926   1.00 19.65 ? 989  ALA A O   1 
ATOM   219  C CB  . ALA A 1 31  ? -0.405  3.981   13.205  1.00 19.44 ? 989  ALA A CB  1 
ATOM   220  N N   . ALA A 1 32  ? 0.283   2.671   10.456  1.00 19.20 ? 990  ALA A N   1 
ATOM   221  C CA  . ALA A 1 32  ? 0.924   2.697   9.125   1.00 18.57 ? 990  ALA A CA  1 
ATOM   222  C C   . ALA A 1 32  ? -0.051  2.309   8.001   1.00 17.82 ? 990  ALA A C   1 
ATOM   223  O O   . ALA A 1 32  ? -0.076  2.954   6.966   1.00 16.92 ? 990  ALA A O   1 
ATOM   224  C CB  . ALA A 1 32  ? 2.177   1.822   9.091   1.00 17.59 ? 990  ALA A CB  1 
ATOM   225  N N   . ALA A 1 33  ? -0.851  1.269   8.216   1.00 17.57 ? 991  ALA A N   1 
ATOM   226  C CA  . ALA A 1 33  ? -1.859  0.856   7.233   1.00 17.67 ? 991  ALA A CA  1 
ATOM   227  C C   . ALA A 1 33  ? -2.926  1.946   6.946   1.00 18.14 ? 991  ALA A C   1 
ATOM   228  O O   . ALA A 1 33  ? -3.374  2.111   5.802   1.00 17.25 ? 991  ALA A O   1 
ATOM   229  C CB  . ALA A 1 33  ? -2.533  -0.434  7.668   1.00 17.54 ? 991  ALA A CB  1 
ATOM   230  N N   . LYS A 1 34  ? -3.347  2.658   7.991   1.00 19.08 ? 992  LYS A N   1 
ATOM   231  C CA  . LYS A 1 34  ? -4.252  3.806   7.842   1.00 19.12 ? 992  LYS A CA  1 
ATOM   232  C C   . LYS A 1 34  ? -3.591  4.941   7.064   1.00 19.00 ? 992  LYS A C   1 
ATOM   233  O O   . LYS A 1 34  ? -4.223  5.562   6.205   1.00 19.35 ? 992  LYS A O   1 
ATOM   234  C CB  . LYS A 1 34  ? -4.713  4.303   9.203   1.00 19.80 ? 992  LYS A CB  1 
ATOM   235  C CG  . LYS A 1 34  ? -5.897  3.527   9.804   1.00 20.88 ? 992  LYS A CG  1 
ATOM   236  C CD  . LYS A 1 34  ? -5.989  3.777   11.311  1.00 22.57 ? 992  LYS A CD  1 
ATOM   237  C CE  . LYS A 1 34  ? -7.189  3.029   11.943  1.00 23.13 ? 992  LYS A CE  1 
ATOM   238  N NZ  . LYS A 1 34  ? -7.032  3.029   13.424  1.00 24.32 ? 992  LYS A NZ  1 
ATOM   239  N N   A ARG A 1 35  ? -2.324  5.234   7.360   0.50 19.36 ? 993  ARG A N   1 
ATOM   240  N N   B ARG A 1 35  ? -2.331  5.199   7.391   0.50 19.25 ? 993  ARG A N   1 
ATOM   241  C CA  A ARG A 1 35  ? -1.601  6.265   6.600   0.50 19.18 ? 993  ARG A CA  1 
ATOM   242  C CA  B ARG A 1 35  ? -1.495  6.166   6.691   0.50 19.03 ? 993  ARG A CA  1 
ATOM   243  C C   A ARG A 1 35  ? -1.492  5.832   5.130   0.50 19.05 ? 993  ARG A C   1 
ATOM   244  C C   B ARG A 1 35  ? -1.450  5.825   5.192   0.50 18.93 ? 993  ARG A C   1 
ATOM   245  O O   A ARG A 1 35  ? -1.734  6.643   4.229   0.50 18.73 ? 993  ARG A O   1 
ATOM   246  O O   B ARG A 1 35  ? -1.702  6.685   4.340   0.50 18.67 ? 993  ARG A O   1 
ATOM   247  C CB  A ARG A 1 35  ? -0.217  6.582   7.190   0.50 19.42 ? 993  ARG A CB  1 
ATOM   248  C CB  B ARG A 1 35  ? -0.098  6.143   7.309   0.50 18.93 ? 993  ARG A CB  1 
ATOM   249  C CG  A ARG A 1 35  ? 0.326   7.985   6.769   0.50 20.55 ? 993  ARG A CG  1 
ATOM   250  C CG  B ARG A 1 35  ? 0.883   7.118   6.705   0.50 20.51 ? 993  ARG A CG  1 
ATOM   251  C CD  A ARG A 1 35  ? 1.877   8.110   6.823   0.50 22.88 ? 993  ARG A CD  1 
ATOM   252  C CD  B ARG A 1 35  ? 1.966   7.500   7.705   0.50 20.40 ? 993  ARG A CD  1 
ATOM   253  N NE  A ARG A 1 35  ? 2.390   8.386   8.164   0.50 25.09 ? 993  ARG A NE  1 
ATOM   254  N NE  B ARG A 1 35  ? 2.881   6.405   8.010   0.50 19.13 ? 993  ARG A NE  1 
ATOM   255  C CZ  A ARG A 1 35  ? 3.189   9.405   8.487   0.50 25.56 ? 993  ARG A CZ  1 
ATOM   256  C CZ  B ARG A 1 35  ? 2.980   5.808   9.198   0.50 19.38 ? 993  ARG A CZ  1 
ATOM   257  N NH1 A ARG A 1 35  ? 3.608   10.269  7.566   0.50 26.01 ? 993  ARG A NH1 1 
ATOM   258  N NH1 B ARG A 1 35  ? 2.221   6.183   10.226  0.50 16.97 ? 993  ARG A NH1 1 
ATOM   259  N NH2 A ARG A 1 35  ? 3.583   9.552   9.745   0.50 24.55 ? 993  ARG A NH2 1 
ATOM   260  N NH2 B ARG A 1 35  ? 3.858   4.831   9.359   0.50 17.53 ? 993  ARG A NH2 1 
ATOM   261  N N   . MET A 1 36  ? -1.180  4.551   4.897   1.00 18.39 ? 994  MET A N   1 
ATOM   262  C CA  . MET A 1 36  ? -1.108  4.012   3.528   1.00 18.80 ? 994  MET A CA  1 
ATOM   263  C C   . MET A 1 36  ? -2.392  4.186   2.729   1.00 17.96 ? 994  MET A C   1 
ATOM   264  O O   . MET A 1 36  ? -2.339  4.668   1.596   1.00 17.87 ? 994  MET A O   1 
ATOM   265  C CB  . MET A 1 36  ? -0.719  2.539   3.524   1.00 18.01 ? 994  MET A CB  1 
ATOM   266  C CG  . MET A 1 36  ? 0.729   2.332   3.823   1.00 20.38 ? 994  MET A CG  1 
ATOM   267  S SD  . MET A 1 36  ? 1.214   0.593   3.667   1.00 23.00 ? 994  MET A SD  1 
ATOM   268  C CE  . MET A 1 36  ? 0.963   0.413   1.902   1.00 21.87 ? 994  MET A CE  1 
ATOM   269  N N   . ALA A 1 37  ? -3.529  3.815   3.325   1.00 17.77 ? 995  ALA A N   1 
ATOM   270  C CA  . ALA A 1 37  ? -4.845  3.996   2.686   1.00 17.98 ? 995  ALA A CA  1 
ATOM   271  C C   . ALA A 1 37  ? -5.135  5.467   2.371   1.00 17.62 ? 995  ALA A C   1 
ATOM   272  O O   . ALA A 1 37  ? -5.573  5.770   1.278   1.00 18.45 ? 995  ALA A O   1 
ATOM   273  C CB  . ALA A 1 37  ? -5.994  3.367   3.553   1.00 17.57 ? 995  ALA A CB  1 
ATOM   274  N N   . LEU A 1 38  ? -4.866  6.378   3.313   1.00 17.66 ? 996  LEU A N   1 
ATOM   275  C CA  . LEU A 1 38  ? -5.073  7.833   3.099   1.00 16.90 ? 996  LEU A CA  1 
ATOM   276  C C   . LEU A 1 38  ? -4.196  8.377   1.970   1.00 15.94 ? 996  LEU A C   1 
ATOM   277  O O   . LEU A 1 38  ? -4.638  9.181   1.149   1.00 15.91 ? 996  LEU A O   1 
ATOM   278  C CB  . LEU A 1 38  ? -4.770  8.627   4.388   1.00 16.79 ? 996  LEU A CB  1 
ATOM   279  C CG  . LEU A 1 38  ? -5.734  8.563   5.590   1.00 18.95 ? 996  LEU A CG  1 
ATOM   280  C CD1 . LEU A 1 38  ? -5.155  9.250   6.836   1.00 19.50 ? 996  LEU A CD1 1 
ATOM   281  C CD2 . LEU A 1 38  ? -7.071  9.182   5.254   1.00 17.62 ? 996  LEU A CD2 1 
ATOM   282  N N   . LEU A 1 39  ? -2.942  7.947   1.950   1.00 15.04 ? 997  LEU A N   1 
ATOM   283  C CA  . LEU A 1 39  ? -2.009  8.361   0.914   1.00 14.45 ? 997  LEU A CA  1 
ATOM   284  C C   . LEU A 1 39  ? -2.362  7.767   -0.454  1.00 14.38 ? 997  LEU A C   1 
ATOM   285  O O   . LEU A 1 39  ? -2.240  8.432   -1.477  1.00 13.72 ? 997  LEU A O   1 
ATOM   286  C CB  . LEU A 1 39  ? -0.588  8.005   1.309   1.00 14.46 ? 997  LEU A CB  1 
ATOM   287  C CG  . LEU A 1 39  ? 0.098   8.761   2.450   1.00 13.77 ? 997  LEU A CG  1 
ATOM   288  C CD1 . LEU A 1 39  ? 1.350   7.966   2.823   1.00 12.47 ? 997  LEU A CD1 1 
ATOM   289  C CD2 . LEU A 1 39  ? 0.441   10.207  2.079   1.00 11.59 ? 997  LEU A CD2 1 
ATOM   290  N N   . MET A 1 40  ? -2.826  6.524   -0.464  1.00 14.47 ? 998  MET A N   1 
ATOM   291  C CA  . MET A 1 40  ? -3.252  5.905   -1.717  1.00 15.71 ? 998  MET A CA  1 
ATOM   292  C C   . MET A 1 40  ? -4.488  6.603   -2.295  1.00 16.01 ? 998  MET A C   1 
ATOM   293  O O   . MET A 1 40  ? -4.615  6.662   -3.501  1.00 14.83 ? 998  MET A O   1 
ATOM   294  C CB  . MET A 1 40  ? -3.482  4.382   -1.558  1.00 15.82 ? 998  MET A CB  1 
ATOM   295  C CG  . MET A 1 40  ? -3.741  3.637   -2.881  1.00 17.86 ? 998  MET A CG  1 
ATOM   296  S SD  . MET A 1 40  ? -2.379  3.749   -4.072  1.00 20.99 ? 998  MET A SD  1 
ATOM   297  C CE  . MET A 1 40  ? -1.326  2.445   -3.398  1.00 18.63 ? 998  MET A CE  1 
ATOM   298  N N   . ALA A 1 41  ? -5.382  7.140   -1.445  1.00 16.82 ? 999  ALA A N   1 
ATOM   299  C CA  . ALA A 1 41  ? -6.515  7.962   -1.934  1.00 17.94 ? 999  ALA A CA  1 
ATOM   300  C C   . ALA A 1 41  ? -6.030  9.245   -2.603  1.00 18.43 ? 999  ALA A C   1 
ATOM   301  O O   . ALA A 1 41  ? -6.610  9.697   -3.584  1.00 19.79 ? 999  ALA A O   1 
ATOM   302  C CB  . ALA A 1 41  ? -7.506  8.320   -0.792  1.00 18.23 ? 999  ALA A CB  1 
ATOM   303  N N   . GLU A 1 42  ? -4.987  9.848   -2.042  1.00 18.99 ? 1000 GLU A N   1 
ATOM   304  C CA  . GLU A 1 42  ? -4.342  11.013  -2.637  1.00 18.94 ? 1000 GLU A CA  1 
ATOM   305  C C   . GLU A 1 42  ? -3.729  10.662  -3.999  1.00 18.77 ? 1000 GLU A C   1 
ATOM   306  O O   . GLU A 1 42  ? -3.855  11.405  -4.976  1.00 17.55 ? 1000 GLU A O   1 
ATOM   307  C CB  . GLU A 1 42  ? -3.279  11.550  -1.686  1.00 18.95 ? 1000 GLU A CB  1 
ATOM   308  C CG  . GLU A 1 42  ? -2.377  12.591  -2.327  1.00 22.36 ? 1000 GLU A CG  1 
ATOM   309  C CD  . GLU A 1 42  ? -3.102  13.870  -2.720  1.00 26.29 ? 1000 GLU A CD  1 
ATOM   310  O OE1 . GLU A 1 42  ? -4.325  13.990  -2.493  1.00 26.65 ? 1000 GLU A OE1 1 
ATOM   311  O OE2 . GLU A 1 42  ? -2.438  14.765  -3.284  1.00 29.79 ? 1000 GLU A OE2 1 
ATOM   312  N N   . MET A 1 43  ? -3.091  9.506   -4.055  1.00 19.08 ? 1001 MET A N   1 
ATOM   313  C CA  . MET A 1 43  ? -2.578  8.969   -5.307  1.00 20.95 ? 1001 MET A CA  1 
ATOM   314  C C   . MET A 1 43  ? -3.645  8.905   -6.434  1.00 20.50 ? 1001 MET A C   1 
ATOM   315  O O   . MET A 1 43  ? -3.381  9.296   -7.576  1.00 19.91 ? 1001 MET A O   1 
ATOM   316  C CB  . MET A 1 43  ? -2.005  7.584   -5.039  1.00 21.25 ? 1001 MET A CB  1 
ATOM   317  C CG  . MET A 1 43  ? -1.071  7.114   -6.070  1.00 28.94 ? 1001 MET A CG  1 
ATOM   318  S SD  . MET A 1 43  ? 0.592   7.652   -5.619  1.00 40.91 ? 1001 MET A SD  1 
ATOM   319  C CE  . MET A 1 43  ? 1.460   6.702   -6.842  1.00 37.95 ? 1001 MET A CE  1 
ATOM   320  N N   . SER A 1 44  ? -4.838  8.421   -6.132  1.00 20.86 ? 1002 SER A N   1 
ATOM   321  C CA  . SER A 1 44  ? -5.868  8.360   -7.170  1.00 23.03 ? 1002 SER A CA  1 
ATOM   322  C C   . SER A 1 44  ? -6.293  9.755   -7.674  1.00 23.41 ? 1002 SER A C   1 
ATOM   323  O O   . SER A 1 44  ? -6.668  9.891   -8.827  1.00 23.26 ? 1002 SER A O   1 
ATOM   324  C CB  . SER A 1 44  ? -7.096  7.579   -6.708  1.00 22.52 ? 1002 SER A CB  1 
ATOM   325  O OG  . SER A 1 44  ? -7.971  8.431   -6.016  1.00 25.05 ? 1002 SER A OG  1 
ATOM   326  N N   . ARG A 1 45  ? -6.235  10.769  -6.808  1.00 24.73 ? 1003 ARG A N   1 
ATOM   327  C CA  . ARG A 1 45  ? -6.466  12.165  -7.230  1.00 25.89 ? 1003 ARG A CA  1 
ATOM   328  C C   . ARG A 1 45  ? -5.356  12.611  -8.172  1.00 26.72 ? 1003 ARG A C   1 
ATOM   329  O O   . ARG A 1 45  ? -5.624  13.139  -9.249  1.00 27.26 ? 1003 ARG A O   1 
ATOM   330  C CB  . ARG A 1 45  ? -6.515  13.118  -6.034  1.00 24.98 ? 1003 ARG A CB  1 
ATOM   331  C CG  . ARG A 1 45  ? -7.743  12.949  -5.169  1.00 27.02 ? 1003 ARG A CG  1 
ATOM   332  C CD  . ARG A 1 45  ? -7.719  13.815  -3.875  1.00 26.28 ? 1003 ARG A CD  1 
ATOM   333  N NE  . ARG A 1 45  ? -8.533  13.121  -2.894  1.00 27.79 ? 1003 ARG A NE  1 
ATOM   334  C CZ  . ARG A 1 45  ? -8.107  12.577  -1.756  1.00 26.41 ? 1003 ARG A CZ  1 
ATOM   335  N NH1 . ARG A 1 45  ? -6.847  12.715  -1.333  1.00 25.12 ? 1003 ARG A NH1 1 
ATOM   336  N NH2 . ARG A 1 45  ? -8.990  11.925  -1.016  1.00 25.91 ? 1003 ARG A NH2 1 
ATOM   337  N N   . LEU A 1 46  ? -4.114  12.365  -7.776  1.00 27.69 ? 1004 LEU A N   1 
ATOM   338  C CA  . LEU A 1 46  ? -2.962  12.815  -8.529  1.00 29.69 ? 1004 LEU A CA  1 
ATOM   339  C C   . LEU A 1 46  ? -2.809  12.208  -9.919  1.00 32.34 ? 1004 LEU A C   1 
ATOM   340  O O   . LEU A 1 46  ? -2.397  12.914  -10.842 1.00 32.77 ? 1004 LEU A O   1 
ATOM   341  C CB  . LEU A 1 46  ? -1.674  12.590  -7.746  1.00 28.23 ? 1004 LEU A CB  1 
ATOM   342  C CG  . LEU A 1 46  ? -1.515  13.358  -6.451  1.00 27.57 ? 1004 LEU A CG  1 
ATOM   343  C CD1 . LEU A 1 46  ? -0.309  12.826  -5.715  1.00 22.58 ? 1004 LEU A CD1 1 
ATOM   344  C CD2 . LEU A 1 46  ? -1.423  14.874  -6.708  1.00 26.55 ? 1004 LEU A CD2 1 
ATOM   345  N N   . VAL A 1 47  ? -3.091  10.911  -10.066 1.00 34.56 ? 1005 VAL A N   1 
ATOM   346  C CA  A VAL A 1 47  ? -2.979  10.256  -11.365 0.50 36.44 ? 1005 VAL A CA  1 
ATOM   347  C CA  B VAL A 1 47  ? -2.981  10.267  -11.376 0.50 36.27 ? 1005 VAL A CA  1 
ATOM   348  C C   . VAL A 1 47  ? -4.065  10.818  -12.305 1.00 37.96 ? 1005 VAL A C   1 
ATOM   349  O O   . VAL A 1 47  ? -3.863  10.895  -13.518 1.00 38.58 ? 1005 VAL A O   1 
ATOM   350  C CB  A VAL A 1 47  ? -3.003  8.689   -11.243 0.50 36.18 ? 1005 VAL A CB  1 
ATOM   351  C CB  B VAL A 1 47  ? -3.021  8.698   -11.322 0.50 35.99 ? 1005 VAL A CB  1 
ATOM   352  C CG1 A VAL A 1 47  ? -4.380  8.183   -10.899 0.50 35.88 ? 1005 VAL A CG1 1 
ATOM   353  C CG1 B VAL A 1 47  ? -1.976  8.161   -10.373 0.50 35.24 ? 1005 VAL A CG1 1 
ATOM   354  C CG2 A VAL A 1 47  ? -2.502  8.027   -12.518 0.50 36.42 ? 1005 VAL A CG2 1 
ATOM   355  C CG2 B VAL A 1 47  ? -4.387  8.189   -10.946 0.50 35.56 ? 1005 VAL A CG2 1 
ATOM   356  N N   . ARG A 1 48  ? -5.193  11.229  -11.704 1.00 40.33 ? 1006 ARG A N   1 
ATOM   357  C CA  . ARG A 1 48  ? -6.350  11.820  -12.390 1.00 43.33 ? 1006 ARG A CA  1 
ATOM   358  C C   . ARG A 1 48  ? -6.453  13.350  -12.326 1.00 44.60 ? 1006 ARG A C   1 
ATOM   359  O O   . ARG A 1 48  ? -7.507  13.914  -12.642 1.00 45.27 ? 1006 ARG A O   1 
ATOM   360  C CB  . ARG A 1 48  ? -7.652  11.209  -11.861 1.00 43.34 ? 1006 ARG A CB  1 
ATOM   361  C CG  . ARG A 1 48  ? -8.337  10.291  -12.857 1.00 45.83 ? 1006 ARG A CG  1 
ATOM   362  C CD  . ARG A 1 48  ? -7.335  9.278   -13.400 1.00 49.67 ? 1006 ARG A CD  1 
ATOM   363  N NE  . ARG A 1 48  ? -7.971  8.102   -13.975 1.00 51.54 ? 1006 ARG A NE  1 
ATOM   364  C CZ  . ARG A 1 48  ? -7.427  7.368   -14.935 1.00 53.15 ? 1006 ARG A CZ  1 
ATOM   365  N NH1 . ARG A 1 48  ? -6.242  7.706   -15.423 1.00 54.15 ? 1006 ARG A NH1 1 
ATOM   366  N NH2 . ARG A 1 48  ? -8.068  6.302   -15.407 1.00 54.40 ? 1006 ARG A NH2 1 
ATOM   367  N N   . GLY A 1 49  ? -5.381  14.008  -11.890 1.00 46.01 ? 1007 GLY A N   1 
ATOM   368  C CA  . GLY A 1 49  ? -5.208  15.454  -12.079 1.00 47.26 ? 1007 GLY A CA  1 
ATOM   369  C C   . GLY A 1 49  ? -4.032  15.679  -13.020 1.00 48.18 ? 1007 GLY A C   1 
ATOM   370  O O   . GLY A 1 49  ? -3.668  14.791  -13.806 1.00 48.52 ? 1007 GLY A O   1 
ATOM   371  N N   . GLY A 1 50  ? -3.429  16.860  -12.950 1.00 48.87 ? 1008 GLY A N   1 
ATOM   372  C CA  . GLY A 1 50  ? -2.166  17.105  -13.651 1.00 49.56 ? 1008 GLY A CA  1 
ATOM   373  C C   . GLY A 1 50  ? -2.329  17.583  -15.077 1.00 50.14 ? 1008 GLY A C   1 
ATOM   374  O O   . GLY A 1 50  ? -3.426  17.465  -15.644 1.00 51.03 ? 1008 GLY A O   1 
ATOM   375  N N   . SER A 1 51  ? -1.257  18.118  -15.678 1.00 49.76 ? 1009 SER A N   1 
ATOM   376  C CA  . SER A 1 51  ? 0.084   18.193  -15.067 1.00 49.32 ? 1009 SER A CA  1 
ATOM   377  C C   . SER A 1 51  ? 0.217   19.215  -13.930 1.00 48.54 ? 1009 SER A C   1 
ATOM   378  O O   . SER A 1 51  ? -0.757  19.890  -13.558 1.00 49.29 ? 1009 SER A O   1 
ATOM   379  C CB  . SER A 1 51  ? 1.160   18.432  -16.138 1.00 49.63 ? 1009 SER A CB  1 
ATOM   380  O OG  . SER A 1 51  ? 1.242   17.334  -17.028 1.00 50.20 ? 1009 SER A OG  1 
ATOM   381  N N   . GLY A 1 52  ? 1.433   19.325  -13.392 1.00 47.18 ? 1010 GLY A N   1 
ATOM   382  C CA  . GLY A 1 52  ? 1.652   19.979  -12.096 1.00 45.06 ? 1010 GLY A CA  1 
ATOM   383  C C   . GLY A 1 52  ? 1.748   18.907  -11.012 1.00 43.28 ? 1010 GLY A C   1 
ATOM   384  O O   . GLY A 1 52  ? 2.489   19.049  -10.031 1.00 43.82 ? 1010 GLY A O   1 
ATOM   385  N N   . THR A 1 53  ? 1.016   17.815  -11.212 1.00 40.47 ? 1011 THR A N   1 
ATOM   386  C CA  . THR A 1 53  ? 1.020   16.708  -10.282 1.00 38.07 ? 1011 THR A CA  1 
ATOM   387  C C   . THR A 1 53  ? 2.253   15.760  -10.391 1.00 36.09 ? 1011 THR A C   1 
ATOM   388  O O   . THR A 1 53  ? 2.263   14.717  -9.758  1.00 35.19 ? 1011 THR A O   1 
ATOM   389  C CB  . THR A 1 53  ? -0.282  15.877  -10.435 1.00 38.44 ? 1011 THR A CB  1 
ATOM   390  O OG1 . THR A 1 53  ? -0.304  15.266  -11.731 1.00 37.85 ? 1011 THR A OG1 1 
ATOM   391  C CG2 . THR A 1 53  ? -1.525  16.759  -10.241 1.00 38.01 ? 1011 THR A CG2 1 
ATOM   392  N N   . LYS A 1 54  ? 3.274   16.130  -11.163 1.00 33.55 ? 1012 LYS A N   1 
ATOM   393  C CA  . LYS A 1 54  ? 4.430   15.254  -11.410 1.00 32.07 ? 1012 LYS A CA  1 
ATOM   394  C C   . LYS A 1 54  ? 5.289   14.988  -10.169 1.00 30.20 ? 1012 LYS A C   1 
ATOM   395  O O   . LYS A 1 54  ? 5.573   13.826  -9.825  1.00 29.04 ? 1012 LYS A O   1 
ATOM   396  C CB  . LYS A 1 54  ? 5.295   15.774  -12.579 1.00 32.52 ? 1012 LYS A CB  1 
ATOM   397  C CG  . LYS A 1 54  ? 6.798   15.532  -12.414 1.00 35.08 ? 1012 LYS A CG  1 
ATOM   398  C CD  . LYS A 1 54  ? 7.603   15.562  -13.740 1.00 40.82 ? 1012 LYS A CD  1 
ATOM   399  C CE  . LYS A 1 54  ? 7.372   16.830  -14.594 1.00 42.74 ? 1012 LYS A CE  1 
ATOM   400  N NZ  . LYS A 1 54  ? 6.517   16.562  -15.818 1.00 45.62 ? 1012 LYS A NZ  1 
ATOM   401  N N   . ARG A 1 55  ? 5.700   16.049  -9.489  1.00 27.85 ? 1013 ARG A N   1 
ATOM   402  C CA  . ARG A 1 55  ? 6.518   15.877  -8.296  1.00 26.66 ? 1013 ARG A CA  1 
ATOM   403  C C   . ARG A 1 55  ? 5.694   15.207  -7.184  1.00 23.91 ? 1013 ARG A C   1 
ATOM   404  O O   . ARG A 1 55  ? 6.206   14.408  -6.403  1.00 22.53 ? 1013 ARG A O   1 
ATOM   405  C CB  . ARG A 1 55  ? 7.087   17.218  -7.825  1.00 27.32 ? 1013 ARG A CB  1 
ATOM   406  C CG  . ARG A 1 55  ? 8.083   17.856  -8.834  1.00 31.64 ? 1013 ARG A CG  1 
ATOM   407  C CD  . ARG A 1 55  ? 8.291   19.370  -8.614  1.00 34.92 ? 1013 ARG A CD  1 
ATOM   408  N NE  . ARG A 1 55  ? 8.455   19.764  -7.210  1.00 39.12 ? 1013 ARG A NE  1 
ATOM   409  C CZ  . ARG A 1 55  ? 8.429   21.033  -6.782  1.00 40.90 ? 1013 ARG A CZ  1 
ATOM   410  N NH1 . ARG A 1 55  ? 8.254   22.025  -7.638  1.00 40.90 ? 1013 ARG A NH1 1 
ATOM   411  N NH2 . ARG A 1 55  ? 8.574   21.321  -5.493  1.00 40.94 ? 1013 ARG A NH2 1 
ATOM   412  N N   . ALA A 1 56  ? 4.410   15.542  -7.142  1.00 21.45 ? 1014 ALA A N   1 
ATOM   413  C CA  . ALA A 1 56  ? 3.521   15.062  -6.086  1.00 20.07 ? 1014 ALA A CA  1 
ATOM   414  C C   . ALA A 1 56  ? 3.265   13.555  -6.227  1.00 18.93 ? 1014 ALA A C   1 
ATOM   415  O O   . ALA A 1 56  ? 3.284   12.816  -5.246  1.00 18.10 ? 1014 ALA A O   1 
ATOM   416  C CB  . ALA A 1 56  ? 2.222   15.872  -6.077  1.00 19.14 ? 1014 ALA A CB  1 
ATOM   417  N N   . LEU A 1 57  ? 3.086   13.118  -7.467  1.00 18.10 ? 1015 LEU A N   1 
ATOM   418  C CA  . LEU A 1 57  ? 2.924   11.706  -7.796  1.00 18.94 ? 1015 LEU A CA  1 
ATOM   419  C C   . LEU A 1 57  ? 4.103   10.842  -7.272  1.00 18.18 ? 1015 LEU A C   1 
ATOM   420  O O   . LEU A 1 57  ? 3.901   9.784   -6.629  1.00 18.59 ? 1015 LEU A O   1 
ATOM   421  C CB  . LEU A 1 57  ? 2.741   11.558  -9.320  1.00 18.68 ? 1015 LEU A CB  1 
ATOM   422  C CG  . LEU A 1 57  ? 2.253   10.245  -9.929  1.00 20.84 ? 1015 LEU A CG  1 
ATOM   423  C CD1 . LEU A 1 57  ? 1.121   9.718   -9.069  1.00 21.52 ? 1015 LEU A CD1 1 
ATOM   424  C CD2 . LEU A 1 57  ? 1.837   10.422  -11.429 1.00 22.96 ? 1015 LEU A CD2 1 
ATOM   425  N N   . ILE A 1 58  ? 5.317   11.318  -7.519  1.00 17.09 ? 1016 ILE A N   1 
ATOM   426  C CA  . ILE A 1 58  ? 6.538   10.625  -7.113  1.00 16.26 ? 1016 ILE A CA  1 
ATOM   427  C C   . ILE A 1 58  ? 6.683   10.570  -5.586  1.00 16.71 ? 1016 ILE A C   1 
ATOM   428  O O   . ILE A 1 58  ? 7.026   9.507   -5.029  1.00 16.77 ? 1016 ILE A O   1 
ATOM   429  C CB  . ILE A 1 58  ? 7.784   11.293  -7.742  1.00 16.10 ? 1016 ILE A CB  1 
ATOM   430  C CG1 . ILE A 1 58  ? 7.768   11.112  -9.277  1.00 14.81 ? 1016 ILE A CG1 1 
ATOM   431  C CG2 . ILE A 1 58  ? 9.091   10.730  -7.121  1.00 15.82 ? 1016 ILE A CG2 1 
ATOM   432  C CD1 . ILE A 1 58  ? 8.872   11.933  -10.010 1.00 17.78 ? 1016 ILE A CD1 1 
ATOM   433  N N   . GLN A 1 59  ? 6.408   11.704  -4.931  1.00 15.50 ? 1017 GLN A N   1 
ATOM   434  C CA  . GLN A 1 59  ? 6.569   11.817  -3.494  1.00 15.51 ? 1017 GLN A CA  1 
ATOM   435  C C   . GLN A 1 59  ? 5.506   11.021  -2.744  1.00 14.68 ? 1017 GLN A C   1 
ATOM   436  O O   . GLN A 1 59  ? 5.786   10.441  -1.705  1.00 14.04 ? 1017 GLN A O   1 
ATOM   437  C CB  . GLN A 1 59  ? 6.540   13.285  -3.072  1.00 15.64 ? 1017 GLN A CB  1 
ATOM   438  C CG  . GLN A 1 59  ? 6.851   13.545  -1.590  1.00 18.97 ? 1017 GLN A CG  1 
ATOM   439  C CD  . GLN A 1 59  ? 8.154   12.916  -1.114  1.00 22.82 ? 1017 GLN A CD  1 
ATOM   440  O OE1 . GLN A 1 59  ? 9.172   12.971  -1.795  1.00 25.90 ? 1017 GLN A OE1 1 
ATOM   441  N NE2 . GLN A 1 59  ? 8.125   12.333  0.075   1.00 22.12 ? 1017 GLN A NE2 1 
ATOM   442  N N   . CYS A 1 60  ? 4.278   11.028  -3.266  1.00 14.48 ? 1018 CYS A N   1 
ATOM   443  C CA  . CYS A 1 60  ? 3.183   10.264  -2.683  1.00 14.07 ? 1018 CYS A CA  1 
ATOM   444  C C   . CYS A 1 60  ? 3.483   8.761   -2.674  1.00 13.38 ? 1018 CYS A C   1 
ATOM   445  O O   . CYS A 1 60  ? 3.317   8.075   -1.630  1.00 13.70 ? 1018 CYS A O   1 
ATOM   446  C CB  . CYS A 1 60  ? 1.866   10.597  -3.384  1.00 14.15 ? 1018 CYS A CB  1 
ATOM   447  S SG  . CYS A 1 60  ? 0.422   10.003  -2.499  1.00 19.32 ? 1018 CYS A SG  1 
ATOM   448  N N   . ALA A 1 61  ? 3.989   8.256   -3.792  1.00 13.32 ? 1019 ALA A N   1 
ATOM   449  C CA  . ALA A 1 61  ? 4.463   6.849   -3.871  1.00 13.58 ? 1019 ALA A CA  1 
ATOM   450  C C   . ALA A 1 61  ? 5.584   6.544   -2.877  1.00 14.14 ? 1019 ALA A C   1 
ATOM   451  O O   . ALA A 1 61  ? 5.585   5.475   -2.232  1.00 14.29 ? 1019 ALA A O   1 
ATOM   452  C CB  . ALA A 1 61  ? 4.918   6.518   -5.278  1.00 13.59 ? 1019 ALA A CB  1 
ATOM   453  N N   . LYS A 1 62  ? 6.535   7.479   -2.748  1.00 13.97 ? 1020 LYS A N   1 
ATOM   454  C CA  . LYS A 1 62  ? 7.599   7.374   -1.734  1.00 14.75 ? 1020 LYS A CA  1 
ATOM   455  C C   . LYS A 1 62  ? 7.067   7.316   -0.296  1.00 14.24 ? 1020 LYS A C   1 
ATOM   456  O O   . LYS A 1 62  ? 7.568   6.555   0.507   1.00 13.61 ? 1020 LYS A O   1 
ATOM   457  C CB  . LYS A 1 62  ? 8.593   8.545   -1.865  1.00 15.07 ? 1020 LYS A CB  1 
ATOM   458  C CG  . LYS A 1 62  ? 9.633   8.352   -2.952  1.00 18.01 ? 1020 LYS A CG  1 
ATOM   459  C CD  . LYS A 1 62  ? 10.521  9.604   -3.085  1.00 22.63 ? 1020 LYS A CD  1 
ATOM   460  C CE  . LYS A 1 62  ? 11.309  9.567   -4.380  1.00 24.54 ? 1020 LYS A CE  1 
ATOM   461  N NZ  . LYS A 1 62  ? 11.920  10.911  -4.655  1.00 32.32 ? 1020 LYS A NZ  1 
ATOM   462  N N   . ASP A 1 63  ? 6.067   8.146   0.020   1.00 14.52 ? 1021 ASP A N   1 
ATOM   463  C CA  . ASP A 1 63  ? 5.410   8.117   1.326   1.00 15.07 ? 1021 ASP A CA  1 
ATOM   464  C C   . ASP A 1 63  ? 4.731   6.772   1.564   1.00 14.83 ? 1021 ASP A C   1 
ATOM   465  O O   . ASP A 1 63  ? 4.885   6.157   2.615   1.00 15.16 ? 1021 ASP A O   1 
ATOM   466  C CB  . ASP A 1 63  ? 4.334   9.212   1.421   1.00 15.27 ? 1021 ASP A CB  1 
ATOM   467  C CG  . ASP A 1 63  ? 4.880   10.606  1.231   1.00 17.30 ? 1021 ASP A CG  1 
ATOM   468  O OD1 . ASP A 1 63  ? 6.094   10.816  1.457   1.00 16.58 ? 1021 ASP A OD1 1 
ATOM   469  O OD2 . ASP A 1 63  ? 4.067   11.510  0.868   1.00 19.24 ? 1021 ASP A OD2 1 
ATOM   470  N N   . ILE A 1 64  ? 3.971   6.315   0.580   1.00 15.48 ? 1022 ILE A N   1 
ATOM   471  C CA  . ILE A 1 64  ? 3.309   5.003   0.675   1.00 15.59 ? 1022 ILE A CA  1 
ATOM   472  C C   . ILE A 1 64  ? 4.344   3.865   0.919   1.00 17.28 ? 1022 ILE A C   1 
ATOM   473  O O   . ILE A 1 64  ? 4.149   3.026   1.780   1.00 17.19 ? 1022 ILE A O   1 
ATOM   474  C CB  . ILE A 1 64  ? 2.402   4.714   -0.561  1.00 14.79 ? 1022 ILE A CB  1 
ATOM   475  C CG1 . ILE A 1 64  ? 1.174   5.648   -0.606  1.00 14.42 ? 1022 ILE A CG1 1 
ATOM   476  C CG2 . ILE A 1 64  ? 1.914   3.258   -0.574  1.00 13.26 ? 1022 ILE A CG2 1 
ATOM   477  C CD1 . ILE A 1 64  ? 0.469   5.698   -2.014  1.00 10.84 ? 1022 ILE A CD1 1 
ATOM   478  N N   . ALA A 1 65  ? 5.437   3.853   0.161   1.00 19.03 ? 1023 ALA A N   1 
ATOM   479  C CA  . ALA A 1 65  ? 6.484   2.822   0.311   1.00 20.26 ? 1023 ALA A CA  1 
ATOM   480  C C   . ALA A 1 65  ? 7.141   2.851   1.690   1.00 20.83 ? 1023 ALA A C   1 
ATOM   481  O O   . ALA A 1 65  ? 7.394   1.798   2.266   1.00 21.54 ? 1023 ALA A O   1 
ATOM   482  C CB  . ALA A 1 65  ? 7.541   2.953   -0.801  1.00 19.90 ? 1023 ALA A CB  1 
ATOM   483  N N   . LYS A 1 66  ? 7.420   4.048   2.204   1.00 21.62 ? 1024 LYS A N   1 
ATOM   484  C CA  . LYS A 1 66  ? 7.927   4.224   3.576   1.00 22.79 ? 1024 LYS A CA  1 
ATOM   485  C C   . LYS A 1 66  ? 6.974   3.653   4.631   1.00 22.57 ? 1024 LYS A C   1 
ATOM   486  O O   . LYS A 1 66  ? 7.413   2.931   5.524   1.00 21.81 ? 1024 LYS A O   1 
ATOM   487  C CB  . LYS A 1 66  ? 8.213   5.697   3.889   1.00 22.91 ? 1024 LYS A CB  1 
ATOM   488  C CG  . LYS A 1 66  ? 8.738   5.938   5.317   1.00 27.63 ? 1024 LYS A CG  1 
ATOM   489  C CD  . LYS A 1 66  ? 10.268  5.662   5.428   1.00 34.48 ? 1024 LYS A CD  1 
ATOM   490  C CE  . LYS A 1 66  ? 10.669  4.935   6.743   1.00 37.06 ? 1024 LYS A CE  1 
ATOM   491  N NZ  . LYS A 1 66  ? 9.877   3.651   7.025   1.00 37.33 ? 1024 LYS A NZ  1 
ATOM   492  N N   . ALA A 1 67  ? 5.681   3.975   4.523   1.00 22.21 ? 1025 ALA A N   1 
ATOM   493  C CA  . ALA A 1 67  ? 4.682   3.405   5.440   1.00 22.49 ? 1025 ALA A CA  1 
ATOM   494  C C   . ALA A 1 67  ? 4.605   1.876   5.333   1.00 22.93 ? 1025 ALA A C   1 
ATOM   495  O O   . ALA A 1 67  ? 4.420   1.188   6.334   1.00 23.85 ? 1025 ALA A O   1 
ATOM   496  C CB  . ALA A 1 67  ? 3.328   4.037   5.241   1.00 21.06 ? 1025 ALA A CB  1 
ATOM   497  N N   . SER A 1 68  ? 4.780   1.341   4.140   1.00 23.48 ? 1026 SER A N   1 
ATOM   498  C CA  . SER A 1 68  ? 4.739   -0.112  3.952   1.00 25.31 ? 1026 SER A CA  1 
ATOM   499  C C   . SER A 1 68  ? 5.952   -0.858  4.531   1.00 25.74 ? 1026 SER A C   1 
ATOM   500  O O   . SER A 1 68  ? 5.844   -2.021  4.880   1.00 25.03 ? 1026 SER A O   1 
ATOM   501  C CB  . SER A 1 68  ? 4.600   -0.449  2.484   1.00 24.59 ? 1026 SER A CB  1 
ATOM   502  O OG  . SER A 1 68  ? 5.887   -0.468  1.921   1.00 28.17 ? 1026 SER A OG  1 
ATOM   503  N N   . ASP A 1 69  ? 7.110   -0.196  4.599   1.00 27.39 ? 1027 ASP A N   1 
ATOM   504  C CA  . ASP A 1 69  ? 8.288   -0.766  5.262   1.00 28.11 ? 1027 ASP A CA  1 
ATOM   505  C C   . ASP A 1 69  ? 8.017   -0.928  6.745   1.00 28.23 ? 1027 ASP A C   1 
ATOM   506  O O   . ASP A 1 69  ? 8.454   -1.896  7.359   1.00 28.48 ? 1027 ASP A O   1 
ATOM   507  C CB  . ASP A 1 69  ? 9.508   0.139   5.117   1.00 28.82 ? 1027 ASP A CB  1 
ATOM   508  C CG  . ASP A 1 69  ? 10.082  0.141   3.729   1.00 30.46 ? 1027 ASP A CG  1 
ATOM   509  O OD1 . ASP A 1 69  ? 9.900   -0.837  2.956   1.00 33.56 ? 1027 ASP A OD1 1 
ATOM   510  O OD2 . ASP A 1 69  ? 10.733  1.152   3.411   1.00 34.40 ? 1027 ASP A OD2 1 
ATOM   511  N N   . GLU A 1 70  ? 7.311   0.024   7.333   1.00 28.21 ? 1028 GLU A N   1 
ATOM   512  C CA  . GLU A 1 70  ? 6.931   -0.106  8.726   1.00 29.07 ? 1028 GLU A CA  1 
ATOM   513  C C   . GLU A 1 70  ? 5.982   -1.310  8.943   1.00 28.30 ? 1028 GLU A C   1 
ATOM   514  O O   . GLU A 1 70  ? 6.239   -2.129  9.830   1.00 28.79 ? 1028 GLU A O   1 
ATOM   515  C CB  . GLU A 1 70  ? 6.361   1.215   9.249   1.00 29.96 ? 1028 GLU A CB  1 
ATOM   516  C CG  . GLU A 1 70  ? 5.925   1.227   10.708  1.00 32.85 ? 1028 GLU A CG  1 
ATOM   517  C CD  . GLU A 1 70  ? 5.528   2.631   11.201  1.00 39.52 ? 1028 GLU A CD  1 
ATOM   518  O OE1 . GLU A 1 70  ? 5.537   3.598   10.401  1.00 40.77 ? 1028 GLU A OE1 1 
ATOM   519  O OE2 . GLU A 1 70  ? 5.212   2.778   12.405  1.00 42.64 ? 1028 GLU A OE2 1 
ATOM   520  N N   . VAL A 1 71  ? 4.920   -1.424  8.130   1.00 27.00 ? 1029 VAL A N   1 
ATOM   521  C CA  . VAL A 1 71  ? 4.035   -2.613  8.118   1.00 25.09 ? 1029 VAL A CA  1 
ATOM   522  C C   . VAL A 1 71  ? 4.822   -3.930  8.022   1.00 25.06 ? 1029 VAL A C   1 
ATOM   523  O O   . VAL A 1 71  ? 4.702   -4.790  8.887   1.00 23.92 ? 1029 VAL A O   1 
ATOM   524  C CB  . VAL A 1 71  ? 2.980   -2.559  6.985   1.00 25.11 ? 1029 VAL A CB  1 
ATOM   525  C CG1 . VAL A 1 71  ? 2.231   -3.905  6.871   1.00 23.07 ? 1029 VAL A CG1 1 
ATOM   526  C CG2 . VAL A 1 71  ? 1.997   -1.390  7.215   1.00 22.99 ? 1029 VAL A CG2 1 
ATOM   527  N N   . THR A 1 72  ? 5.636   -4.061  6.980   1.00 25.28 ? 1030 THR A N   1 
ATOM   528  C CA  . THR A 1 72  ? 6.492   -5.232  6.760   1.00 26.07 ? 1030 THR A CA  1 
ATOM   529  C C   . THR A 1 72  ? 7.369   -5.584  7.962   1.00 26.47 ? 1030 THR A C   1 
ATOM   530  O O   . THR A 1 72  ? 7.395   -6.735  8.399   1.00 25.73 ? 1030 THR A O   1 
ATOM   531  C CB  . THR A 1 72  ? 7.439   -5.017  5.558   1.00 26.31 ? 1030 THR A CB  1 
ATOM   532  O OG1 . THR A 1 72  ? 6.671   -4.866  4.368   1.00 26.97 ? 1030 THR A OG1 1 
ATOM   533  C CG2 . THR A 1 72  ? 8.397   -6.214  5.374   1.00 27.21 ? 1030 THR A CG2 1 
ATOM   534  N N   . ARG A 1 73  ? 8.093   -4.591  8.467   1.00 27.04 ? 1031 ARG A N   1 
ATOM   535  C CA  . ARG A 1 73  ? 9.046   -4.786  9.554   1.00 28.45 ? 1031 ARG A CA  1 
ATOM   536  C C   . ARG A 1 73  ? 8.356   -5.334  10.801  1.00 28.59 ? 1031 ARG A C   1 
ATOM   537  O O   . ARG A 1 73  ? 8.851   -6.270  11.410  1.00 28.38 ? 1031 ARG A O   1 
ATOM   538  C CB  . ARG A 1 73  ? 9.799   -3.473  9.870   1.00 28.83 ? 1031 ARG A CB  1 
ATOM   539  C CG  . ARG A 1 73  ? 10.921  -3.616  10.907  1.00 32.37 ? 1031 ARG A CG  1 
ATOM   540  C CD  . ARG A 1 73  ? 11.563  -2.268  11.289  1.00 36.31 ? 1031 ARG A CD  1 
ATOM   541  N NE  . ARG A 1 73  ? 10.736  -1.474  12.200  1.00 39.32 ? 1031 ARG A NE  1 
ATOM   542  C CZ  . ARG A 1 73  ? 10.074  -0.364  11.858  1.00 41.48 ? 1031 ARG A CZ  1 
ATOM   543  N NH1 . ARG A 1 73  ? 10.137  0.108   10.613  1.00 43.16 ? 1031 ARG A NH1 1 
ATOM   544  N NH2 . ARG A 1 73  ? 9.352   0.290   12.767  1.00 42.04 ? 1031 ARG A NH2 1 
ATOM   545  N N   . LEU A 1 74  ? 7.217   -4.750  11.164  1.00 28.87 ? 1032 LEU A N   1 
ATOM   546  C CA  . LEU A 1 74  ? 6.484   -5.163  12.352  1.00 30.15 ? 1032 LEU A CA  1 
ATOM   547  C C   . LEU A 1 74  ? 5.785   -6.515  12.204  1.00 30.32 ? 1032 LEU A C   1 
ATOM   548  O O   . LEU A 1 74  ? 5.759   -7.319  13.147  1.00 30.19 ? 1032 LEU A O   1 
ATOM   549  C CB  . LEU A 1 74  ? 5.466   -4.103  12.748  1.00 30.41 ? 1032 LEU A CB  1 
ATOM   550  C CG  . LEU A 1 74  ? 5.998   -2.739  13.193  1.00 33.03 ? 1032 LEU A CG  1 
ATOM   551  C CD1 . LEU A 1 74  ? 4.836   -1.748  13.180  1.00 35.25 ? 1032 LEU A CD1 1 
ATOM   552  C CD2 . LEU A 1 74  ? 6.662   -2.785  14.581  1.00 34.78 ? 1032 LEU A CD2 1 
ATOM   553  N N   . ALA A 1 75  ? 5.216   -6.759  11.028  1.00 30.18 ? 1033 ALA A N   1 
ATOM   554  C CA  . ALA A 1 75  ? 4.501   -7.997  10.782  1.00 30.54 ? 1033 ALA A CA  1 
ATOM   555  C C   . ALA A 1 75  ? 5.462   -9.182  10.779  1.00 31.05 ? 1033 ALA A C   1 
ATOM   556  O O   . ALA A 1 75  ? 5.069   -10.299 11.136  1.00 30.91 ? 1033 ALA A O   1 
ATOM   557  C CB  . ALA A 1 75  ? 3.712   -7.933  9.483   1.00 29.35 ? 1033 ALA A CB  1 
ATOM   558  N N   . LYS A 1 76  ? 6.708   -8.939  10.377  1.00 31.76 ? 1034 LYS A N   1 
ATOM   559  C CA  . LYS A 1 76  ? 7.743   -9.989  10.415  1.00 33.32 ? 1034 LYS A CA  1 
ATOM   560  C C   . LYS A 1 76  ? 8.077   -10.391 11.847  1.00 34.09 ? 1034 LYS A C   1 
ATOM   561  O O   . LYS A 1 76  ? 8.271   -11.585 12.132  1.00 34.35 ? 1034 LYS A O   1 
ATOM   562  C CB  . LYS A 1 76  ? 9.013   -9.572  9.661   1.00 32.65 ? 1034 LYS A CB  1 
ATOM   563  C CG  . LYS A 1 76  ? 9.044   -10.078 8.234   1.00 34.38 ? 1034 LYS A CG  1 
ATOM   564  C CD  . LYS A 1 76  ? 9.882   -9.196  7.316   1.00 37.34 ? 1034 LYS A CD  1 
ATOM   565  C CE  . LYS A 1 76  ? 11.354  -9.509  7.408   1.00 39.17 ? 1034 LYS A CE  1 
ATOM   566  N NZ  . LYS A 1 76  ? 12.105  -8.586  6.516   1.00 41.29 ? 1034 LYS A NZ  1 
ATOM   567  N N   . GLU A 1 77  ? 8.121   -9.392  12.728  1.00 35.25 ? 1035 GLU A N   1 
ATOM   568  C CA  . GLU A 1 77  ? 8.304   -9.603  14.166  1.00 36.70 ? 1035 GLU A CA  1 
ATOM   569  C C   . GLU A 1 77  ? 7.141   -10.373 14.778  1.00 36.39 ? 1035 GLU A C   1 
ATOM   570  O O   . GLU A 1 77  ? 7.373   -11.250 15.603  1.00 36.54 ? 1035 GLU A O   1 
ATOM   571  C CB  . GLU A 1 77  ? 8.497   -8.275  14.908  1.00 37.00 ? 1035 GLU A CB  1 
ATOM   572  C CG  . GLU A 1 77  ? 9.780   -7.532  14.519  1.00 41.64 ? 1035 GLU A CG  1 
ATOM   573  C CD  . GLU A 1 77  ? 10.019  -6.263  15.332  1.00 47.45 ? 1035 GLU A CD  1 
ATOM   574  O OE1 . GLU A 1 77  ? 9.176   -5.932  16.206  1.00 50.00 ? 1035 GLU A OE1 1 
ATOM   575  O OE2 . GLU A 1 77  ? 11.059  -5.598  15.103  1.00 49.97 ? 1035 GLU A OE2 1 
ATOM   576  N N   . VAL A 1 78  ? 5.906   -10.059 14.369  1.00 36.10 ? 1036 VAL A N   1 
ATOM   577  C CA  . VAL A 1 78  ? 4.732   -10.801 14.846  1.00 35.94 ? 1036 VAL A CA  1 
ATOM   578  C C   . VAL A 1 78  ? 4.832   -12.268 14.432  1.00 37.00 ? 1036 VAL A C   1 
ATOM   579  O O   . VAL A 1 78  ? 4.697   -13.163 15.266  1.00 37.07 ? 1036 VAL A O   1 
ATOM   580  C CB  . VAL A 1 78  ? 3.369   -10.192 14.372  1.00 35.64 ? 1036 VAL A CB  1 
ATOM   581  C CG1 . VAL A 1 78  ? 2.210   -11.117 14.725  1.00 33.92 ? 1036 VAL A CG1 1 
ATOM   582  C CG2 . VAL A 1 78  ? 3.146   -8.800  14.965  1.00 34.06 ? 1036 VAL A CG2 1 
ATOM   583  N N   . ALA A 1 79  ? 5.074   -12.501 13.141  1.00 38.19 ? 1037 ALA A N   1 
ATOM   584  C CA  . ALA A 1 79  ? 5.226   -13.845 12.594  1.00 39.53 ? 1037 ALA A CA  1 
ATOM   585  C C   . ALA A 1 79  ? 6.233   -14.678 13.405  1.00 40.67 ? 1037 ALA A C   1 
ATOM   586  O O   . ALA A 1 79  ? 5.929   -15.802 13.791  1.00 40.97 ? 1037 ALA A O   1 
ATOM   587  C CB  . ALA A 1 79  ? 5.633   -13.778 11.122  1.00 39.06 ? 1037 ALA A CB  1 
ATOM   588  N N   . LYS A 1 80  ? 7.400   -14.097 13.691  1.00 42.32 ? 1038 LYS A N   1 
ATOM   589  C CA  . LYS A 1 80  ? 8.492   -14.768 14.404  1.00 44.45 ? 1038 LYS A CA  1 
ATOM   590  C C   . LYS A 1 80  ? 8.304   -14.800 15.924  1.00 45.68 ? 1038 LYS A C   1 
ATOM   591  O O   . LYS A 1 80  ? 9.273   -14.858 16.691  1.00 46.49 ? 1038 LYS A O   1 
ATOM   592  C CB  . LYS A 1 80  ? 9.834   -14.105 14.079  1.00 44.50 ? 1038 LYS A CB  1 
ATOM   593  C CG  . LYS A 1 80  ? 10.284  -14.263 12.640  1.00 45.75 ? 1038 LYS A CG  1 
ATOM   594  C CD  . LYS A 1 80  ? 11.682  -13.693 12.476  1.00 47.01 ? 1038 LYS A CD  1 
ATOM   595  C CE  . LYS A 1 80  ? 11.974  -13.320 11.032  1.00 48.16 ? 1038 LYS A CE  1 
ATOM   596  N NZ  . LYS A 1 80  ? 13.074  -12.301 10.969  1.00 48.97 ? 1038 LYS A NZ  1 
ATOM   597  N N   . GLN A 1 81  ? 7.053   -14.729 16.352  1.00 46.70 ? 1039 GLN A N   1 
ATOM   598  C CA  . GLN A 1 81  ? 6.692   -14.970 17.731  1.00 47.63 ? 1039 GLN A CA  1 
ATOM   599  C C   . GLN A 1 81  ? 5.463   -15.856 17.740  1.00 47.86 ? 1039 GLN A C   1 
ATOM   600  O O   . GLN A 1 81  ? 4.899   -16.136 18.793  1.00 48.13 ? 1039 GLN A O   1 
ATOM   601  C CB  . GLN A 1 81  ? 6.397   -13.658 18.444  1.00 47.72 ? 1039 GLN A CB  1 
ATOM   602  C CG  . GLN A 1 81  ? 7.597   -12.769 18.612  1.00 48.94 ? 1039 GLN A CG  1 
ATOM   603  C CD  . GLN A 1 81  ? 7.543   -12.021 19.906  1.00 51.03 ? 1039 GLN A CD  1 
ATOM   604  O OE1 . GLN A 1 81  ? 7.005   -10.914 19.976  1.00 52.73 ? 1039 GLN A OE1 1 
ATOM   605  N NE2 . GLN A 1 81  ? 8.074   -12.632 20.962  1.00 52.10 ? 1039 GLN A NE2 1 
ATOM   606  N N   . CYS A 1 82  ? 5.053   -16.284 16.549  1.00 48.21 ? 1040 CYS A N   1 
ATOM   607  C CA  . CYS A 1 82  ? 3.813   -17.014 16.364  1.00 48.61 ? 1040 CYS A CA  1 
ATOM   608  C C   . CYS A 1 82  ? 4.071   -18.512 16.364  1.00 49.67 ? 1040 CYS A C   1 
ATOM   609  O O   . CYS A 1 82  ? 4.969   -19.008 15.663  1.00 49.49 ? 1040 CYS A O   1 
ATOM   610  C CB  . CYS A 1 82  ? 3.131   -16.591 15.063  1.00 48.12 ? 1040 CYS A CB  1 
ATOM   611  S SG  . CYS A 1 82  ? 1.620   -17.498 14.678  1.00 46.14 ? 1040 CYS A SG  1 
ATOM   612  N N   . THR A 1 83  ? 3.246   -19.226 17.128  1.00 50.61 ? 1041 THR A N   1 
ATOM   613  C CA  . THR A 1 83  ? 3.458   -20.652 17.380  1.00 51.41 ? 1041 THR A CA  1 
ATOM   614  C C   . THR A 1 83  ? 2.883   -21.519 16.253  1.00 51.82 ? 1041 THR A C   1 
ATOM   615  O O   . THR A 1 83  ? 3.428   -22.574 15.933  1.00 51.96 ? 1041 THR A O   1 
ATOM   616  C CB  . THR A 1 83  ? 2.924   -21.072 18.787  1.00 51.46 ? 1041 THR A CB  1 
ATOM   617  O OG1 . THR A 1 83  ? 1.485   -21.097 18.796  1.00 51.82 ? 1041 THR A OG1 1 
ATOM   618  C CG2 . THR A 1 83  ? 3.427   -20.103 19.867  1.00 50.80 ? 1041 THR A CG2 1 
ATOM   619  N N   . ASP A 1 84  ? 1.793   -21.058 15.647  1.00 52.30 ? 1042 ASP A N   1 
ATOM   620  C CA  . ASP A 1 84  ? 1.169   -21.771 14.543  1.00 52.77 ? 1042 ASP A CA  1 
ATOM   621  C C   . ASP A 1 84  ? 1.963   -21.594 13.242  1.00 53.11 ? 1042 ASP A C   1 
ATOM   622  O O   . ASP A 1 84  ? 1.993   -20.491 12.676  1.00 53.01 ? 1042 ASP A O   1 
ATOM   623  C CB  . ASP A 1 84  ? -0.271  -21.292 14.349  1.00 52.87 ? 1042 ASP A CB  1 
ATOM   624  C CG  . ASP A 1 84  ? -1.037  -22.150 13.366  1.00 53.96 ? 1042 ASP A CG  1 
ATOM   625  O OD1 . ASP A 1 84  ? -0.403  -23.002 12.703  1.00 55.56 ? 1042 ASP A OD1 1 
ATOM   626  O OD2 . ASP A 1 84  ? -2.273  -21.996 13.264  1.00 54.71 ? 1042 ASP A OD2 1 
ATOM   627  N N   . LYS A 1 85  ? 2.579   -22.684 12.768  1.00 53.08 ? 1043 LYS A N   1 
ATOM   628  C CA  . LYS A 1 85  ? 3.430   -22.671 11.565  1.00 53.01 ? 1043 LYS A CA  1 
ATOM   629  C C   . LYS A 1 85  ? 2.649   -22.246 10.313  1.00 52.49 ? 1043 LYS A C   1 
ATOM   630  O O   . LYS A 1 85  ? 3.146   -21.496 9.470   1.00 52.70 ? 1043 LYS A O   1 
ATOM   631  C CB  . LYS A 1 85  ? 4.029   -24.057 11.342  1.00 53.13 ? 1043 LYS A CB  1 
ATOM   632  C CG  . LYS A 1 85  ? 5.518   -24.061 11.034  1.00 54.64 ? 1043 LYS A CG  1 
ATOM   633  C CD  . LYS A 1 85  ? 6.044   -25.495 10.828  1.00 55.72 ? 1043 LYS A CD  1 
ATOM   634  C CE  . LYS A 1 85  ? 6.332   -25.811 9.360   1.00 56.52 ? 1043 LYS A CE  1 
ATOM   635  N NZ  . LYS A 1 85  ? 5.253   -25.376 8.428   1.00 56.71 ? 1043 LYS A NZ  1 
ATOM   636  N N   . ARG A 1 86  ? 1.421   -22.741 10.218  1.00 51.72 ? 1044 ARG A N   1 
ATOM   637  C CA  . ARG A 1 86  ? 0.487   -22.413 9.146   1.00 50.86 ? 1044 ARG A CA  1 
ATOM   638  C C   . ARG A 1 86  ? 0.310   -20.894 8.987   1.00 49.94 ? 1044 ARG A C   1 
ATOM   639  O O   . ARG A 1 86  ? 0.435   -20.359 7.879   1.00 49.57 ? 1044 ARG A O   1 
ATOM   640  C CB  . ARG A 1 86  ? -0.856  -23.079 9.453   1.00 51.19 ? 1044 ARG A CB  1 
ATOM   641  C CG  . ARG A 1 86  ? -1.607  -23.597 8.259   1.00 52.47 ? 1044 ARG A CG  1 
ATOM   642  C CD  . ARG A 1 86  ? -2.618  -22.597 7.751   1.00 54.63 ? 1044 ARG A CD  1 
ATOM   643  N NE  . ARG A 1 86  ? -2.518  -22.515 6.301   1.00 56.10 ? 1044 ARG A NE  1 
ATOM   644  C CZ  . ARG A 1 86  ? -3.392  -21.915 5.500   1.00 56.98 ? 1044 ARG A CZ  1 
ATOM   645  N NH1 . ARG A 1 86  ? -4.483  -21.324 5.994   1.00 57.54 ? 1044 ARG A NH1 1 
ATOM   646  N NH2 . ARG A 1 86  ? -3.162  -21.912 4.191   1.00 56.02 ? 1044 ARG A NH2 1 
ATOM   647  N N   . ILE A 1 87  ? 0.020   -20.217 10.102  1.00 48.64 ? 1045 ILE A N   1 
ATOM   648  C CA  . ILE A 1 87  ? -0.136  -18.756 10.122  1.00 47.18 ? 1045 ILE A CA  1 
ATOM   649  C C   . ILE A 1 87  ? 1.219   -18.054 9.974   1.00 45.64 ? 1045 ILE A C   1 
ATOM   650  O O   . ILE A 1 87  ? 1.329   -17.071 9.242   1.00 45.11 ? 1045 ILE A O   1 
ATOM   651  C CB  . ILE A 1 87  ? -0.867  -18.223 11.418  1.00 47.47 ? 1045 ILE A CB  1 
ATOM   652  C CG1 . ILE A 1 87  ? -2.086  -19.086 11.804  1.00 48.12 ? 1045 ILE A CG1 1 
ATOM   653  C CG2 . ILE A 1 87  ? -1.259  -16.726 11.268  1.00 47.23 ? 1045 ILE A CG2 1 
ATOM   654  C CD1 . ILE A 1 87  ? -3.409  -18.739 11.107  1.00 49.10 ? 1045 ILE A CD1 1 
ATOM   655  N N   . ARG A 1 88  ? 2.233   -18.553 10.679  1.00 44.36 ? 1046 ARG A N   1 
ATOM   656  C CA  . ARG A 1 88  ? 3.575   -17.972 10.650  1.00 43.40 ? 1046 ARG A CA  1 
ATOM   657  C C   . ARG A 1 88  ? 4.145   -17.925 9.231   1.00 42.69 ? 1046 ARG A C   1 
ATOM   658  O O   . ARG A 1 88  ? 4.705   -16.905 8.812   1.00 42.19 ? 1046 ARG A O   1 
ATOM   659  C CB  . ARG A 1 88  ? 4.527   -18.741 11.562  1.00 43.30 ? 1046 ARG A CB  1 
ATOM   660  C CG  . ARG A 1 88  ? 5.938   -18.184 11.581  1.00 45.28 ? 1046 ARG A CG  1 
ATOM   661  C CD  . ARG A 1 88  ? 6.921   -19.136 12.233  1.00 49.70 ? 1046 ARG A CD  1 
ATOM   662  N NE  . ARG A 1 88  ? 8.311   -18.691 12.087  1.00 53.25 ? 1046 ARG A NE  1 
ATOM   663  C CZ  . ARG A 1 88  ? 9.143   -19.073 11.106  1.00 56.55 ? 1046 ARG A CZ  1 
ATOM   664  N NH1 . ARG A 1 88  ? 8.743   -19.919 10.151  1.00 57.15 ? 1046 ARG A NH1 1 
ATOM   665  N NH2 . ARG A 1 88  ? 10.390  -18.603 11.070  1.00 56.16 ? 1046 ARG A NH2 1 
ATOM   666  N N   . THR A 1 89  ? 4.008   -19.040 8.515   1.00 41.34 ? 1047 THR A N   1 
ATOM   667  C CA  . THR A 1 89  ? 4.495   -19.181 7.146   1.00 40.24 ? 1047 THR A CA  1 
ATOM   668  C C   . THR A 1 89  ? 3.718   -18.280 6.203   1.00 39.24 ? 1047 THR A C   1 
ATOM   669  O O   . THR A 1 89  ? 4.319   -17.604 5.356   1.00 39.07 ? 1047 THR A O   1 
ATOM   670  C CB  . THR A 1 89  ? 4.363   -20.637 6.644   1.00 40.53 ? 1047 THR A CB  1 
ATOM   671  O OG1 . THR A 1 89  ? 5.011   -21.522 7.565   1.00 40.06 ? 1047 THR A OG1 1 
ATOM   672  C CG2 . THR A 1 89  ? 4.976   -20.798 5.244   1.00 40.83 ? 1047 THR A CG2 1 
ATOM   673  N N   . ASN A 1 90  ? 2.388   -18.281 6.339   1.00 37.79 ? 1048 ASN A N   1 
ATOM   674  C CA  . ASN A 1 90  ? 1.549   -17.434 5.495   1.00 36.70 ? 1048 ASN A CA  1 
ATOM   675  C C   . ASN A 1 90  ? 1.855   -15.964 5.671   1.00 34.75 ? 1048 ASN A C   1 
ATOM   676  O O   . ASN A 1 90  ? 1.851   -15.214 4.696   1.00 34.24 ? 1048 ASN A O   1 
ATOM   677  C CB  . ASN A 1 90  ? 0.061   -17.677 5.726   1.00 37.00 ? 1048 ASN A CB  1 
ATOM   678  C CG  . ASN A 1 90  ? -0.514  -18.659 4.745   1.00 40.17 ? 1048 ASN A CG  1 
ATOM   679  O OD1 . ASN A 1 90  ? 0.223   -19.460 4.146   1.00 42.77 ? 1048 ASN A OD1 1 
ATOM   680  N ND2 . ASN A 1 90  ? -1.833  -18.611 4.559   1.00 39.78 ? 1048 ASN A ND2 1 
ATOM   681  N N   . LEU A 1 91  ? 2.126   -15.576 6.916   1.00 32.98 ? 1049 LEU A N   1 
ATOM   682  C CA  . LEU A 1 91  ? 2.327   -14.177 7.249   1.00 31.79 ? 1049 LEU A CA  1 
ATOM   683  C C   . LEU A 1 91  ? 3.680   -13.744 6.727   1.00 31.40 ? 1049 LEU A C   1 
ATOM   684  O O   . LEU A 1 91  ? 3.794   -12.667 6.149   1.00 30.62 ? 1049 LEU A O   1 
ATOM   685  C CB  . LEU A 1 91  ? 2.157   -13.893 8.754   1.00 30.87 ? 1049 LEU A CB  1 
ATOM   686  C CG  . LEU A 1 91  ? 2.345   -12.459 9.280   1.00 30.13 ? 1049 LEU A CG  1 
ATOM   687  C CD1 . LEU A 1 91  ? 1.513   -11.400 8.505   1.00 25.75 ? 1049 LEU A CD1 1 
ATOM   688  C CD2 . LEU A 1 91  ? 2.064   -12.393 10.767  1.00 28.49 ? 1049 LEU A CD2 1 
ATOM   689  N N   . LEU A 1 92  ? 4.689   -14.599 6.902   1.00 31.08 ? 1050 LEU A N   1 
ATOM   690  C CA  . LEU A 1 92  ? 5.990   -14.353 6.285   1.00 31.55 ? 1050 LEU A CA  1 
ATOM   691  C C   . LEU A 1 92  ? 5.902   -14.287 4.767   1.00 31.45 ? 1050 LEU A C   1 
ATOM   692  O O   . LEU A 1 92  ? 6.527   -13.430 4.166   1.00 31.30 ? 1050 LEU A O   1 
ATOM   693  C CB  . LEU A 1 92  ? 7.043   -15.383 6.706   1.00 31.61 ? 1050 LEU A CB  1 
ATOM   694  C CG  . LEU A 1 92  ? 7.654   -15.235 8.111   1.00 33.16 ? 1050 LEU A CG  1 
ATOM   695  C CD1 . LEU A 1 92  ? 8.673   -16.369 8.385   1.00 34.26 ? 1050 LEU A CD1 1 
ATOM   696  C CD2 . LEU A 1 92  ? 8.293   -13.865 8.338   1.00 31.30 ? 1050 LEU A CD2 1 
ATOM   697  N N   . GLN A 1 93  ? 5.121   -15.175 4.149   1.00 31.65 ? 1051 GLN A N   1 
ATOM   698  C CA  . GLN A 1 93  ? 4.979   -15.153 2.684   1.00 32.09 ? 1051 GLN A CA  1 
ATOM   699  C C   . GLN A 1 93  ? 4.427   -13.822 2.164   1.00 31.88 ? 1051 GLN A C   1 
ATOM   700  O O   . GLN A 1 93  ? 4.994   -13.239 1.239   1.00 31.90 ? 1051 GLN A O   1 
ATOM   701  C CB  . GLN A 1 93  ? 4.101   -16.303 2.175   1.00 32.53 ? 1051 GLN A CB  1 
ATOM   702  C CG  . GLN A 1 93  ? 4.810   -17.651 2.005   1.00 35.20 ? 1051 GLN A CG  1 
ATOM   703  C CD  . GLN A 1 93  ? 3.824   -18.812 1.780   1.00 40.91 ? 1051 GLN A CD  1 
ATOM   704  O OE1 . GLN A 1 93  ? 2.609   -18.609 1.556   1.00 41.46 ? 1051 GLN A OE1 1 
ATOM   705  N NE2 . GLN A 1 93  ? 4.346   -20.035 1.849   1.00 41.24 ? 1051 GLN A NE2 1 
ATOM   706  N N   . VAL A 1 94  ? 3.318   -13.354 2.744   1.00 31.98 ? 1052 VAL A N   1 
ATOM   707  C CA  . VAL A 1 94  ? 2.680   -12.121 2.291   1.00 31.85 ? 1052 VAL A CA  1 
ATOM   708  C C   . VAL A 1 94  ? 3.495   -10.883 2.635   1.00 32.49 ? 1052 VAL A C   1 
ATOM   709  O O   . VAL A 1 94  ? 3.725   -10.027 1.774   1.00 32.93 ? 1052 VAL A O   1 
ATOM   710  C CB  . VAL A 1 94  ? 1.204   -11.956 2.771   1.00 31.93 ? 1052 VAL A CB  1 
ATOM   711  C CG1 . VAL A 1 94  ? 1.103   -11.804 4.288   1.00 31.01 ? 1052 VAL A CG1 1 
ATOM   712  C CG2 . VAL A 1 94  ? 0.557   -10.766 2.060   1.00 31.24 ? 1052 VAL A CG2 1 
ATOM   713  N N   . CYS A 1 95  ? 3.970   -10.769 3.868   1.00 32.98 ? 1053 CYS A N   1 
ATOM   714  C CA  . CYS A 1 95  ? 4.616   -9.510  4.207   1.00 33.67 ? 1053 CYS A CA  1 
ATOM   715  C C   . CYS A 1 95  ? 6.002   -9.374  3.575   1.00 33.70 ? 1053 CYS A C   1 
ATOM   716  O O   . CYS A 1 95  ? 6.560   -8.289  3.548   1.00 34.10 ? 1053 CYS A O   1 
ATOM   717  C CB  . CYS A 1 95  ? 4.546   -9.186  5.714   1.00 33.62 ? 1053 CYS A CB  1 
ATOM   718  S SG  . CYS A 1 95  ? 5.698   -10.037 6.719   1.00 34.84 ? 1053 CYS A SG  1 
ATOM   719  N N   . GLU A 1 96  ? 6.512   -10.445 2.976   1.00 33.65 ? 1054 GLU A N   1 
ATOM   720  C CA  . GLU A 1 96  ? 7.744   -10.356 2.196   1.00 33.53 ? 1054 GLU A CA  1 
ATOM   721  C C   . GLU A 1 96  ? 7.524   -10.079 0.678   1.00 33.04 ? 1054 GLU A C   1 
ATOM   722  O O   . GLU A 1 96  ? 8.484   -9.839  -0.055  1.00 33.04 ? 1054 GLU A O   1 
ATOM   723  C CB  . GLU A 1 96  ? 8.613   -11.597 2.444   1.00 34.43 ? 1054 GLU A CB  1 
ATOM   724  C CG  . GLU A 1 96  ? 9.077   -11.740 3.924   1.00 37.32 ? 1054 GLU A CG  1 
ATOM   725  C CD  . GLU A 1 96  ? 9.711   -13.095 4.251   1.00 41.50 ? 1054 GLU A CD  1 
ATOM   726  O OE1 . GLU A 1 96  ? 9.486   -14.088 3.510   1.00 44.09 ? 1054 GLU A OE1 1 
ATOM   727  O OE2 . GLU A 1 96  ? 10.428  -13.169 5.274   1.00 43.01 ? 1054 GLU A OE2 1 
ATOM   728  N N   . ARG A 1 97  ? 6.269   -10.098 0.218   1.00 31.82 ? 1055 ARG A N   1 
ATOM   729  C CA  . ARG A 1 97  ? 5.892   -9.548  -1.093  1.00 30.61 ? 1055 ARG A CA  1 
ATOM   730  C C   . ARG A 1 97  ? 5.914   -8.007  -1.075  1.00 28.36 ? 1055 ARG A C   1 
ATOM   731  O O   . ARG A 1 97  ? 6.113   -7.371  -2.100  1.00 27.13 ? 1055 ARG A O   1 
ATOM   732  C CB  . ARG A 1 97  ? 4.456   -9.977  -1.503  1.00 31.40 ? 1055 ARG A CB  1 
ATOM   733  C CG  . ARG A 1 97  ? 4.248   -11.463 -1.809  1.00 35.60 ? 1055 ARG A CG  1 
ATOM   734  C CD  . ARG A 1 97  ? 3.067   -11.722 -2.794  1.00 40.12 ? 1055 ARG A CD  1 
ATOM   735  N NE  . ARG A 1 97  ? 1.757   -11.125 -2.446  1.00 43.10 ? 1055 ARG A NE  1 
ATOM   736  C CZ  . ARG A 1 97  ? 0.803   -11.719 -1.708  1.00 44.58 ? 1055 ARG A CZ  1 
ATOM   737  N NH1 . ARG A 1 97  ? 0.990   -12.928 -1.179  1.00 42.49 ? 1055 ARG A NH1 1 
ATOM   738  N NH2 . ARG A 1 97  ? -0.349  -11.094 -1.481  1.00 44.78 ? 1055 ARG A NH2 1 
ATOM   739  N N   . ILE A 1 98  ? 5.676   -7.416  0.091   1.00 26.05 ? 1056 ILE A N   1 
ATOM   740  C CA  . ILE A 1 98  ? 5.335   -5.992  0.166   1.00 24.67 ? 1056 ILE A CA  1 
ATOM   741  C C   . ILE A 1 98  ? 6.446   -5.022  -0.275  1.00 23.89 ? 1056 ILE A C   1 
ATOM   742  O O   . ILE A 1 98  ? 6.147   -4.074  -1.002  1.00 23.00 ? 1056 ILE A O   1 
ATOM   743  C CB  . ILE A 1 98  ? 4.746   -5.593  1.549   1.00 24.29 ? 1056 ILE A CB  1 
ATOM   744  C CG1 . ILE A 1 98  ? 3.363   -6.227  1.735   1.00 23.57 ? 1056 ILE A CG1 1 
ATOM   745  C CG2 . ILE A 1 98  ? 4.693   -4.054  1.733   1.00 23.37 ? 1056 ILE A CG2 1 
ATOM   746  C CD1 . ILE A 1 98  ? 2.893   -6.227  3.164   1.00 20.48 ? 1056 ILE A CD1 1 
ATOM   747  N N   . PRO A 1 99  ? 7.713   -5.254  0.159   1.00 23.05 ? 1057 PRO A N   1 
ATOM   748  C CA  . PRO A 1 99  ? 8.798   -4.340  -0.247  1.00 22.54 ? 1057 PRO A CA  1 
ATOM   749  C C   . PRO A 1 99  ? 8.984   -4.307  -1.781  1.00 22.18 ? 1057 PRO A C   1 
ATOM   750  O O   . PRO A 1 99  ? 9.270   -3.264  -2.352  1.00 21.97 ? 1057 PRO A O   1 
ATOM   751  C CB  . PRO A 1 99  ? 10.050  -4.922  0.446   1.00 22.58 ? 1057 PRO A CB  1 
ATOM   752  C CG  . PRO A 1 99  ? 9.509   -5.801  1.589   1.00 23.57 ? 1057 PRO A CG  1 
ATOM   753  C CD  . PRO A 1 99  ? 8.199   -6.351  1.028   1.00 23.05 ? 1057 PRO A CD  1 
ATOM   754  N N   . THR A 1 100 ? 8.790   -5.444  -2.422  1.00 21.51 ? 1058 THR A N   1 
ATOM   755  C CA  . THR A 1 100 ? 8.877   -5.567  -3.877  1.00 22.11 ? 1058 THR A CA  1 
ATOM   756  C C   . THR A 1 100 ? 7.732   -4.812  -4.563  1.00 20.68 ? 1058 THR A C   1 
ATOM   757  O O   . THR A 1 100 ? 7.953   -4.098  -5.559  1.00 20.09 ? 1058 THR A O   1 
ATOM   758  C CB  . THR A 1 100 ? 8.898   -7.065  -4.283  1.00 21.86 ? 1058 THR A CB  1 
ATOM   759  O OG1 . THR A 1 100 ? 10.175  -7.603  -3.948  1.00 26.02 ? 1058 THR A OG1 1 
ATOM   760  C CG2 . THR A 1 100 ? 8.683   -7.265  -5.773  1.00 25.00 ? 1058 THR A CG2 1 
ATOM   761  N N   . ILE A 1 101 ? 6.525   -4.943  -4.014  1.00 19.22 ? 1059 ILE A N   1 
ATOM   762  C CA  . ILE A 1 101 ? 5.349   -4.280  -4.596  1.00 17.79 ? 1059 ILE A CA  1 
ATOM   763  C C   . ILE A 1 101 ? 5.457   -2.751  -4.423  1.00 17.29 ? 1059 ILE A C   1 
ATOM   764  O O   . ILE A 1 101 ? 5.169   -1.996  -5.338  1.00 16.20 ? 1059 ILE A O   1 
ATOM   765  C CB  . ILE A 1 101 ? 4.029   -4.838  -4.033  1.00 18.01 ? 1059 ILE A CB  1 
ATOM   766  C CG1 . ILE A 1 101 ? 3.905   -6.332  -4.380  1.00 17.84 ? 1059 ILE A CG1 1 
ATOM   767  C CG2 . ILE A 1 101 ? 2.787   -4.057  -4.574  1.00 15.31 ? 1059 ILE A CG2 1 
ATOM   768  C CD1 . ILE A 1 101 ? 2.828   -7.098  -3.487  1.00 20.17 ? 1059 ILE A CD1 1 
ATOM   769  N N   . SER A 1 102 ? 5.944   -2.317  -3.271  1.00 17.05 ? 1060 SER A N   1 
ATOM   770  C CA  . SER A 1 102 ? 6.068   -0.888  -3.010  1.00 17.36 ? 1060 SER A CA  1 
ATOM   771  C C   . SER A 1 102 ? 7.307   -0.262  -3.682  1.00 16.47 ? 1060 SER A C   1 
ATOM   772  O O   . SER A 1 102 ? 7.312   0.906   -4.011  1.00 15.50 ? 1060 SER A O   1 
ATOM   773  C CB  . SER A 1 102 ? 5.998   -0.593  -1.507  1.00 16.56 ? 1060 SER A CB  1 
ATOM   774  O OG  . SER A 1 102 ? 7.184   -1.013  -0.869  1.00 21.80 ? 1060 SER A OG  1 
ATOM   775  N N   . THR A 1 103 ? 8.338   -1.058  -3.926  1.00 16.72 ? 1061 THR A N   1 
ATOM   776  C CA  . THR A 1 103 ? 9.420   -0.630  -4.811  1.00 16.76 ? 1061 THR A CA  1 
ATOM   777  C C   . THR A 1 103 ? 8.862   -0.440  -6.242  1.00 16.03 ? 1061 THR A C   1 
ATOM   778  O O   . THR A 1 103 ? 9.148   0.546   -6.908  1.00 16.20 ? 1061 THR A O   1 
ATOM   779  C CB  . THR A 1 103 ? 10.572  -1.648  -4.804  1.00 17.08 ? 1061 THR A CB  1 
ATOM   780  O OG1 . THR A 1 103 ? 11.199  -1.621  -3.529  1.00 16.69 ? 1061 THR A OG1 1 
ATOM   781  C CG2 . THR A 1 103 ? 11.617  -1.352  -5.891  1.00 15.89 ? 1061 THR A CG2 1 
ATOM   782  N N   . GLN A 1 104 ? 8.053   -1.385  -6.685  1.00 16.25 ? 1062 GLN A N   1 
ATOM   783  C CA  . GLN A 1 104 ? 7.352   -1.288  -7.963  1.00 16.47 ? 1062 GLN A CA  1 
ATOM   784  C C   . GLN A 1 104 ? 6.391   -0.093  -8.052  1.00 17.15 ? 1062 GLN A C   1 
ATOM   785  O O   . GLN A 1 104 ? 6.237   0.524   -9.141  1.00 17.23 ? 1062 GLN A O   1 
ATOM   786  C CB  . GLN A 1 104 ? 6.621   -2.601  -8.245  1.00 17.42 ? 1062 GLN A CB  1 
ATOM   787  C CG  . GLN A 1 104 ? 5.854   -2.648  -9.516  1.00 16.94 ? 1062 GLN A CG  1 
ATOM   788  C CD  . GLN A 1 104 ? 6.737   -2.830  -10.723 1.00 20.55 ? 1062 GLN A CD  1 
ATOM   789  O OE1 . GLN A 1 104 ? 7.931   -2.525  -10.685 1.00 20.32 ? 1062 GLN A OE1 1 
ATOM   790  N NE2 . GLN A 1 104 ? 6.145   -3.313  -11.825 1.00 21.58 ? 1062 GLN A NE2 1 
ATOM   791  N N   . LEU A 1 105 ? 5.765   0.270   -6.927  1.00 15.85 ? 1063 LEU A N   1 
ATOM   792  C CA  . LEU A 1 105 ? 4.933   1.474   -6.909  1.00 16.22 ? 1063 LEU A CA  1 
ATOM   793  C C   . LEU A 1 105 ? 5.755   2.744   -7.220  1.00 15.30 ? 1063 LEU A C   1 
ATOM   794  O O   . LEU A 1 105 ? 5.290   3.630   -7.909  1.00 16.05 ? 1063 LEU A O   1 
ATOM   795  C CB  . LEU A 1 105 ? 4.176   1.609   -5.565  1.00 15.73 ? 1063 LEU A CB  1 
ATOM   796  C CG  . LEU A 1 105 ? 3.294   2.844   -5.344  1.00 16.85 ? 1063 LEU A CG  1 
ATOM   797  C CD1 . LEU A 1 105 ? 1.958   2.743   -6.083  1.00 18.17 ? 1063 LEU A CD1 1 
ATOM   798  C CD2 . LEU A 1 105 ? 3.057   3.118   -3.858  1.00 16.80 ? 1063 LEU A CD2 1 
ATOM   799  N N   . LYS A 1 106 ? 6.963   2.818   -6.693  1.00 15.42 ? 1064 LYS A N   1 
ATOM   800  C CA  . LYS A 1 106 ? 7.836   3.954   -6.898  1.00 16.06 ? 1064 LYS A CA  1 
ATOM   801  C C   . LYS A 1 106 ? 8.308   4.034   -8.355  1.00 16.40 ? 1064 LYS A C   1 
ATOM   802  O O   . LYS A 1 106 ? 8.318   5.108   -8.952  1.00 16.70 ? 1064 LYS A O   1 
ATOM   803  C CB  . LYS A 1 106 ? 9.032   3.895   -5.941  1.00 16.12 ? 1064 LYS A CB  1 
ATOM   804  C CG  . LYS A 1 106 ? 8.671   4.001   -4.446  1.00 17.82 ? 1064 LYS A CG  1 
ATOM   805  C CD  . LYS A 1 106 ? 9.911   4.297   -3.584  1.00 19.34 ? 1064 LYS A CD  1 
ATOM   806  C CE  . LYS A 1 106 ? 10.764  3.081   -3.348  1.00 21.14 ? 1064 LYS A CE  1 
ATOM   807  N NZ  . LYS A 1 106 ? 11.980  3.424   -2.527  1.00 26.90 ? 1064 LYS A NZ  1 
ATOM   808  N N   . ILE A 1 107 ? 8.694   2.894   -8.918  1.00 16.14 ? 1065 ILE A N   1 
ATOM   809  C CA  . ILE A 1 107 ? 9.041   2.816   -10.336 1.00 16.27 ? 1065 ILE A CA  1 
ATOM   810  C C   . ILE A 1 107 ? 7.892   3.252   -11.255 1.00 15.99 ? 1065 ILE A C   1 
ATOM   811  O O   . ILE A 1 107 ? 8.057   4.130   -12.112 1.00 16.22 ? 1065 ILE A O   1 
ATOM   812  C CB  . ILE A 1 107 ? 9.498   1.371   -10.690 1.00 16.06 ? 1065 ILE A CB  1 
ATOM   813  C CG1 . ILE A 1 107 ? 10.868  1.117   -10.045 1.00 16.91 ? 1065 ILE A CG1 1 
ATOM   814  C CG2 . ILE A 1 107 ? 9.501   1.165   -12.213 1.00 16.29 ? 1065 ILE A CG2 1 
ATOM   815  C CD1 . ILE A 1 107 ? 11.221  -0.391  -9.843  1.00 16.53 ? 1065 ILE A CD1 1 
ATOM   816  N N   . LEU A 1 108 ? 6.723   2.666   -11.069 1.00 15.85 ? 1066 LEU A N   1 
ATOM   817  C CA  . LEU A 1 108 ? 5.609   2.935   -11.973 1.00 16.23 ? 1066 LEU A CA  1 
ATOM   818  C C   . LEU A 1 108 ? 5.015   4.340   -11.808 1.00 16.68 ? 1066 LEU A C   1 
ATOM   819  O O   . LEU A 1 108 ? 4.482   4.906   -12.774 1.00 16.62 ? 1066 LEU A O   1 
ATOM   820  C CB  . LEU A 1 108 ? 4.517   1.862   -11.833 1.00 15.71 ? 1066 LEU A CB  1 
ATOM   821  C CG  . LEU A 1 108 ? 4.969   0.438   -12.182 1.00 16.49 ? 1066 LEU A CG  1 
ATOM   822  C CD1 . LEU A 1 108 ? 3.842   -0.576  -11.855 1.00 15.24 ? 1066 LEU A CD1 1 
ATOM   823  C CD2 . LEU A 1 108 ? 5.467   0.300   -13.669 1.00 13.45 ? 1066 LEU A CD2 1 
ATOM   824  N N   . SER A 1 109 ? 5.096   4.899   -10.600 1.00 16.60 ? 1067 SER A N   1 
ATOM   825  C CA  . SER A 1 109 ? 4.665   6.289   -10.382 1.00 16.95 ? 1067 SER A CA  1 
ATOM   826  C C   . SER A 1 109 ? 5.590   7.261   -11.073 1.00 16.63 ? 1067 SER A C   1 
ATOM   827  O O   . SER A 1 109 ? 5.151   8.259   -11.617 1.00 16.71 ? 1067 SER A O   1 
ATOM   828  C CB  . SER A 1 109 ? 4.622   6.613   -8.890  1.00 16.78 ? 1067 SER A CB  1 
ATOM   829  O OG  . SER A 1 109 ? 3.637   5.806   -8.258  1.00 21.13 ? 1067 SER A OG  1 
ATOM   830  N N   . THR A 1 110 ? 6.880   6.972   -11.030 1.00 16.51 ? 1068 THR A N   1 
ATOM   831  C CA  . THR A 1 110 ? 7.862   7.838   -11.660 1.00 16.92 ? 1068 THR A CA  1 
ATOM   832  C C   . THR A 1 110 ? 7.728   7.768   -13.170 1.00 17.00 ? 1068 THR A C   1 
ATOM   833  O O   . THR A 1 110 ? 7.722   8.804   -13.839 1.00 17.83 ? 1068 THR A O   1 
ATOM   834  C CB  . THR A 1 110 ? 9.284   7.479   -11.175 1.00 16.98 ? 1068 THR A CB  1 
ATOM   835  O OG1 . THR A 1 110 ? 9.284   7.539   -9.745  1.00 16.37 ? 1068 THR A OG1 1 
ATOM   836  C CG2 . THR A 1 110 ? 10.318  8.453   -11.719 1.00 16.56 ? 1068 THR A CG2 1 
ATOM   837  N N   . VAL A 1 111 ? 7.567   6.555   -13.689 1.00 17.02 ? 1069 VAL A N   1 
ATOM   838  C CA  . VAL A 1 111 ? 7.219   6.337   -15.097 1.00 17.61 ? 1069 VAL A CA  1 
ATOM   839  C C   . VAL A 1 111 ? 5.977   7.146   -15.528 1.00 18.85 ? 1069 VAL A C   1 
ATOM   840  O O   . VAL A 1 111 ? 6.029   7.862   -16.519 1.00 18.86 ? 1069 VAL A O   1 
ATOM   841  C CB  . VAL A 1 111 ? 6.987   4.844   -15.409 1.00 16.93 ? 1069 VAL A CB  1 
ATOM   842  C CG1 . VAL A 1 111 ? 6.297   4.659   -16.793 1.00 17.21 ? 1069 VAL A CG1 1 
ATOM   843  C CG2 . VAL A 1 111 ? 8.307   4.068   -15.325 1.00 14.91 ? 1069 VAL A CG2 1 
ATOM   844  N N   . LYS A 1 112 ? 4.872   7.018   -14.801 1.00 19.78 ? 1070 LYS A N   1 
ATOM   845  C CA  . LYS A 1 112 ? 3.655   7.792   -15.098 1.00 21.05 ? 1070 LYS A CA  1 
ATOM   846  C C   . LYS A 1 112 ? 3.895   9.323   -15.036 1.00 21.69 ? 1070 LYS A C   1 
ATOM   847  O O   . LYS A 1 112 ? 3.447   10.059  -15.901 1.00 20.61 ? 1070 LYS A O   1 
ATOM   848  C CB  . LYS A 1 112 ? 2.520   7.389   -14.151 1.00 20.41 ? 1070 LYS A CB  1 
ATOM   849  C CG  . LYS A 1 112 ? 1.234   8.149   -14.363 1.00 21.16 ? 1070 LYS A CG  1 
ATOM   850  C CD  . LYS A 1 112 ? 0.642   7.983   -15.767 1.00 22.66 ? 1070 LYS A CD  1 
ATOM   851  C CE  . LYS A 1 112 ? -0.415  9.070   -16.034 1.00 22.54 ? 1070 LYS A CE  1 
ATOM   852  N NZ  . LYS A 1 112 ? -1.097  8.825   -17.357 1.00 24.29 ? 1070 LYS A NZ  1 
ATOM   853  N N   . ALA A 1 113 ? 4.635   9.764   -14.026 1.00 23.01 ? 1071 ALA A N   1 
ATOM   854  C CA  . ALA A 1 113 ? 4.946   11.173  -13.821 1.00 25.02 ? 1071 ALA A CA  1 
ATOM   855  C C   . ALA A 1 113 ? 5.837   11.750  -14.917 1.00 26.69 ? 1071 ALA A C   1 
ATOM   856  O O   . ALA A 1 113 ? 5.575   12.831  -15.394 1.00 26.76 ? 1071 ALA A O   1 
ATOM   857  C CB  . ALA A 1 113 ? 5.611   11.368  -12.446 1.00 24.60 ? 1071 ALA A CB  1 
ATOM   858  N N   . THR A 1 114 ? 6.874   11.006  -15.304 1.00 28.71 ? 1072 THR A N   1 
ATOM   859  C CA  . THR A 1 114 ? 8.001   11.518  -16.076 1.00 30.67 ? 1072 THR A CA  1 
ATOM   860  C C   . THR A 1 114 ? 8.070   10.946  -17.479 1.00 32.22 ? 1072 THR A C   1 
ATOM   861  O O   . THR A 1 114 ? 8.638   11.580  -18.369 1.00 32.90 ? 1072 THR A O   1 
ATOM   862  C CB  . THR A 1 114 ? 9.339   11.176  -15.393 1.00 30.29 ? 1072 THR A CB  1 
ATOM   863  O OG1 . THR A 1 114 ? 9.282   11.568  -14.028 1.00 31.28 ? 1072 THR A OG1 1 
ATOM   864  C CG2 . THR A 1 114 ? 10.498  11.940  -16.046 1.00 32.51 ? 1072 THR A CG2 1 
ATOM   865  N N   . MET A 1 115 ? 7.540   9.734   -17.653 1.00 34.09 ? 1073 MET A N   1 
ATOM   866  C CA  . MET A 1 115 ? 7.472   9.047   -18.950 1.00 35.84 ? 1073 MET A CA  1 
ATOM   867  C C   . MET A 1 115 ? 8.841   9.013   -19.669 1.00 37.20 ? 1073 MET A C   1 
ATOM   868  O O   . MET A 1 115 ? 9.787   8.410   -19.157 1.00 36.69 ? 1073 MET A O   1 
ATOM   869  C CB  . MET A 1 115 ? 6.324   9.623   -19.815 1.00 36.03 ? 1073 MET A CB  1 
ATOM   870  C CG  . MET A 1 115 ? 4.894   9.439   -19.218 1.00 35.59 ? 1073 MET A CG  1 
ATOM   871  S SD  . MET A 1 115 ? 4.353   7.695   -19.129 1.00 35.97 ? 1073 MET A SD  1 
ATOM   872  C CE  . MET A 1 115 ? 3.804   7.377   -20.810 1.00 35.17 ? 1073 MET A CE  1 
ATOM   873  N N   . LEU A 1 116 ? 8.954   9.666   -20.825 1.00 38.96 ? 1074 LEU A N   1 
ATOM   874  C CA  . LEU A 1 116 ? 10.221  9.672   -21.565 1.00 41.49 ? 1074 LEU A CA  1 
ATOM   875  C C   . LEU A 1 116 ? 10.991  11.000  -21.536 1.00 42.95 ? 1074 LEU A C   1 
ATOM   876  O O   . LEU A 1 116 ? 11.840  11.254  -22.409 1.00 43.04 ? 1074 LEU A O   1 
ATOM   877  C CB  . LEU A 1 116 ? 10.013  9.198   -23.004 1.00 41.38 ? 1074 LEU A CB  1 
ATOM   878  C CG  . LEU A 1 116 ? 9.655   7.721   -23.103 1.00 42.01 ? 1074 LEU A CG  1 
ATOM   879  C CD1 . LEU A 1 116 ? 9.109   7.487   -24.463 1.00 41.64 ? 1074 LEU A CD1 1 
ATOM   880  C CD2 . LEU A 1 116 ? 10.862  6.808   -22.842 1.00 42.02 ? 1074 LEU A CD2 1 
ATOM   881  N N   . GLY A 1 117 ? 10.725  11.804  -20.501 1.00 44.70 ? 1075 GLY A N   1 
ATOM   882  C CA  . GLY A 1 117 ? 11.327  13.122  -20.343 1.00 46.80 ? 1075 GLY A CA  1 
ATOM   883  C C   . GLY A 1 117 ? 10.667  14.101  -21.288 1.00 48.27 ? 1075 GLY A C   1 
ATOM   884  O O   . GLY A 1 117 ? 9.444   14.255  -21.271 1.00 48.64 ? 1075 GLY A O   1 
ATOM   885  N N   . ARG A 1 118 ? 11.479  14.733  -22.133 1.00 49.99 ? 1076 ARG A N   1 
ATOM   886  C CA  . ARG A 1 118 ? 11.011  15.757  -23.082 1.00 51.61 ? 1076 ARG A CA  1 
ATOM   887  C C   . ARG A 1 118 ? 10.221  15.206  -24.272 1.00 51.88 ? 1076 ARG A C   1 
ATOM   888  O O   . ARG A 1 118 ? 9.317   15.873  -24.787 1.00 52.33 ? 1076 ARG A O   1 
ATOM   889  C CB  . ARG A 1 118 ? 12.188  16.613  -23.558 1.00 52.09 ? 1076 ARG A CB  1 
ATOM   890  C CG  . ARG A 1 118 ? 12.343  17.891  -22.751 1.00 54.40 ? 1076 ARG A CG  1 
ATOM   891  C CD  . ARG A 1 118 ? 13.785  18.391  -22.730 1.00 58.06 ? 1076 ARG A CD  1 
ATOM   892  N NE  . ARG A 1 118 ? 13.852  19.822  -22.417 1.00 61.12 ? 1076 ARG A NE  1 
ATOM   893  C CZ  . ARG A 1 118 ? 13.561  20.368  -21.231 1.00 62.46 ? 1076 ARG A CZ  1 
ATOM   894  N NH1 . ARG A 1 118 ? 13.172  19.610  -20.204 1.00 62.22 ? 1076 ARG A NH1 1 
ATOM   895  N NH2 . ARG A 1 118 ? 13.662  21.684  -21.070 1.00 62.43 ? 1076 ARG A NH2 1 
ATOM   896  N N   . THR A 1 119 ? 10.559  13.983  -24.681 1.00 52.12 ? 1077 THR A N   1 
ATOM   897  C CA  . THR A 1 119 ? 9.887   13.265  -25.774 1.00 52.14 ? 1077 THR A CA  1 
ATOM   898  C C   . THR A 1 119 ? 8.348   13.285  -25.672 1.00 52.04 ? 1077 THR A C   1 
ATOM   899  O O   . THR A 1 119 ? 7.797   13.124  -24.585 1.00 52.39 ? 1077 THR A O   1 
ATOM   900  C CB  . THR A 1 119 ? 10.418  11.792  -25.841 1.00 52.34 ? 1077 THR A CB  1 
ATOM   901  O OG1 . THR A 1 119 ? 11.814  11.792  -26.180 1.00 52.36 ? 1077 THR A OG1 1 
ATOM   902  C CG2 . THR A 1 119 ? 9.658   10.959  -26.859 1.00 52.03 ? 1077 THR A CG2 1 
ATOM   903  N N   . ASN A 1 120 ? 7.666   13.490  -26.802 1.00 51.99 ? 1078 ASN A N   1 
ATOM   904  C CA  . ASN A 1 120 ? 6.194   13.403  -26.877 1.00 51.65 ? 1078 ASN A CA  1 
ATOM   905  C C   . ASN A 1 120 ? 5.676   11.970  -26.657 1.00 50.95 ? 1078 ASN A C   1 
ATOM   906  O O   . ASN A 1 120 ? 6.315   10.989  -27.071 1.00 51.05 ? 1078 ASN A O   1 
ATOM   907  C CB  . ASN A 1 120 ? 5.688   13.950  -28.224 1.00 52.07 ? 1078 ASN A CB  1 
ATOM   908  C CG  . ASN A 1 120 ? 4.235   14.455  -28.170 1.00 53.35 ? 1078 ASN A CG  1 
ATOM   909  O OD1 . ASN A 1 120 ? 3.713   14.809  -27.107 1.00 55.31 ? 1078 ASN A OD1 1 
ATOM   910  N ND2 . ASN A 1 120 ? 3.585   14.500  -29.335 1.00 53.79 ? 1078 ASN A ND2 1 
ATOM   911  N N   . ILE A 1 121 ? 4.510   11.870  -26.019 1.00 49.81 ? 1079 ILE A N   1 
ATOM   912  C CA  . ILE A 1 121 ? 3.908   10.598  -25.615 1.00 48.60 ? 1079 ILE A CA  1 
ATOM   913  C C   . ILE A 1 121 ? 2.446   10.536  -26.060 1.00 48.01 ? 1079 ILE A C   1 
ATOM   914  O O   . ILE A 1 121 ? 1.710   11.517  -25.922 1.00 48.34 ? 1079 ILE A O   1 
ATOM   915  C CB  . ILE A 1 121 ? 4.053   10.403  -24.054 1.00 48.72 ? 1079 ILE A CB  1 
ATOM   916  C CG1 . ILE A 1 121 ? 5.113   9.350   -23.738 1.00 48.10 ? 1079 ILE A CG1 1 
ATOM   917  C CG2 . ILE A 1 121 ? 2.726   10.050  -23.377 1.00 47.94 ? 1079 ILE A CG2 1 
ATOM   918  C CD1 . ILE A 1 121 ? 6.516   9.857   -23.789 1.00 47.10 ? 1079 ILE A CD1 1 
ATOM   919  N N   . SER A 1 122 ? 2.030   9.388   -26.588 1.00 46.81 ? 1080 SER A N   1 
ATOM   920  C CA  . SER A 1 122 ? 0.654   9.199   -27.065 1.00 45.89 ? 1080 SER A CA  1 
ATOM   921  C C   . SER A 1 122 ? -0.341  9.025   -25.924 1.00 45.28 ? 1080 SER A C   1 
ATOM   922  O O   . SER A 1 122 ? 0.053   8.847   -24.770 1.00 44.93 ? 1080 SER A O   1 
ATOM   923  C CB  . SER A 1 122 ? 0.564   7.979   -27.984 1.00 45.56 ? 1080 SER A CB  1 
ATOM   924  O OG  . SER A 1 122 ? 1.080   6.825   -27.345 1.00 46.07 ? 1080 SER A OG  1 
ATOM   925  N N   . ASP A 1 123 ? -1.626  9.066   -26.266 1.00 44.38 ? 1081 ASP A N   1 
ATOM   926  C CA  . ASP A 1 123 ? -2.698  8.760   -25.326 1.00 43.93 ? 1081 ASP A CA  1 
ATOM   927  C C   . ASP A 1 123 ? -2.695  7.280   -24.949 1.00 42.66 ? 1081 ASP A C   1 
ATOM   928  O O   . ASP A 1 123 ? -3.212  6.916   -23.892 1.00 42.27 ? 1081 ASP A O   1 
ATOM   929  C CB  . ASP A 1 123 ? -4.067  9.131   -25.912 1.00 44.54 ? 1081 ASP A CB  1 
ATOM   930  C CG  . ASP A 1 123 ? -4.253  10.634  -26.084 1.00 46.81 ? 1081 ASP A CG  1 
ATOM   931  O OD1 . ASP A 1 123 ? -3.258  11.351  -26.350 1.00 48.66 ? 1081 ASP A OD1 1 
ATOM   932  O OD2 . ASP A 1 123 ? -5.409  11.093  -25.960 1.00 49.07 ? 1081 ASP A OD2 1 
ATOM   933  N N   . GLU A 1 124 ? -2.126  6.447   -25.825 1.00 41.11 ? 1082 GLU A N   1 
ATOM   934  C CA  . GLU A 1 124 ? -1.984  4.998   -25.598 1.00 39.71 ? 1082 GLU A CA  1 
ATOM   935  C C   . GLU A 1 124 ? -0.943  4.663   -24.539 1.00 37.99 ? 1082 GLU A C   1 
ATOM   936  O O   . GLU A 1 124 ? -1.224  3.883   -23.640 1.00 37.65 ? 1082 GLU A O   1 
ATOM   937  C CB  . GLU A 1 124 ? -1.608  4.255   -26.889 1.00 39.70 ? 1082 GLU A CB  1 
ATOM   938  C CG  . GLU A 1 124 ? -2.767  3.971   -27.842 1.00 41.10 ? 1082 GLU A CG  1 
ATOM   939  C CD  . GLU A 1 124 ? -2.389  2.973   -28.954 1.00 41.04 ? 1082 GLU A CD  1 
ATOM   940  O OE1 . GLU A 1 124 ? -3.232  2.724   -29.852 1.00 41.88 ? 1082 GLU A OE1 1 
ATOM   941  O OE2 . GLU A 1 124 ? -1.264  2.433   -28.913 1.00 37.92 ? 1082 GLU A OE2 1 
ATOM   942  N N   . GLU A 1 125 ? 0.265   5.205   -24.698 1.00 36.61 ? 1083 GLU A N   1 
ATOM   943  C CA  . GLU A 1 125 ? 1.333   5.090   -23.709 1.00 36.11 ? 1083 GLU A CA  1 
ATOM   944  C C   . GLU A 1 125 ? 0.875   5.646   -22.355 1.00 35.11 ? 1083 GLU A C   1 
ATOM   945  O O   . GLU A 1 125 ? 1.181   5.072   -21.318 1.00 34.55 ? 1083 GLU A O   1 
ATOM   946  C CB  . GLU A 1 125 ? 2.587   5.837   -24.164 1.00 36.59 ? 1083 GLU A CB  1 
ATOM   947  C CG  . GLU A 1 125 ? 3.533   5.009   -25.014 1.00 38.83 ? 1083 GLU A CG  1 
ATOM   948  C CD  . GLU A 1 125 ? 4.579   5.840   -25.749 1.00 42.37 ? 1083 GLU A CD  1 
ATOM   949  O OE1 . GLU A 1 125 ? 4.255   6.952   -26.240 1.00 42.38 ? 1083 GLU A OE1 1 
ATOM   950  O OE2 . GLU A 1 125 ? 5.735   5.360   -25.849 1.00 45.16 ? 1083 GLU A OE2 1 
ATOM   951  N N   . SER A 1 126 ? 0.127   6.750   -22.396 1.00 33.73 ? 1084 SER A N   1 
ATOM   952  C CA  . SER A 1 126 ? -0.387  7.396   -21.202 1.00 33.09 ? 1084 SER A CA  1 
ATOM   953  C C   . SER A 1 126 ? -1.409  6.522   -20.472 1.00 32.46 ? 1084 SER A C   1 
ATOM   954  O O   . SER A 1 126 ? -1.283  6.311   -19.271 1.00 31.86 ? 1084 SER A O   1 
ATOM   955  C CB  . SER A 1 126 ? -0.956  8.770   -21.539 1.00 32.93 ? 1084 SER A CB  1 
ATOM   956  O OG  . SER A 1 126 ? -1.502  9.372   -20.389 1.00 32.75 ? 1084 SER A OG  1 
ATOM   957  N N   . GLU A 1 127 ? -2.388  6.000   -21.207 1.00 32.25 ? 1085 GLU A N   1 
ATOM   958  C CA  . GLU A 1 127 ? -3.360  5.038   -20.676 1.00 32.08 ? 1085 GLU A CA  1 
ATOM   959  C C   . GLU A 1 127 ? -2.720  3.718   -20.183 1.00 30.79 ? 1085 GLU A C   1 
ATOM   960  O O   . GLU A 1 127 ? -3.092  3.205   -19.130 1.00 30.40 ? 1085 GLU A O   1 
ATOM   961  C CB  . GLU A 1 127 ? -4.479  4.756   -21.699 1.00 32.73 ? 1085 GLU A CB  1 
ATOM   962  C CG  . GLU A 1 127 ? -5.622  3.855   -21.125 1.00 37.32 ? 1085 GLU A CG  1 
ATOM   963  C CD  . GLU A 1 127 ? -6.862  3.689   -22.038 1.00 45.17 ? 1085 GLU A CD  1 
ATOM   964  O OE1 . GLU A 1 127 ? -7.715  2.817   -21.707 1.00 48.00 ? 1085 GLU A OE1 1 
ATOM   965  O OE2 . GLU A 1 127 ? -7.002  4.407   -23.070 1.00 47.31 ? 1085 GLU A OE2 1 
ATOM   966  N N   . GLN A 1 128 ? -1.772  3.179   -20.950 1.00 29.49 ? 1086 GLN A N   1 
ATOM   967  C CA  . GLN A 1 128 ? -1.015  1.980   -20.559 1.00 28.61 ? 1086 GLN A CA  1 
ATOM   968  C C   . GLN A 1 128 ? -0.254  2.205   -19.247 1.00 27.29 ? 1086 GLN A C   1 
ATOM   969  O O   . GLN A 1 128 ? -0.220  1.314   -18.405 1.00 27.62 ? 1086 GLN A O   1 
ATOM   970  C CB  . GLN A 1 128 ? -0.064  1.548   -21.693 1.00 28.48 ? 1086 GLN A CB  1 
ATOM   971  C CG  . GLN A 1 128 ? 1.107   0.639   -21.325 1.00 30.10 ? 1086 GLN A CG  1 
ATOM   972  C CD  . GLN A 1 128 ? 1.929   0.137   -22.555 1.00 33.27 ? 1086 GLN A CD  1 
ATOM   973  O OE1 . GLN A 1 128 ? 2.286   -1.039  -22.646 1.00 33.54 ? 1086 GLN A OE1 1 
ATOM   974  N NE2 . GLN A 1 128 ? 2.241   1.042   -23.473 1.00 34.07 ? 1086 GLN A NE2 1 
ATOM   975  N N   . ALA A 1 129 ? 0.344   3.387   -19.087 1.00 25.51 ? 1087 ALA A N   1 
ATOM   976  C CA  . ALA A 1 129 ? 1.113   3.719   -17.887 1.00 24.47 ? 1087 ALA A CA  1 
ATOM   977  C C   . ALA A 1 129 ? 0.205   3.899   -16.670 1.00 23.70 ? 1087 ALA A C   1 
ATOM   978  O O   . ALA A 1 129 ? 0.578   3.526   -15.554 1.00 22.77 ? 1087 ALA A O   1 
ATOM   979  C CB  . ALA A 1 129 ? 1.999   4.954   -18.100 1.00 23.88 ? 1087 ALA A CB  1 
ATOM   980  N N   . THR A 1 130 ? -0.995  4.418   -16.914 1.00 23.03 ? 1088 THR A N   1 
ATOM   981  C CA  . THR A 1 130 ? -2.025  4.502   -15.884 1.00 23.71 ? 1088 THR A CA  1 
ATOM   982  C C   . THR A 1 130 ? -2.450  3.114   -15.402 1.00 24.06 ? 1088 THR A C   1 
ATOM   983  O O   . THR A 1 130 ? -2.575  2.879   -14.200 1.00 23.97 ? 1088 THR A O   1 
ATOM   984  C CB  . THR A 1 130 ? -3.256  5.304   -16.380 1.00 22.93 ? 1088 THR A CB  1 
ATOM   985  O OG1 . THR A 1 130 ? -2.901  6.684   -16.499 1.00 24.72 ? 1088 THR A OG1 1 
ATOM   986  C CG2 . THR A 1 130 ? -4.431  5.165   -15.426 1.00 22.28 ? 1088 THR A CG2 1 
ATOM   987  N N   . GLU A 1 131 ? -2.678  2.204   -16.342 1.00 24.83 ? 1089 GLU A N   1 
ATOM   988  C CA  . GLU A 1 131 ? -3.211  0.880   -16.007 1.00 25.87 ? 1089 GLU A CA  1 
ATOM   989  C C   . GLU A 1 131 ? -2.160  0.006   -15.286 1.00 25.49 ? 1089 GLU A C   1 
ATOM   990  O O   . GLU A 1 131 ? -2.505  -0.770  -14.409 1.00 25.20 ? 1089 GLU A O   1 
ATOM   991  C CB  . GLU A 1 131 ? -3.817  0.199   -17.256 1.00 26.73 ? 1089 GLU A CB  1 
ATOM   992  C CG  . GLU A 1 131 ? -4.938  1.084   -17.924 1.00 31.03 ? 1089 GLU A CG  1 
ATOM   993  C CD  . GLU A 1 131 ? -5.688  0.425   -19.107 1.00 37.08 ? 1089 GLU A CD  1 
ATOM   994  O OE1 . GLU A 1 131 ? -5.180  -0.581  -19.667 1.00 38.28 ? 1089 GLU A OE1 1 
ATOM   995  O OE2 . GLU A 1 131 ? -6.790  0.938   -19.474 1.00 38.33 ? 1089 GLU A OE2 1 
ATOM   996  N N   . MET A 1 132 ? -0.889  0.159   -15.649 1.00 25.10 ? 1090 MET A N   1 
ATOM   997  C CA  . MET A 1 132 ? 0.207   -0.430  -14.880 1.00 26.07 ? 1090 MET A CA  1 
ATOM   998  C C   . MET A 1 132 ? 0.195   0.030   -13.416 1.00 25.21 ? 1090 MET A C   1 
ATOM   999  O O   . MET A 1 132 ? 0.244   -0.794  -12.494 1.00 25.75 ? 1090 MET A O   1 
ATOM   1000 C CB  . MET A 1 132 ? 1.553   -0.067  -15.500 1.00 26.40 ? 1090 MET A CB  1 
ATOM   1001 C CG  . MET A 1 132 ? 1.735   -0.631  -16.895 1.00 30.32 ? 1090 MET A CG  1 
ATOM   1002 S SD  . MET A 1 132 ? 3.372   -0.303  -17.561 1.00 40.13 ? 1090 MET A SD  1 
ATOM   1003 C CE  . MET A 1 132 ? 3.603   1.473   -17.447 1.00 36.18 ? 1090 MET A CE  1 
ATOM   1004 N N   . LEU A 1 133 ? 0.133   1.347   -13.219 1.00 23.99 ? 1091 LEU A N   1 
ATOM   1005 C CA  . LEU A 1 133 ? 0.080   1.943   -11.887 1.00 23.41 ? 1091 LEU A CA  1 
ATOM   1006 C C   . LEU A 1 133 ? -1.130  1.439   -11.096 1.00 22.64 ? 1091 LEU A C   1 
ATOM   1007 O O   . LEU A 1 133 ? -0.984  1.054   -9.924  1.00 22.14 ? 1091 LEU A O   1 
ATOM   1008 C CB  . LEU A 1 133 ? 0.062   3.485   -11.981 1.00 23.53 ? 1091 LEU A CB  1 
ATOM   1009 C CG  . LEU A 1 133 ? 0.275   4.297   -10.697 1.00 24.01 ? 1091 LEU A CG  1 
ATOM   1010 C CD1 . LEU A 1 133 ? 1.428   3.740   -9.867  1.00 20.62 ? 1091 LEU A CD1 1 
ATOM   1011 C CD2 . LEU A 1 133 ? 0.505   5.781   -11.012 1.00 22.09 ? 1091 LEU A CD2 1 
ATOM   1012 N N   . VAL A 1 134 ? -2.305  1.433   -11.744 1.00 21.79 ? 1092 VAL A N   1 
ATOM   1013 C CA  . VAL A 1 134 ? -3.552  0.946   -11.146 1.00 21.14 ? 1092 VAL A CA  1 
ATOM   1014 C C   . VAL A 1 134 ? -3.411  -0.466  -10.583 1.00 21.52 ? 1092 VAL A C   1 
ATOM   1015 O O   . VAL A 1 134 ? -3.732  -0.695  -9.398  1.00 22.28 ? 1092 VAL A O   1 
ATOM   1016 C CB  . VAL A 1 134 ? -4.769  1.005   -12.161 1.00 21.48 ? 1092 VAL A CB  1 
ATOM   1017 C CG1 . VAL A 1 134 ? -5.977  0.256   -11.624 1.00 20.29 ? 1092 VAL A CG1 1 
ATOM   1018 C CG2 . VAL A 1 134 ? -5.164  2.446   -12.436 1.00 20.46 ? 1092 VAL A CG2 1 
ATOM   1019 N N   . HIS A 1 135 ? -2.930  -1.396  -11.425 1.00 20.87 ? 1093 HIS A N   1 
ATOM   1020 C CA  A HIS A 1 135 ? -2.795  -2.804  -11.035 0.50 20.55 ? 1093 HIS A CA  1 
ATOM   1021 C CA  B HIS A 1 135 ? -2.756  -2.821  -11.071 0.50 20.54 ? 1093 HIS A CA  1 
ATOM   1022 C C   . HIS A 1 135 ? -1.829  -2.991  -9.866  1.00 20.17 ? 1093 HIS A C   1 
ATOM   1023 O O   . HIS A 1 135 ? -2.087  -3.786  -8.968  1.00 19.93 ? 1093 HIS A O   1 
ATOM   1024 C CB  A HIS A 1 135 ? -2.399  -3.681  -12.230 0.50 20.25 ? 1093 HIS A CB  1 
ATOM   1025 C CB  B HIS A 1 135 ? -2.227  -3.607  -12.289 0.50 20.25 ? 1093 HIS A CB  1 
ATOM   1026 C CG  A HIS A 1 135 ? -3.409  -3.679  -13.337 0.50 21.47 ? 1093 HIS A CG  1 
ATOM   1027 C CG  B HIS A 1 135 ? -1.774  -5.004  -11.985 0.50 21.44 ? 1093 HIS A CG  1 
ATOM   1028 N ND1 A HIS A 1 135 ? -4.767  -3.756  -13.104 0.50 22.49 ? 1093 HIS A ND1 1 
ATOM   1029 N ND1 B HIS A 1 135 ? -2.533  -6.118  -12.291 0.50 22.70 ? 1093 HIS A ND1 1 
ATOM   1030 C CD2 A HIS A 1 135 ? -3.260  -3.629  -14.683 0.50 21.70 ? 1093 HIS A CD2 1 
ATOM   1031 C CD2 B HIS A 1 135 ? -0.627  -5.471  -11.427 0.50 21.25 ? 1093 HIS A CD2 1 
ATOM   1032 C CE1 A HIS A 1 135 ? -5.410  -3.738  -14.258 0.50 22.22 ? 1093 HIS A CE1 1 
ATOM   1033 C CE1 B HIS A 1 135 ? -1.879  -7.207  -11.922 0.50 23.10 ? 1093 HIS A CE1 1 
ATOM   1034 N NE2 A HIS A 1 135 ? -4.519  -3.661  -15.230 0.50 22.11 ? 1093 HIS A NE2 1 
ATOM   1035 N NE2 B HIS A 1 135 ? -0.723  -6.841  -11.391 0.50 22.65 ? 1093 HIS A NE2 1 
ATOM   1036 N N   . ASN A 1 136 ? -0.730  -2.245  -9.873  1.00 19.45 ? 1094 ASN A N   1 
ATOM   1037 C CA  . ASN A 1 136 ? 0.211   -2.293  -8.783  1.00 18.67 ? 1094 ASN A CA  1 
ATOM   1038 C C   . ASN A 1 136 ? -0.380  -1.752  -7.445  1.00 18.23 ? 1094 ASN A C   1 
ATOM   1039 O O   . ASN A 1 136 ? -0.152  -2.335  -6.389  1.00 17.00 ? 1094 ASN A O   1 
ATOM   1040 C CB  . ASN A 1 136 ? 1.475   -1.526  -9.180  1.00 19.45 ? 1094 ASN A CB  1 
ATOM   1041 C CG  . ASN A 1 136 ? 2.466   -1.408  -8.045  1.00 19.16 ? 1094 ASN A CG  1 
ATOM   1042 O OD1 . ASN A 1 136 ? 3.129   -2.369  -7.667  1.00 22.31 ? 1094 ASN A OD1 1 
ATOM   1043 N ND2 . ASN A 1 136 ? 2.555   -0.235  -7.491  1.00 21.12 ? 1094 ASN A ND2 1 
ATOM   1044 N N   . ALA A 1 137 ? -1.129  -0.649  -7.516  1.00 17.50 ? 1095 ALA A N   1 
ATOM   1045 C CA  . ALA A 1 137 ? -1.850  -0.106  -6.361  1.00 17.70 ? 1095 ALA A CA  1 
ATOM   1046 C C   . ALA A 1 137 ? -2.862  -1.094  -5.767  1.00 17.59 ? 1095 ALA A C   1 
ATOM   1047 O O   . ALA A 1 137 ? -2.979  -1.198  -4.542  1.00 17.15 ? 1095 ALA A O   1 
ATOM   1048 C CB  . ALA A 1 137 ? -2.554  1.212   -6.720  1.00 17.04 ? 1095 ALA A CB  1 
ATOM   1049 N N   . GLN A 1 138 ? -3.605  -1.794  -6.619  1.00 17.54 ? 1096 GLN A N   1 
ATOM   1050 C CA  . GLN A 1 138 ? -4.548  -2.801  -6.118  1.00 19.02 ? 1096 GLN A CA  1 
ATOM   1051 C C   . GLN A 1 138 ? -3.824  -3.956  -5.433  1.00 19.08 ? 1096 GLN A C   1 
ATOM   1052 O O   . GLN A 1 138 ? -4.262  -4.422  -4.373  1.00 19.09 ? 1096 GLN A O   1 
ATOM   1053 C CB  . GLN A 1 138 ? -5.456  -3.359  -7.241  1.00 19.56 ? 1096 GLN A CB  1 
ATOM   1054 C CG  . GLN A 1 138 ? -6.335  -2.321  -7.933  1.00 20.51 ? 1096 GLN A CG  1 
ATOM   1055 C CD  . GLN A 1 138 ? -6.952  -2.811  -9.260  1.00 23.14 ? 1096 GLN A CD  1 
ATOM   1056 O OE1 . GLN A 1 138 ? -6.273  -3.409  -10.107 1.00 23.11 ? 1096 GLN A OE1 1 
ATOM   1057 N NE2 . GLN A 1 138 ? -8.247  -2.522  -9.450  1.00 22.52 ? 1096 GLN A NE2 1 
ATOM   1058 N N   . ASN A 1 139 ? -2.733  -4.416  -6.052  1.00 19.14 ? 1097 ASN A N   1 
ATOM   1059 C CA  . ASN A 1 139 ? -1.905  -5.506  -5.498  1.00 19.70 ? 1097 ASN A CA  1 
ATOM   1060 C C   . ASN A 1 139 ? -1.378  -5.096  -4.121  1.00 19.01 ? 1097 ASN A C   1 
ATOM   1061 O O   . ASN A 1 139 ? -1.446  -5.879  -3.170  1.00 18.98 ? 1097 ASN A O   1 
ATOM   1062 C CB  . ASN A 1 139 ? -0.740  -5.839  -6.467  1.00 19.47 ? 1097 ASN A CB  1 
ATOM   1063 C CG  . ASN A 1 139 ? 0.078   -7.070  -6.055  1.00 22.73 ? 1097 ASN A CG  1 
ATOM   1064 O OD1 . ASN A 1 139 ? -0.389  -7.937  -5.325  1.00 22.96 ? 1097 ASN A OD1 1 
ATOM   1065 N ND2 . ASN A 1 139 ? 1.316   -7.161  -6.573  1.00 25.98 ? 1097 ASN A ND2 1 
ATOM   1066 N N   . LEU A 1 140 ? -0.885  -3.861  -4.017  1.00 18.32 ? 1098 LEU A N   1 
ATOM   1067 C CA  . LEU A 1 140 ? -0.349  -3.359  -2.755  1.00 17.74 ? 1098 LEU A CA  1 
ATOM   1068 C C   . LEU A 1 140 ? -1.421  -3.280  -1.665  1.00 17.14 ? 1098 LEU A C   1 
ATOM   1069 O O   . LEU A 1 140 ? -1.211  -3.741  -0.539  1.00 16.18 ? 1098 LEU A O   1 
ATOM   1070 C CB  . LEU A 1 140 ? 0.340   -1.987  -2.923  1.00 17.65 ? 1098 LEU A CB  1 
ATOM   1071 C CG  . LEU A 1 140 ? 1.025   -1.459  -1.649  1.00 17.85 ? 1098 LEU A CG  1 
ATOM   1072 C CD1 . LEU A 1 140 ? 2.006   -2.505  -1.093  1.00 15.25 ? 1098 LEU A CD1 1 
ATOM   1073 C CD2 . LEU A 1 140 ? 1.753   -0.106  -1.875  1.00 13.91 ? 1098 LEU A CD2 1 
ATOM   1074 N N   . MET A 1 141 ? -2.561  -2.680  -2.000  1.00 16.88 ? 1099 MET A N   1 
ATOM   1075 C CA  . MET A 1 141 ? -3.649  -2.557  -1.031  1.00 17.60 ? 1099 MET A CA  1 
ATOM   1076 C C   . MET A 1 141 ? -4.114  -3.952  -0.577  1.00 18.12 ? 1099 MET A C   1 
ATOM   1077 O O   . MET A 1 141 ? -4.286  -4.195  0.616   1.00 18.35 ? 1099 MET A O   1 
ATOM   1078 C CB  . MET A 1 141 ? -4.802  -1.721  -1.589  1.00 17.18 ? 1099 MET A CB  1 
ATOM   1079 C CG  . MET A 1 141 ? -4.446  -0.272  -1.847  1.00 16.99 ? 1099 MET A CG  1 
ATOM   1080 S SD  . MET A 1 141 ? -3.988  0.703   -0.390  1.00 17.63 ? 1099 MET A SD  1 
ATOM   1081 C CE  . MET A 1 141 ? -2.210  0.424   -0.244  1.00 14.21 ? 1099 MET A CE  1 
ATOM   1082 N N   . GLN A 1 142 ? -4.248  -4.874  -1.523  1.00 18.42 ? 1100 GLN A N   1 
ATOM   1083 C CA  . GLN A 1 142 ? -4.621  -6.252  -1.192  1.00 19.65 ? 1100 GLN A CA  1 
ATOM   1084 C C   . GLN A 1 142 ? -3.619  -6.878  -0.219  1.00 19.00 ? 1100 GLN A C   1 
ATOM   1085 O O   . GLN A 1 142 ? -4.016  -7.532  0.738   1.00 18.73 ? 1100 GLN A O   1 
ATOM   1086 C CB  . GLN A 1 142 ? -4.728  -7.137  -2.462  1.00 19.91 ? 1100 GLN A CB  1 
ATOM   1087 C CG  . GLN A 1 142 ? -5.239  -8.597  -2.203  1.00 23.61 ? 1100 GLN A CG  1 
ATOM   1088 C CD  . GLN A 1 142 ? -4.120  -9.583  -1.832  1.00 26.64 ? 1100 GLN A CD  1 
ATOM   1089 O OE1 . GLN A 1 142 ? -3.020  -9.532  -2.390  1.00 26.20 ? 1100 GLN A OE1 1 
ATOM   1090 N NE2 . GLN A 1 142 ? -4.404  -10.485 -0.897  1.00 26.88 ? 1100 GLN A NE2 1 
ATOM   1091 N N   . SER A 1 143 ? -2.323  -6.702  -0.485  1.00 18.76 ? 1101 SER A N   1 
ATOM   1092 C CA  . SER A 1 143 ? -1.297  -7.391  0.288   1.00 18.68 ? 1101 SER A CA  1 
ATOM   1093 C C   . SER A 1 143 ? -1.252  -6.906  1.734   1.00 18.40 ? 1101 SER A C   1 
ATOM   1094 O O   . SER A 1 143 ? -1.052  -7.701  2.642   1.00 18.31 ? 1101 SER A O   1 
ATOM   1095 C CB  . SER A 1 143 ? 0.065   -7.220  -0.369  1.00 18.67 ? 1101 SER A CB  1 
ATOM   1096 O OG  . SER A 1 143 ? 0.102   -7.937  -1.584  1.00 21.67 ? 1101 SER A OG  1 
ATOM   1097 N N   . VAL A 1 144 ? -1.395  -5.593  1.924   1.00 17.96 ? 1102 VAL A N   1 
ATOM   1098 C CA  . VAL A 1 144 ? -1.366  -4.974  3.249   1.00 17.91 ? 1102 VAL A CA  1 
ATOM   1099 C C   . VAL A 1 144 ? -2.626  -5.368  4.043   1.00 18.36 ? 1102 VAL A C   1 
ATOM   1100 O O   . VAL A 1 144 ? -2.541  -5.677  5.221   1.00 18.75 ? 1102 VAL A O   1 
ATOM   1101 C CB  . VAL A 1 144 ? -1.184  -3.418  3.161   1.00 18.12 ? 1102 VAL A CB  1 
ATOM   1102 C CG1 . VAL A 1 144 ? -1.290  -2.743  4.547   1.00 15.98 ? 1102 VAL A CG1 1 
ATOM   1103 C CG2 . VAL A 1 144 ? 0.173   -3.059  2.447   1.00 16.26 ? 1102 VAL A CG2 1 
ATOM   1104 N N   . LYS A 1 145 ? -3.773  -5.398  3.376   1.00 18.54 ? 1103 LYS A N   1 
ATOM   1105 C CA  . LYS A 1 145 ? -5.037  -5.812  4.000   1.00 18.94 ? 1103 LYS A CA  1 
ATOM   1106 C C   . LYS A 1 145 ? -4.940  -7.265  4.504   1.00 19.12 ? 1103 LYS A C   1 
ATOM   1107 O O   . LYS A 1 145 ? -5.271  -7.561  5.647   1.00 18.42 ? 1103 LYS A O   1 
ATOM   1108 C CB  . LYS A 1 145 ? -6.176  -5.632  3.001   1.00 18.35 ? 1103 LYS A CB  1 
ATOM   1109 C CG  . LYS A 1 145 ? -7.555  -6.008  3.506   1.00 20.78 ? 1103 LYS A CG  1 
ATOM   1110 C CD  . LYS A 1 145 ? -8.596  -5.737  2.415   1.00 20.69 ? 1103 LYS A CD  1 
ATOM   1111 C CE  . LYS A 1 145 ? -10.014 -6.060  2.899   1.00 25.49 ? 1103 LYS A CE  1 
ATOM   1112 N NZ  . LYS A 1 145 ? -11.052 -5.888  1.808   1.00 27.09 ? 1103 LYS A NZ  1 
ATOM   1113 N N   . GLU A 1 146 ? -4.473  -8.155  3.641   1.00 19.51 ? 1104 GLU A N   1 
ATOM   1114 C CA  . GLU A 1 146 ? -4.152  -9.520  4.040   1.00 20.39 ? 1104 GLU A CA  1 
ATOM   1115 C C   . GLU A 1 146 ? -3.122  -9.564  5.191   1.00 20.31 ? 1104 GLU A C   1 
ATOM   1116 O O   . GLU A 1 146 ? -3.257  -10.369 6.112   1.00 20.38 ? 1104 GLU A O   1 
ATOM   1117 C CB  . GLU A 1 146 ? -3.660  -10.322 2.827   1.00 20.52 ? 1104 GLU A CB  1 
ATOM   1118 C CG  . GLU A 1 146 ? -3.542  -11.814 3.125   1.00 23.86 ? 1104 GLU A CG  1 
ATOM   1119 C CD  . GLU A 1 146 ? -2.969  -12.618 1.979   1.00 28.09 ? 1104 GLU A CD  1 
ATOM   1120 O OE1 . GLU A 1 146 ? -2.922  -12.112 0.843   1.00 30.96 ? 1104 GLU A OE1 1 
ATOM   1121 O OE2 . GLU A 1 146 ? -2.556  -13.775 2.213   1.00 31.66 ? 1104 GLU A OE2 1 
ATOM   1122 N N   . THR A 1 147 ? -2.114  -8.690  5.152   1.00 19.98 ? 1105 THR A N   1 
ATOM   1123 C CA  . THR A 1 147 ? -1.100  -8.639  6.213   1.00 19.43 ? 1105 THR A CA  1 
ATOM   1124 C C   . THR A 1 147 ? -1.735  -8.166  7.548   1.00 20.19 ? 1105 THR A C   1 
ATOM   1125 O O   . THR A 1 147 ? -1.388  -8.690  8.616   1.00 19.82 ? 1105 THR A O   1 
ATOM   1126 C CB  . THR A 1 147 ? 0.105   -7.738  5.778   1.00 20.11 ? 1105 THR A CB  1 
ATOM   1127 O OG1 . THR A 1 147 ? 0.680   -8.263  4.572   1.00 19.63 ? 1105 THR A OG1 1 
ATOM   1128 C CG2 . THR A 1 147 ? 1.198   -7.640  6.851   1.00 16.68 ? 1105 THR A CG2 1 
ATOM   1129 N N   . VAL A 1 148 ? -2.671  -7.208  7.496   1.00 19.81 ? 1106 VAL A N   1 
ATOM   1130 C CA  . VAL A 1 148 ? -3.319  -6.753  8.721   1.00 20.46 ? 1106 VAL A CA  1 
ATOM   1131 C C   . VAL A 1 148 ? -4.139  -7.921  9.366   1.00 21.09 ? 1106 VAL A C   1 
ATOM   1132 O O   . VAL A 1 148 ? -4.016  -8.198  10.556  1.00 20.71 ? 1106 VAL A O   1 
ATOM   1133 C CB  . VAL A 1 148 ? -4.197  -5.476  8.510   1.00 20.33 ? 1106 VAL A CB  1 
ATOM   1134 C CG1 . VAL A 1 148 ? -4.943  -5.120  9.777   1.00 20.00 ? 1106 VAL A CG1 1 
ATOM   1135 C CG2 . VAL A 1 148 ? -3.358  -4.251  8.057   1.00 20.31 ? 1106 VAL A CG2 1 
ATOM   1136 N N   . ARG A 1 149 ? -4.959  -8.577  8.554   1.00 21.70 ? 1107 ARG A N   1 
ATOM   1137 C CA  . ARG A 1 149 ? -5.821  -9.673  8.968   1.00 22.80 ? 1107 ARG A CA  1 
ATOM   1138 C C   . ARG A 1 149 ? -4.987  -10.781 9.615   1.00 23.24 ? 1107 ARG A C   1 
ATOM   1139 O O   . ARG A 1 149 ? -5.248  -11.167 10.753  1.00 24.35 ? 1107 ARG A O   1 
ATOM   1140 C CB  . ARG A 1 149 ? -6.592  -10.186 7.733   1.00 22.75 ? 1107 ARG A CB  1 
ATOM   1141 C CG  . ARG A 1 149 ? -7.453  -11.465 7.919   1.00 22.91 ? 1107 ARG A CG  1 
ATOM   1142 C CD  . ARG A 1 149 ? -8.743  -11.199 8.662   1.00 22.55 ? 1107 ARG A CD  1 
ATOM   1143 N NE  . ARG A 1 149 ? -9.614  -10.226 7.990   1.00 21.99 ? 1107 ARG A NE  1 
ATOM   1144 C CZ  . ARG A 1 149 ? -10.740 -10.520 7.334   1.00 21.79 ? 1107 ARG A CZ  1 
ATOM   1145 N NH1 . ARG A 1 149 ? -11.169 -11.795 7.220   1.00 19.59 ? 1107 ARG A NH1 1 
ATOM   1146 N NH2 . ARG A 1 149 ? -11.451 -9.526  6.798   1.00 20.02 ? 1107 ARG A NH2 1 
ATOM   1147 N N   . GLU A 1 150 ? -3.964  -11.255 8.909   1.00 23.07 ? 1108 GLU A N   1 
ATOM   1148 C CA  . GLU A 1 150 ? -3.085  -12.315 9.399   1.00 23.10 ? 1108 GLU A CA  1 
ATOM   1149 C C   . GLU A 1 150 ? -2.235  -11.930 10.608  1.00 22.88 ? 1108 GLU A C   1 
ATOM   1150 O O   . GLU A 1 150 ? -1.996  -12.769 11.484  1.00 22.11 ? 1108 GLU A O   1 
ATOM   1151 C CB  . GLU A 1 150 ? -2.175  -12.818 8.279   1.00 23.53 ? 1108 GLU A CB  1 
ATOM   1152 C CG  . GLU A 1 150 ? -2.935  -13.445 7.111   1.00 26.80 ? 1108 GLU A CG  1 
ATOM   1153 C CD  . GLU A 1 150 ? -2.013  -14.117 6.092   1.00 33.15 ? 1108 GLU A CD  1 
ATOM   1154 O OE1 . GLU A 1 150 ? -0.788  -14.237 6.349   1.00 36.73 ? 1108 GLU A OE1 1 
ATOM   1155 O OE2 . GLU A 1 150 ? -2.512  -14.528 5.021   1.00 35.25 ? 1108 GLU A OE2 1 
ATOM   1156 N N   . ALA A 1 151 ? -1.755  -10.687 10.646  1.00 22.06 ? 1109 ALA A N   1 
ATOM   1157 C CA  . ALA A 1 151 ? -1.012  -10.207 11.798  1.00 22.68 ? 1109 ALA A CA  1 
ATOM   1158 C C   . ALA A 1 151 ? -1.887  -10.278 13.058  1.00 22.33 ? 1109 ALA A C   1 
ATOM   1159 O O   . ALA A 1 151 ? -1.396  -10.614 14.128  1.00 21.87 ? 1109 ALA A O   1 
ATOM   1160 C CB  . ALA A 1 151 ? -0.501  -8.775  11.589  1.00 22.10 ? 1109 ALA A CB  1 
ATOM   1161 N N   . GLU A 1 152 ? -3.170  -9.949  12.921  1.00 22.37 ? 1110 GLU A N   1 
ATOM   1162 C CA  . GLU A 1 152 ? -4.076  -10.028 14.066  1.00 22.98 ? 1110 GLU A CA  1 
ATOM   1163 C C   . GLU A 1 152 ? -4.361  -11.482 14.432  1.00 22.78 ? 1110 GLU A C   1 
ATOM   1164 O O   . GLU A 1 152 ? -4.290  -11.842 15.603  1.00 23.38 ? 1110 GLU A O   1 
ATOM   1165 C CB  . GLU A 1 152 ? -5.372  -9.255  13.832  1.00 23.00 ? 1110 GLU A CB  1 
ATOM   1166 C CG  . GLU A 1 152 ? -6.190  -9.007  15.134  1.00 24.56 ? 1110 GLU A CG  1 
ATOM   1167 C CD  . GLU A 1 152 ? -7.077  -10.190 15.578  1.00 25.29 ? 1110 GLU A CD  1 
ATOM   1168 O OE1 . GLU A 1 152 ? -7.364  -11.085 14.771  1.00 22.39 ? 1110 GLU A OE1 1 
ATOM   1169 O OE2 . GLU A 1 152 ? -7.493  -10.215 16.758  1.00 26.61 ? 1110 GLU A OE2 1 
ATOM   1170 N N   . ALA A 1 153 ? -4.675  -12.302 13.431  1.00 22.85 ? 1111 ALA A N   1 
ATOM   1171 C CA  . ALA A 1 153 ? -4.806  -13.746 13.614  1.00 23.38 ? 1111 ALA A CA  1 
ATOM   1172 C C   . ALA A 1 153 ? -3.590  -14.361 14.314  1.00 24.02 ? 1111 ALA A C   1 
ATOM   1173 O O   . ALA A 1 153 ? -3.744  -15.165 15.241  1.00 23.93 ? 1111 ALA A O   1 
ATOM   1174 C CB  . ALA A 1 153 ? -5.073  -14.448 12.280  1.00 23.34 ? 1111 ALA A CB  1 
ATOM   1175 N N   . ALA A 1 154 ? -2.389  -13.967 13.895  1.00 24.75 ? 1112 ALA A N   1 
ATOM   1176 C CA  . ALA A 1 154 ? -1.158  -14.476 14.511  1.00 26.64 ? 1112 ALA A CA  1 
ATOM   1177 C C   . ALA A 1 154 ? -0.970  -14.017 15.962  1.00 27.75 ? 1112 ALA A C   1 
ATOM   1178 O O   . ALA A 1 154 ? -0.406  -14.756 16.763  1.00 27.93 ? 1112 ALA A O   1 
ATOM   1179 C CB  . ALA A 1 154 ? 0.080   -14.117 13.670  1.00 26.42 ? 1112 ALA A CB  1 
ATOM   1180 N N   . SER A 1 155 ? -1.446  -12.813 16.300  1.00 29.23 ? 1113 SER A N   1 
ATOM   1181 C CA  . SER A 1 155 ? -1.284  -12.269 17.664  1.00 30.89 ? 1113 SER A CA  1 
ATOM   1182 C C   . SER A 1 155 ? -2.055  -13.060 18.720  1.00 31.48 ? 1113 SER A C   1 
ATOM   1183 O O   . SER A 1 155 ? -1.655  -13.109 19.875  1.00 32.08 ? 1113 SER A O   1 
ATOM   1184 C CB  . SER A 1 155 ? -1.699  -10.799 17.729  1.00 30.97 ? 1113 SER A CB  1 
ATOM   1185 O OG  . SER A 1 155 ? -0.782  -9.983  17.003  1.00 33.82 ? 1113 SER A OG  1 
ATOM   1186 N N   . ILE A 1 156 ? -3.170  -13.654 18.322  1.00 32.68 ? 1114 ILE A N   1 
ATOM   1187 C CA  . ILE A 1 156 ? -3.907  -14.569 19.187  1.00 34.14 ? 1114 ILE A CA  1 
ATOM   1188 C C   . ILE A 1 156 ? -2.991  -15.669 19.762  1.00 34.97 ? 1114 ILE A C   1 
ATOM   1189 O O   . ILE A 1 156 ? -3.177  -16.071 20.908  1.00 34.80 ? 1114 ILE A O   1 
ATOM   1190 C CB  . ILE A 1 156 ? -5.128  -15.180 18.462  1.00 34.21 ? 1114 ILE A CB  1 
ATOM   1191 C CG1 . ILE A 1 156 ? -6.013  -14.078 17.894  1.00 33.92 ? 1114 ILE A CG1 1 
ATOM   1192 C CG2 . ILE A 1 156 ? -5.963  -16.032 19.423  1.00 35.24 ? 1114 ILE A CG2 1 
ATOM   1193 C CD1 . ILE A 1 156 ? -6.613  -13.174 18.968  1.00 34.84 ? 1114 ILE A CD1 1 
ATOM   1194 N N   . LYS A 1 157 ? -1.993  -16.100 18.978  1.00 36.03 ? 1115 LYS A N   1 
ATOM   1195 C CA  . LYS A 1 157 ? -1.016  -17.141 19.375  1.00 37.74 ? 1115 LYS A CA  1 
ATOM   1196 C C   . LYS A 1 157 ? 0.149   -16.638 20.236  1.00 38.88 ? 1115 LYS A C   1 
ATOM   1197 O O   . LYS A 1 157 ? 1.059   -17.413 20.562  1.00 39.97 ? 1115 LYS A O   1 
ATOM   1198 C CB  . LYS A 1 157 ? -0.425  -17.801 18.134  1.00 37.68 ? 1115 LYS A CB  1 
ATOM   1199 C CG  . LYS A 1 157 ? -1.178  -18.982 17.588  1.00 38.91 ? 1115 LYS A CG  1 
ATOM   1200 C CD  . LYS A 1 157 ? -2.611  -18.712 17.211  1.00 39.38 ? 1115 LYS A CD  1 
ATOM   1201 C CE  . LYS A 1 157 ? -3.128  -19.896 16.406  1.00 41.35 ? 1115 LYS A CE  1 
ATOM   1202 N NZ  . LYS A 1 157 ? -4.596  -20.116 16.540  1.00 42.91 ? 1115 LYS A NZ  1 
ATOM   1203 N N   . ILE A 1 158 ? 0.119   -15.357 20.595  1.00 39.58 ? 1116 ILE A N   1 
ATOM   1204 C CA  . ILE A 1 158 ? 1.186   -14.722 21.367  1.00 40.33 ? 1116 ILE A CA  1 
ATOM   1205 C C   . ILE A 1 158 ? 0.647   -14.147 22.687  1.00 40.43 ? 1116 ILE A C   1 
ATOM   1206 O O   . ILE A 1 158 ? -0.375  -13.439 22.705  1.00 40.63 ? 1116 ILE A O   1 
ATOM   1207 C CB  . ILE A 1 158 ? 1.879   -13.585 20.540  1.00 40.36 ? 1116 ILE A CB  1 
ATOM   1208 C CG1 . ILE A 1 158 ? 2.553   -14.154 19.281  1.00 40.22 ? 1116 ILE A CG1 1 
ATOM   1209 C CG2 . ILE A 1 158 ? 2.880   -12.805 21.408  1.00 40.80 ? 1116 ILE A CG2 1 
ATOM   1210 C CD1 . ILE A 1 158 ? 2.663   -13.156 18.091  1.00 38.72 ? 1116 ILE A CD1 1 
ATOM   1211 N N   . THR A 1 165 ? 3.941   -7.188  23.029  1.00 47.65 ? 1123 THR A N   1 
ATOM   1212 C CA  . THR A 1 165 ? 3.815   -5.730  23.103  1.00 47.20 ? 1123 THR A CA  1 
ATOM   1213 C C   . THR A 1 165 ? 3.248   -5.121  21.816  1.00 46.33 ? 1123 THR A C   1 
ATOM   1214 O O   . THR A 1 165 ? 3.844   -4.197  21.252  1.00 46.69 ? 1123 THR A O   1 
ATOM   1215 C CB  . THR A 1 165 ? 5.171   -5.033  23.443  1.00 47.71 ? 1123 THR A CB  1 
ATOM   1216 O OG1 . THR A 1 165 ? 6.255   -5.784  22.873  1.00 49.02 ? 1123 THR A OG1 1 
ATOM   1217 C CG2 . THR A 1 165 ? 5.370   -4.911  24.952  1.00 47.47 ? 1123 THR A CG2 1 
ATOM   1218 N N   . LEU A 1 166 ? 2.106   -5.648  21.364  1.00 44.67 ? 1124 LEU A N   1 
ATOM   1219 C CA  . LEU A 1 166 ? 1.319   -5.051  20.276  1.00 42.62 ? 1124 LEU A CA  1 
ATOM   1220 C C   . LEU A 1 166 ? -0.190  -5.219  20.553  1.00 40.78 ? 1124 LEU A C   1 
ATOM   1221 O O   . LEU A 1 166 ? -0.642  -6.298  20.907  1.00 40.19 ? 1124 LEU A O   1 
ATOM   1222 C CB  . LEU A 1 166 ? 1.716   -5.666  18.930  1.00 43.19 ? 1124 LEU A CB  1 
ATOM   1223 C CG  . LEU A 1 166 ? 1.541   -4.805  17.675  1.00 43.09 ? 1124 LEU A CG  1 
ATOM   1224 C CD1 . LEU A 1 166 ? 2.634   -5.062  16.658  1.00 43.22 ? 1124 LEU A CD1 1 
ATOM   1225 C CD2 . LEU A 1 166 ? 0.215   -5.093  17.072  1.00 43.83 ? 1124 LEU A CD2 1 
ATOM   1226 N N   . ARG A 1 167 ? -0.954  -4.151  20.356  1.00 38.61 ? 1125 ARG A N   1 
ATOM   1227 C CA  . ARG A 1 167 ? -2.294  -4.011  20.935  1.00 37.43 ? 1125 ARG A CA  1 
ATOM   1228 C C   . ARG A 1 167 ? -3.424  -4.054  19.893  1.00 35.89 ? 1125 ARG A C   1 
ATOM   1229 O O   . ARG A 1 167 ? -3.464  -3.244  18.946  1.00 35.24 ? 1125 ARG A O   1 
ATOM   1230 C CB  . ARG A 1 167 ? -2.333  -2.704  21.755  1.00 37.69 ? 1125 ARG A CB  1 
ATOM   1231 C CG  . ARG A 1 167 ? -3.490  -2.517  22.716  1.00 39.75 ? 1125 ARG A CG  1 
ATOM   1232 C CD  . ARG A 1 167 ? -3.306  -1.201  23.492  1.00 43.33 ? 1125 ARG A CD  1 
ATOM   1233 N NE  . ARG A 1 167 ? -4.490  -0.809  24.257  1.00 46.90 ? 1125 ARG A NE  1 
ATOM   1234 C CZ  . ARG A 1 167 ? -4.798  -1.267  25.477  1.00 49.36 ? 1125 ARG A CZ  1 
ATOM   1235 N NH1 . ARG A 1 167 ? -4.029  -2.166  26.094  1.00 48.99 ? 1125 ARG A NH1 1 
ATOM   1236 N NH2 . ARG A 1 167 ? -5.898  -0.837  26.088  1.00 51.21 ? 1125 ARG A NH2 1 
ATOM   1237 N N   . TRP A 1 168 ? -4.341  -4.999  20.069  1.00 34.17 ? 1126 TRP A N   1 
ATOM   1238 C CA  . TRP A 1 168 ? -5.479  -5.138  19.167  1.00 33.38 ? 1126 TRP A CA  1 
ATOM   1239 C C   . TRP A 1 168 ? -6.801  -4.873  19.867  1.00 33.64 ? 1126 TRP A C   1 
ATOM   1240 O O   . TRP A 1 168 ? -7.329  -5.721  20.578  1.00 34.04 ? 1126 TRP A O   1 
ATOM   1241 C CB  . TRP A 1 168 ? -5.485  -6.514  18.496  1.00 33.13 ? 1126 TRP A CB  1 
ATOM   1242 C CG  . TRP A 1 168 ? -4.221  -6.784  17.745  1.00 31.33 ? 1126 TRP A CG  1 
ATOM   1243 C CD1 . TRP A 1 168 ? -3.080  -7.345  18.236  1.00 30.19 ? 1126 TRP A CD1 1 
ATOM   1244 C CD2 . TRP A 1 168 ? -3.966  -6.475  16.375  1.00 28.94 ? 1126 TRP A CD2 1 
ATOM   1245 N NE1 . TRP A 1 168 ? -2.131  -7.421  17.251  1.00 29.31 ? 1126 TRP A NE1 1 
ATOM   1246 C CE2 . TRP A 1 168 ? -2.655  -6.901  16.093  1.00 29.14 ? 1126 TRP A CE2 1 
ATOM   1247 C CE3 . TRP A 1 168 ? -4.733  -5.899  15.345  1.00 29.09 ? 1126 TRP A CE3 1 
ATOM   1248 C CZ2 . TRP A 1 168 ? -2.080  -6.763  14.822  1.00 26.88 ? 1126 TRP A CZ2 1 
ATOM   1249 C CZ3 . TRP A 1 168 ? -4.154  -5.760  14.081  1.00 28.17 ? 1126 TRP A CZ3 1 
ATOM   1250 C CH2 . TRP A 1 168 ? -2.843  -6.186  13.839  1.00 26.43 ? 1126 TRP A CH2 1 
ATOM   1251 N N   . VAL A 1 169 ? -7.334  -3.679  19.660  1.00 33.84 ? 1127 VAL A N   1 
ATOM   1252 C CA  . VAL A 1 169 ? -8.572  -3.269  20.298  1.00 33.91 ? 1127 VAL A CA  1 
ATOM   1253 C C   . VAL A 1 169 ? -9.545  -2.952  19.188  1.00 34.66 ? 1127 VAL A C   1 
ATOM   1254 O O   . VAL A 1 169 ? -9.264  -2.116  18.331  1.00 34.28 ? 1127 VAL A O   1 
ATOM   1255 C CB  . VAL A 1 169 ? -8.346  -2.041  21.245  1.00 33.86 ? 1127 VAL A CB  1 
ATOM   1256 C CG1 . VAL A 1 169 ? -9.660  -1.555  21.856  1.00 33.25 ? 1127 VAL A CG1 1 
ATOM   1257 C CG2 . VAL A 1 169 ? -7.334  -2.401  22.342  1.00 32.12 ? 1127 VAL A CG2 1 
ATOM   1258 N N   . ARG A 1 170 ? -10.668 -3.656  19.176  1.00 35.71 ? 1128 ARG A N   1 
ATOM   1259 C CA  . ARG A 1 170 ? -11.714 -3.380  18.200  1.00 37.51 ? 1128 ARG A CA  1 
ATOM   1260 C C   . ARG A 1 170 ? -12.308 -2.003  18.445  1.00 38.34 ? 1128 ARG A C   1 
ATOM   1261 O O   . ARG A 1 170 ? -12.445 -1.572  19.586  1.00 38.51 ? 1128 ARG A O   1 
ATOM   1262 C CB  . ARG A 1 170 ? -12.806 -4.455  18.232  1.00 37.29 ? 1128 ARG A CB  1 
ATOM   1263 C CG  . ARG A 1 170 ? -12.599 -5.597  17.244  1.00 39.06 ? 1128 ARG A CG  1 
ATOM   1264 C CD  . ARG A 1 170 ? -12.945 -5.154  15.810  1.00 42.11 ? 1128 ARG A CD  1 
ATOM   1265 N NE  . ARG A 1 170 ? -13.569 -6.215  15.011  1.00 44.78 ? 1128 ARG A NE  1 
ATOM   1266 C CZ  . ARG A 1 170 ? -14.492 -6.020  14.070  1.00 45.34 ? 1128 ARG A CZ  1 
ATOM   1267 N NH1 . ARG A 1 170 ? -14.934 -4.799  13.785  1.00 46.02 ? 1128 ARG A NH1 1 
ATOM   1268 N NH2 . ARG A 1 170 ? -14.982 -7.057  13.410  1.00 47.11 ? 1128 ARG A NH2 1 
ATOM   1269 N N   . LYS A 1 171 ? -12.621 -1.305  17.360  1.00 39.84 ? 1129 LYS A N   1 
ATOM   1270 C CA  . LYS A 1 171 ? -13.279 -0.011  17.437  1.00 41.09 ? 1129 LYS A CA  1 
ATOM   1271 C C   . LYS A 1 171 ? -14.784 -0.224  17.442  1.00 41.70 ? 1129 LYS A C   1 
ATOM   1272 O O   . LYS A 1 171 ? -15.493 0.388   18.245  1.00 43.18 ? 1129 LYS A O   1 
ATOM   1273 C CB  . LYS A 1 171 ? -12.893 0.876   16.253  1.00 41.17 ? 1129 LYS A CB  1 
ATOM   1274 C CG  . LYS A 1 171 ? -11.410 1.078   16.099  1.00 41.81 ? 1129 LYS A CG  1 
ATOM   1275 C CD  . LYS A 1 171 ? -11.119 2.467   15.584  1.00 43.03 ? 1129 LYS A CD  1 
ATOM   1276 C CE  . LYS A 1 171 ? -11.290 3.522   16.669  1.00 42.52 ? 1129 LYS A CE  1 
ATOM   1277 N NZ  . LYS A 1 171 ? -11.441 4.863   16.035  1.00 42.45 ? 1129 LYS A NZ  1 
HETATM 1278 O O   . HOH B 2 .   ? 2.672   -5.236  -8.698  1.00 7.26  ? 1    HOH A O   1 
HETATM 1279 O O   . HOH B 2 .   ? 12.419  -4.387  -3.140  1.00 18.04 ? 2    HOH A O   1 
HETATM 1280 O O   . HOH B 2 .   ? -2.861  7.735   -28.978 1.00 27.88 ? 3    HOH A O   1 
HETATM 1281 O O   . HOH B 2 .   ? -6.342  11.309  1.235   1.00 17.95 ? 4    HOH A O   1 
HETATM 1282 O O   . HOH B 2 .   ? 3.174   3.412   -14.930 1.00 23.58 ? 5    HOH A O   1 
HETATM 1283 O O   . HOH B 2 .   ? 1.570   5.074   -29.414 1.00 13.69 ? 6    HOH A O   1 
HETATM 1284 O O   . HOH B 2 .   ? -11.840 -4.943  21.360  1.00 25.02 ? 7    HOH A O   1 
HETATM 1285 O O   . HOH B 2 .   ? -5.171  -10.566 18.392  1.00 44.13 ? 8    HOH A O   1 
HETATM 1286 O O   . HOH B 2 .   ? -5.366  -0.018  20.719  1.00 40.59 ? 9    HOH A O   1 
HETATM 1287 O O   . HOH B 2 .   ? 10.018  14.991  -17.089 1.00 53.57 ? 10   HOH A O   1 
HETATM 1288 O O   . HOH B 2 .   ? -13.858 -5.715  -0.182  1.00 22.89 ? 11   HOH A O   1 
HETATM 1289 O O   . HOH B 2 .   ? -8.054  -5.349  -1.580  1.00 22.46 ? 12   HOH A O   1 
HETATM 1290 O O   . HOH B 2 .   ? -5.656  -1.958  18.224  1.00 22.31 ? 13   HOH A O   1 
HETATM 1291 O O   . HOH B 2 .   ? 5.946   -8.771  20.926  1.00 49.13 ? 14   HOH A O   1 
HETATM 1292 O O   . HOH B 2 .   ? 10.138  0.330   -0.445  1.00 53.94 ? 15   HOH A O   1 
HETATM 1293 O O   . HOH B 2 .   ? 11.114  3.486   0.459   1.00 37.57 ? 16   HOH A O   1 
HETATM 1294 O O   . HOH B 2 .   ? -7.664  -11.366 12.123  1.00 21.54 ? 17   HOH A O   1 
HETATM 1295 O O   . HOH B 2 .   ? -11.464 11.847  -3.114  1.00 48.85 ? 18   HOH A O   1 
HETATM 1296 O O   . HOH B 2 .   ? -14.949 -0.316  12.586  1.00 38.73 ? 19   HOH A O   1 
HETATM 1297 O O   . HOH B 2 .   ? 3.497   -4.308  -11.601 1.00 22.58 ? 20   HOH A O   1 
HETATM 1298 O O   . HOH B 2 .   ? -5.043  6.809   -28.633 1.00 43.11 ? 21   HOH A O   1 
HETATM 1299 O O   . HOH B 2 .   ? -9.608  -1.222  -7.610  1.00 28.85 ? 22   HOH A O   1 
HETATM 1300 O O   . HOH B 2 .   ? -11.789 -8.223  0.543   1.00 41.36 ? 23   HOH A O   1 
HETATM 1301 O O   . HOH B 2 .   ? -13.731 -0.724  -2.189  1.00 42.36 ? 24   HOH A O   1 
HETATM 1302 O O   . HOH B 2 .   ? 7.964   12.138  -22.058 1.00 36.68 ? 25   HOH A O   1 
HETATM 1303 O O   . HOH B 2 .   ? 3.561   -0.617  17.728  1.00 31.88 ? 26   HOH A O   1 
HETATM 1304 O O   . HOH B 2 .   ? 0.951   -25.328 13.108  1.00 44.97 ? 27   HOH A O   1 
HETATM 1305 O O   . HOH B 2 .   ? 3.090   -9.805  -6.054  1.00 28.43 ? 28   HOH A O   1 
HETATM 1306 O O   . HOH B 2 .   ? -6.995  -3.921  -3.929  1.00 22.09 ? 29   HOH A O   1 
HETATM 1307 O O   . HOH B 2 .   ? -8.635  -13.803 11.983  1.00 29.40 ? 30   HOH A O   1 
HETATM 1308 O O   . HOH B 2 .   ? 8.836   14.475  -6.039  1.00 37.96 ? 31   HOH A O   1 
HETATM 1309 O O   . HOH B 2 .   ? -8.460  3.353   -14.637 1.00 43.09 ? 32   HOH A O   1 
HETATM 1310 O O   . HOH B 2 .   ? -3.437  1.889   -24.323 1.00 44.32 ? 33   HOH A O   1 
HETATM 1311 O O   . HOH B 2 .   ? -5.252  3.721   -25.035 1.00 51.39 ? 34   HOH A O   1 
HETATM 1312 O O   . HOH B 2 .   ? -7.921  -15.004 9.682   1.00 32.71 ? 35   HOH A O   1 
HETATM 1313 O O   . HOH B 2 .   ? -8.304  -15.505 13.953  1.00 27.83 ? 36   HOH A O   1 
HETATM 1314 O O   . HOH B 2 .   ? -6.654  5.131   -18.194 1.00 58.04 ? 37   HOH A O   1 
HETATM 1315 O O   . HOH B 2 .   ? 7.069   16.668  -27.494 1.00 58.87 ? 38   HOH A O   1 
HETATM 1316 O O   . HOH B 2 .   ? -14.378 -8.376  9.126   1.00 36.31 ? 39   HOH A O   1 
HETATM 1317 O O   . HOH B 2 .   ? 2.651   1.782   19.337  1.00 57.51 ? 41   HOH A O   1 
HETATM 1318 O O   . HOH B 2 .   ? 10.834  7.141   -6.544  1.00 41.58 ? 42   HOH A O   1 
HETATM 1319 O O   . HOH B 2 .   ? 8.153   7.400   -6.272  1.00 29.36 ? 43   HOH A O   1 
HETATM 1320 O O   . HOH B 2 .   ? -11.652 6.142   -13.144 1.00 36.88 ? 44   HOH A O   1 
HETATM 1321 O O   . HOH B 2 .   ? -5.878  -7.124  -6.046  1.00 40.18 ? 45   HOH A O   1 
HETATM 1322 O O   . HOH B 2 .   ? 9.017   22.132  -10.248 1.00 52.02 ? 46   HOH A O   1 
HETATM 1323 O O   . HOH B 2 .   ? 0.169   -4.420  -15.422 1.00 24.13 ? 47   HOH A O   1 
HETATM 1324 O O   . HOH B 2 .   ? 3.487   18.202  -8.061  1.00 26.67 ? 48   HOH A O   1 
HETATM 1325 O O   . HOH B 2 .   ? 5.210   18.885  -10.530 1.00 24.88 ? 49   HOH A O   1 
HETATM 1326 O O   . HOH B 2 .   ? 5.463   20.000  -5.903  1.00 31.86 ? 50   HOH A O   1 
HETATM 1327 O O   . HOH B 2 .   ? 1.096   8.373   11.185  1.00 41.43 ? 51   HOH A O   1 
HETATM 1328 O O   . HOH B 2 .   ? -4.896  16.411  -5.225  1.00 32.26 ? 53   HOH A O   1 
HETATM 1329 O O   . HOH B 2 .   ? -10.632 15.007  -11.942 1.00 52.06 ? 54   HOH A O   1 
HETATM 1330 O O   . HOH B 2 .   ? 8.614   -10.498 -3.854  1.00 39.12 ? 55   HOH A O   1 
HETATM 1331 O O   . HOH B 2 .   ? 4.389   18.911  -13.217 1.00 40.86 ? 56   HOH A O   1 
HETATM 1332 O O   . HOH B 2 .   ? 11.899  12.461  -0.784  1.00 38.43 ? 57   HOH A O   1 
HETATM 1333 O O   . HOH B 2 .   ? -2.699  -9.013  -4.895  1.00 30.69 ? 58   HOH A O   1 
HETATM 1334 O O   . HOH B 2 .   ? -9.009  -8.296  17.336  1.00 41.16 ? 59   HOH A O   1 
HETATM 1335 O O   . HOH B 2 .   ? 10.083  13.031  -4.329  1.00 26.64 ? 60   HOH A O   1 
HETATM 1336 O O   . HOH B 2 .   ? 0.587   3.830   16.684  1.00 40.57 ? 61   HOH A O   1 
HETATM 1337 O O   . HOH B 2 .   ? 4.744   7.545   4.994   1.00 31.03 ? 62   HOH A O   1 
HETATM 1338 O O   . HOH B 2 .   ? 15.317  18.449  -18.806 1.00 62.16 ? 63   HOH A O   1 
HETATM 1339 O O   . HOH B 2 .   ? 1.228   -3.196  -13.157 1.00 32.64 ? 64   HOH A O   1 
HETATM 1340 O O   . HOH B 2 .   ? 0.537   0.698   -25.230 1.00 28.04 ? 65   HOH A O   1 
HETATM 1341 O O   . HOH B 2 .   ? 11.381  -7.008  11.257  1.00 41.16 ? 66   HOH A O   1 
HETATM 1342 O O   . HOH B 2 .   ? -6.667  -17.287 10.169  1.00 48.77 ? 67   HOH A O   1 
HETATM 1343 O O   . HOH B 2 .   ? -3.527  -12.807 23.006  1.00 43.04 ? 68   HOH A O   1 
HETATM 1344 O O   . HOH B 2 .   ? 1.343   17.503  -26.636 1.00 48.97 ? 69   HOH A O   1 
HETATM 1345 O O   . HOH B 2 .   ? -4.406  -17.028 6.124   1.00 57.89 ? 70   HOH A O   1 
HETATM 1346 O O   . HOH B 2 .   ? -10.680 -10.181 11.793  1.00 38.52 ? 71   HOH A O   1 
HETATM 1347 O O   . HOH B 2 .   ? 0.760   4.605   19.600  1.00 49.96 ? 72   HOH A O   1 
HETATM 1348 O O   . HOH B 2 .   ? 3.931   10.398  4.755   1.00 10.91 ? 73   HOH A O   1 
HETATM 1349 O O   . HOH B 2 .   ? -9.728  -8.696  20.562  1.00 37.85 ? 74   HOH A O   1 
HETATM 1350 O O   . HOH B 2 .   ? 5.646   6.417   7.522   1.00 34.42 ? 75   HOH A O   1 
HETATM 1351 O O   . HOH B 2 .   ? 11.072  10.640  1.054   1.00 26.99 ? 76   HOH A O   1 
HETATM 1352 O O   . HOH B 2 .   ? -14.722 -2.285  14.740  1.00 43.95 ? 77   HOH A O   1 
HETATM 1353 O O   . HOH B 2 .   ? 1.186   9.610   -19.221 1.00 51.90 ? 78   HOH A O   1 
HETATM 1354 O O   . HOH B 2 .   ? -1.221  -6.414  23.700  1.00 44.77 ? 79   HOH A O   1 
HETATM 1355 O O   . HOH B 2 .   ? -2.268  -13.929 -0.883  1.00 47.95 ? 80   HOH A O   1 
HETATM 1356 O O   . HOH B 2 .   ? 9.072   15.153  -28.933 1.00 63.04 ? 81   HOH A O   1 
HETATM 1357 O O   . HOH B 2 .   ? 12.736  -5.322  13.089  1.00 41.78 ? 82   HOH A O   1 
HETATM 1358 O O   . HOH B 2 .   ? 6.064   -7.185  18.348  1.00 47.29 ? 83   HOH A O   1 
HETATM 1359 O O   . HOH B 2 .   ? 9.207   4.578   9.582   1.00 57.08 ? 84   HOH A O   1 
HETATM 1360 O O   . HOH B 2 .   ? -13.217 -7.072  3.573   1.00 53.76 ? 85   HOH A O   1 
HETATM 1361 O O   . HOH B 2 .   ? -14.016 5.943   16.537  1.00 50.91 ? 86   HOH A O   1 
HETATM 1362 O O   . HOH B 2 .   ? 11.402  -15.824 5.771   1.00 49.43 ? 87   HOH A O   1 
HETATM 1363 O O   . HOH B 2 .   ? -2.290  10.746  -28.807 1.00 35.57 ? 88   HOH A O   1 
HETATM 1364 O O   . HOH B 2 .   ? 11.203  0.132   8.205   1.00 51.30 ? 89   HOH A O   1 
HETATM 1365 O O   . HOH B 2 .   ? -4.457  7.938   -19.264 1.00 47.17 ? 90   HOH A O   1 
HETATM 1366 O O   . HOH B 2 .   ? 4.028   14.684  -24.343 1.00 52.84 ? 91   HOH A O   1 
HETATM 1367 O O   . HOH B 2 .   ? -11.757 -12.336 10.135  1.00 49.51 ? 92   HOH A O   1 
HETATM 1368 O O   . HOH B 2 .   ? 12.324  -6.337  8.313   1.00 50.58 ? 93   HOH A O   1 
HETATM 1369 O O   . HOH B 2 .   ? -5.952  -16.823 14.884  1.00 40.32 ? 94   HOH A O   1 
HETATM 1370 O O   . HOH B 2 .   ? 14.874  14.094  -22.550 1.00 31.84 ? 95   HOH A O   1 
# 
